data_6AZQ
#
_entry.id   6AZQ
#
_cell.length_a   73.702
_cell.length_b   87.303
_cell.length_c   341.695
_cell.angle_alpha   90.00
_cell.angle_beta   90.00
_cell.angle_gamma   90.00
#
_symmetry.space_group_name_H-M   'P 21 21 21'
#
loop_
_entity.id
_entity.type
_entity.pdbx_description
1 polymer 'Putative amidase'
2 non-polymer 'dicarbonimidic diamide'
3 non-polymer 'CALCIUM ION'
4 water water
#
_entity_poly.entity_id   1
_entity_poly.type   'polypeptide(L)'
_entity_poly.pdbx_seq_one_letter_code
;MGSSHHHHHHSSGLVPRGSHMDAMVETNRHFIDADPYPWPYNGALRPDNTALIIIDMQTDFCGKGGYVDHMGYDLSLVQA
PIEPIKRVLAAMRAKGYHIIHTREGHRPDLADLPANKRWRSQRIGAGIGDPGPCGRILTRGEPGWDIIPELYPIEGETII
DKPGKGSFCATDLELVLNQKRIENIILTGITTDVSVSTTMREANDRGYECLLLEDCCGATDYGNHLAAIKMVKMQGGVFG
SVSNSAALVEALPGLVPRGSIE
;
_entity_poly.pdbx_strand_id   G,H,A,B,C,D,E,F
#
# COMPACT_ATOMS: atom_id res chain seq x y z
N ASN A 28 -15.61 -26.35 13.07
CA ASN A 28 -16.03 -26.18 11.65
C ASN A 28 -15.45 -24.93 10.99
N ARG A 29 -14.33 -24.36 11.49
CA ARG A 29 -13.91 -23.03 11.08
C ARG A 29 -13.04 -23.05 9.84
N HIS A 30 -13.11 -21.97 9.07
CA HIS A 30 -12.31 -21.80 7.86
C HIS A 30 -11.84 -20.37 7.72
N PHE A 31 -10.60 -20.19 7.31
CA PHE A 31 -10.01 -18.86 7.22
C PHE A 31 -9.36 -18.65 5.87
N ILE A 32 -9.28 -17.39 5.47
CA ILE A 32 -8.54 -16.97 4.31
C ILE A 32 -7.34 -16.16 4.85
N ASP A 33 -6.17 -16.45 4.31
N ASP A 33 -6.17 -16.45 4.31
CA ASP A 33 -4.94 -15.74 4.69
CA ASP A 33 -4.95 -15.74 4.69
C ASP A 33 -5.16 -14.28 4.34
C ASP A 33 -5.15 -14.28 4.34
N ALA A 34 -5.13 -13.42 5.35
CA ALA A 34 -5.40 -12.00 5.13
C ALA A 34 -4.63 -11.13 6.11
N ASP A 35 -4.63 -9.84 5.82
CA ASP A 35 -3.86 -8.84 6.53
C ASP A 35 -4.85 -7.74 6.98
N PRO A 36 -5.05 -7.52 8.28
CA PRO A 36 -4.14 -7.86 9.37
C PRO A 36 -4.52 -9.07 10.18
N TYR A 37 -5.61 -9.76 9.79
CA TYR A 37 -6.02 -10.93 10.52
C TYR A 37 -6.66 -11.93 9.57
N PRO A 38 -6.57 -13.22 9.90
CA PRO A 38 -7.16 -14.25 9.05
C PRO A 38 -8.68 -14.07 9.00
N TRP A 39 -9.23 -14.09 7.79
CA TRP A 39 -10.63 -13.68 7.58
C TRP A 39 -11.53 -14.87 7.23
N PRO A 40 -12.76 -14.94 7.74
CA PRO A 40 -13.38 -13.94 8.62
C PRO A 40 -12.90 -14.11 10.03
N TYR A 41 -13.10 -13.09 10.84
CA TYR A 41 -12.53 -13.05 12.18
C TYR A 41 -12.84 -14.31 13.03
N ASN A 42 -14.03 -14.89 12.86
CA ASN A 42 -14.47 -16.02 13.68
C ASN A 42 -14.47 -17.34 12.91
N GLY A 43 -13.93 -17.33 11.69
CA GLY A 43 -13.87 -18.53 10.89
C GLY A 43 -15.19 -19.10 10.39
N ALA A 44 -16.29 -18.36 10.54
CA ALA A 44 -17.62 -18.84 10.13
C ALA A 44 -17.81 -18.48 8.66
N LEU A 45 -17.11 -19.21 7.80
CA LEU A 45 -17.08 -18.94 6.39
C LEU A 45 -17.76 -20.09 5.67
N ARG A 46 -18.96 -19.82 5.18
CA ARG A 46 -19.79 -20.81 4.49
C ARG A 46 -20.46 -20.20 3.27
N PRO A 47 -20.85 -21.03 2.30
CA PRO A 47 -21.64 -20.55 1.17
C PRO A 47 -22.93 -19.85 1.57
N ASP A 48 -23.62 -20.34 2.60
CA ASP A 48 -24.90 -19.77 2.96
C ASP A 48 -24.86 -18.38 3.63
N ASN A 49 -23.73 -18.02 4.24
CA ASN A 49 -23.63 -16.74 4.96
C ASN A 49 -22.60 -15.77 4.40
N THR A 50 -22.15 -16.01 3.17
CA THR A 50 -21.06 -15.24 2.57
C THR A 50 -21.45 -14.86 1.15
N ALA A 51 -21.22 -13.58 0.81
CA ALA A 51 -21.48 -13.09 -0.54
C ALA A 51 -20.26 -12.45 -1.11
N LEU A 52 -20.07 -12.63 -2.40
CA LEU A 52 -19.18 -11.80 -3.22
C LEU A 52 -19.99 -10.63 -3.70
N ILE A 53 -19.41 -9.43 -3.62
CA ILE A 53 -20.01 -8.27 -4.25
C ILE A 53 -19.03 -7.71 -5.28
N ILE A 54 -19.51 -7.56 -6.51
CA ILE A 54 -18.73 -6.99 -7.59
C ILE A 54 -19.28 -5.60 -7.85
N ILE A 55 -18.50 -4.60 -7.46
CA ILE A 55 -18.97 -3.22 -7.45
C ILE A 55 -18.66 -2.47 -8.74
N ASP A 56 -19.73 -2.09 -9.45
CA ASP A 56 -19.68 -1.08 -10.51
C ASP A 56 -18.69 -1.37 -11.65
N MET A 57 -18.59 -2.65 -12.04
CA MET A 57 -17.75 -3.02 -13.20
C MET A 57 -18.57 -2.78 -14.47
N GLN A 58 -18.68 -1.49 -14.79
CA GLN A 58 -19.50 -0.96 -15.87
C GLN A 58 -18.58 -0.27 -16.86
N THR A 59 -19.01 -0.18 -18.10
CA THR A 59 -18.25 0.55 -19.13
C THR A 59 -17.99 2.01 -18.73
N ASP A 60 -18.95 2.62 -18.03
CA ASP A 60 -18.77 3.99 -17.58
C ASP A 60 -17.55 4.19 -16.68
N PHE A 61 -17.20 3.16 -15.93
CA PHE A 61 -16.07 3.25 -15.01
C PHE A 61 -14.79 2.61 -15.50
N CYS A 62 -14.83 1.74 -16.49
CA CYS A 62 -13.60 1.12 -16.98
C CYS A 62 -13.44 0.94 -18.49
N GLY A 63 -14.36 1.46 -19.30
CA GLY A 63 -14.35 1.25 -20.74
C GLY A 63 -14.22 2.54 -21.50
N LYS A 64 -13.76 2.42 -22.74
CA LYS A 64 -13.60 3.60 -23.62
C LYS A 64 -14.94 4.22 -23.97
N GLY A 65 -14.99 5.55 -23.95
CA GLY A 65 -16.21 6.32 -24.23
C GLY A 65 -17.07 6.65 -23.03
N GLY A 66 -16.80 6.01 -21.89
CA GLY A 66 -17.56 6.23 -20.67
C GLY A 66 -17.16 7.42 -19.82
N TYR A 67 -17.79 7.50 -18.65
CA TYR A 67 -17.60 8.59 -17.67
C TYR A 67 -16.15 8.79 -17.28
N VAL A 68 -15.50 7.71 -16.83
CA VAL A 68 -14.12 7.77 -16.39
C VAL A 68 -13.19 8.14 -17.55
N ASP A 69 -13.44 7.59 -18.74
CA ASP A 69 -12.65 7.93 -19.91
C ASP A 69 -12.74 9.41 -20.25
N HIS A 70 -13.95 9.95 -20.16
CA HIS A 70 -14.21 11.38 -20.41
C HIS A 70 -13.43 12.28 -19.53
N MET A 71 -13.17 11.84 -18.30
CA MET A 71 -12.40 12.63 -17.35
C MET A 71 -10.89 12.55 -17.58
N GLY A 72 -10.47 11.63 -18.45
CA GLY A 72 -9.08 11.53 -18.89
C GLY A 72 -8.24 10.63 -17.99
N TYR A 73 -8.87 9.79 -17.17
CA TYR A 73 -8.14 8.88 -16.31
C TYR A 73 -7.68 7.66 -17.07
N ASP A 74 -6.71 7.00 -16.49
CA ASP A 74 -5.99 5.96 -17.19
C ASP A 74 -6.73 4.66 -17.04
N LEU A 75 -7.43 4.23 -18.10
CA LEU A 75 -8.29 3.05 -18.04
C LEU A 75 -7.59 1.75 -17.66
N SER A 76 -6.28 1.63 -17.85
CA SER A 76 -5.59 0.39 -17.49
C SER A 76 -5.62 0.14 -15.97
N LEU A 77 -5.60 1.22 -15.16
CA LEU A 77 -5.74 1.08 -13.71
C LEU A 77 -7.04 0.40 -13.28
N VAL A 78 -8.13 0.78 -13.95
CA VAL A 78 -9.46 0.23 -13.63
C VAL A 78 -9.78 -1.05 -14.39
N GLN A 79 -9.03 -1.36 -15.44
CA GLN A 79 -9.21 -2.62 -16.18
C GLN A 79 -8.40 -3.75 -15.58
N ALA A 80 -7.30 -3.41 -14.88
CA ALA A 80 -6.44 -4.41 -14.26
C ALA A 80 -7.18 -5.47 -13.43
N PRO A 81 -8.19 -5.07 -12.64
CA PRO A 81 -8.89 -6.06 -11.84
C PRO A 81 -9.88 -6.99 -12.54
N ILE A 82 -10.15 -6.80 -13.83
CA ILE A 82 -11.15 -7.62 -14.52
C ILE A 82 -10.83 -9.14 -14.44
N GLU A 83 -9.63 -9.56 -14.83
CA GLU A 83 -9.32 -10.99 -14.82
C GLU A 83 -9.26 -11.63 -13.45
N PRO A 84 -8.68 -10.92 -12.47
CA PRO A 84 -8.75 -11.46 -11.10
C PRO A 84 -10.18 -11.58 -10.55
N ILE A 85 -11.06 -10.63 -10.84
CA ILE A 85 -12.45 -10.75 -10.38
C ILE A 85 -13.10 -11.94 -11.07
N LYS A 86 -12.79 -12.11 -12.35
CA LYS A 86 -13.29 -13.25 -13.16
C LYS A 86 -12.99 -14.58 -12.47
N ARG A 87 -11.76 -14.71 -11.99
CA ARG A 87 -11.34 -15.94 -11.33
C ARG A 87 -12.07 -16.16 -10.01
N VAL A 88 -12.23 -15.11 -9.23
CA VAL A 88 -12.95 -15.17 -7.95
C VAL A 88 -14.42 -15.49 -8.20
N LEU A 89 -15.01 -14.84 -9.19
CA LEU A 89 -16.39 -15.06 -9.56
C LEU A 89 -16.64 -16.52 -9.93
N ALA A 90 -15.79 -17.06 -10.79
CA ALA A 90 -15.93 -18.43 -11.27
C ALA A 90 -15.88 -19.42 -10.13
N ALA A 91 -14.93 -19.22 -9.22
CA ALA A 91 -14.77 -20.09 -8.05
C ALA A 91 -15.94 -20.03 -7.08
N MET A 92 -16.42 -18.82 -6.81
CA MET A 92 -17.51 -18.65 -5.87
C MET A 92 -18.85 -19.12 -6.46
N ARG A 93 -19.04 -18.93 -7.75
CA ARG A 93 -20.20 -19.54 -8.43
C ARG A 93 -20.18 -21.04 -8.33
N ALA A 94 -19.02 -21.64 -8.61
CA ALA A 94 -18.90 -23.10 -8.59
C ALA A 94 -19.20 -23.66 -7.21
N LYS A 95 -18.90 -22.91 -6.15
CA LYS A 95 -19.15 -23.39 -4.79
C LYS A 95 -20.45 -22.94 -4.15
N GLY A 96 -21.35 -22.35 -4.95
CA GLY A 96 -22.68 -21.94 -4.46
C GLY A 96 -22.74 -20.74 -3.53
N TYR A 97 -21.75 -19.84 -3.58
CA TYR A 97 -21.79 -18.62 -2.75
C TYR A 97 -22.77 -17.62 -3.36
N HIS A 98 -23.34 -16.77 -2.52
CA HIS A 98 -24.21 -15.69 -2.99
C HIS A 98 -23.37 -14.70 -3.77
N ILE A 99 -23.87 -14.28 -4.92
CA ILE A 99 -23.16 -13.33 -5.77
C ILE A 99 -24.03 -12.09 -5.93
N ILE A 100 -23.46 -10.93 -5.63
CA ILE A 100 -24.14 -9.64 -5.77
C ILE A 100 -23.35 -8.74 -6.71
N HIS A 101 -24.05 -8.03 -7.59
CA HIS A 101 -23.43 -7.05 -8.49
C HIS A 101 -24.02 -5.67 -8.21
N THR A 102 -23.24 -4.62 -8.41
CA THR A 102 -23.79 -3.26 -8.33
C THR A 102 -23.56 -2.48 -9.60
N ARG A 103 -24.44 -1.50 -9.81
CA ARG A 103 -24.35 -0.54 -10.91
C ARG A 103 -24.68 0.81 -10.34
N GLU A 104 -23.73 1.73 -10.43
CA GLU A 104 -24.03 3.11 -10.10
C GLU A 104 -24.70 3.73 -11.30
N GLY A 105 -25.79 4.44 -11.05
CA GLY A 105 -26.53 5.02 -12.15
C GLY A 105 -27.77 5.73 -11.73
N HIS A 106 -28.38 6.40 -12.69
CA HIS A 106 -29.53 7.23 -12.41
C HIS A 106 -30.71 6.90 -13.30
N ARG A 107 -31.90 7.08 -12.73
CA ARG A 107 -33.13 7.00 -13.50
C ARG A 107 -33.05 7.93 -14.71
N PRO A 108 -33.64 7.53 -15.85
CA PRO A 108 -33.63 8.41 -17.05
C PRO A 108 -34.19 9.81 -16.81
N ASP A 109 -35.14 9.97 -15.89
CA ASP A 109 -35.63 11.29 -15.53
C ASP A 109 -34.71 12.07 -14.55
N LEU A 110 -33.63 11.44 -14.08
CA LEU A 110 -32.67 12.04 -13.15
C LEU A 110 -33.27 12.53 -11.82
N ALA A 111 -34.36 11.89 -11.38
CA ALA A 111 -34.97 12.27 -10.11
C ALA A 111 -34.06 11.91 -8.90
N ASP A 112 -33.19 10.92 -9.08
CA ASP A 112 -32.31 10.46 -8.02
C ASP A 112 -30.90 11.05 -8.15
N LEU A 113 -30.75 12.14 -8.89
CA LEU A 113 -29.43 12.71 -9.16
C LEU A 113 -29.26 14.04 -8.42
N PRO A 114 -28.44 14.05 -7.35
CA PRO A 114 -28.23 15.31 -6.65
C PRO A 114 -27.67 16.40 -7.53
N ALA A 115 -28.08 17.64 -7.27
CA ALA A 115 -27.65 18.76 -8.10
C ALA A 115 -26.15 18.96 -8.07
N ASN A 116 -25.53 18.81 -6.88
CA ASN A 116 -24.06 18.96 -6.79
C ASN A 116 -23.32 17.88 -7.60
N LYS A 117 -23.79 16.63 -7.52
CA LYS A 117 -23.17 15.55 -8.27
C LYS A 117 -23.20 15.81 -9.76
N ARG A 118 -24.36 16.23 -10.25
CA ARG A 118 -24.51 16.54 -11.67
C ARG A 118 -23.60 17.68 -12.09
N TRP A 119 -23.64 18.78 -11.34
CA TRP A 119 -22.83 19.95 -11.67
C TRP A 119 -21.34 19.66 -11.77
N ARG A 120 -20.81 18.89 -10.81
CA ARG A 120 -19.40 18.53 -10.80
C ARG A 120 -19.01 17.75 -12.04
N SER A 121 -19.87 16.80 -12.44
CA SER A 121 -19.60 15.98 -13.59
C SER A 121 -19.66 16.79 -14.90
N GLN A 122 -20.55 17.79 -14.96
CA GLN A 122 -20.63 18.67 -16.13
C GLN A 122 -19.44 19.60 -16.23
N ARG A 123 -19.00 20.12 -15.09
CA ARG A 123 -17.86 21.04 -15.04
C ARG A 123 -16.59 20.44 -15.66
N ILE A 124 -16.37 19.15 -15.48
CA ILE A 124 -15.19 18.48 -16.05
C ILE A 124 -15.44 17.74 -17.36
N GLY A 125 -16.55 18.04 -18.02
CA GLY A 125 -16.85 17.48 -19.33
C GLY A 125 -17.28 16.03 -19.35
N ALA A 126 -17.95 15.56 -18.30
CA ALA A 126 -18.39 14.16 -18.24
C ALA A 126 -19.75 14.12 -17.57
N GLY A 127 -20.64 15.00 -18.04
CA GLY A 127 -21.92 15.26 -17.40
C GLY A 127 -22.84 14.06 -17.33
N ILE A 128 -23.30 13.75 -16.13
CA ILE A 128 -24.21 12.62 -15.93
C ILE A 128 -25.51 12.99 -16.64
N GLY A 129 -26.02 12.07 -17.44
CA GLY A 129 -27.23 12.30 -18.23
C GLY A 129 -26.96 12.87 -19.62
N ASP A 130 -25.78 13.46 -19.83
CA ASP A 130 -25.44 14.00 -21.11
C ASP A 130 -25.04 12.88 -22.06
N PRO A 131 -25.30 13.07 -23.35
CA PRO A 131 -24.95 12.05 -24.34
C PRO A 131 -23.45 11.95 -24.62
N GLY A 132 -22.97 10.72 -24.76
CA GLY A 132 -21.59 10.42 -25.14
C GLY A 132 -21.59 9.25 -26.10
N PRO A 133 -20.40 8.72 -26.43
CA PRO A 133 -20.31 7.57 -27.35
C PRO A 133 -20.98 6.29 -26.87
N CYS A 134 -21.12 6.12 -25.55
CA CYS A 134 -21.81 4.95 -25.03
C CYS A 134 -23.23 5.24 -24.55
N GLY A 135 -23.79 6.37 -24.98
CA GLY A 135 -25.12 6.82 -24.56
C GLY A 135 -25.02 7.85 -23.46
N ARG A 136 -26.15 8.04 -22.76
CA ARG A 136 -26.22 9.00 -21.67
C ARG A 136 -25.41 8.50 -20.48
N ILE A 137 -24.52 9.36 -20.00
CA ILE A 137 -23.55 8.98 -19.00
C ILE A 137 -24.23 8.62 -17.67
N LEU A 138 -23.88 7.44 -17.18
CA LEU A 138 -24.36 6.92 -15.89
C LEU A 138 -25.88 6.96 -15.77
N THR A 139 -26.55 6.68 -16.88
CA THR A 139 -28.00 6.70 -16.94
C THR A 139 -28.45 5.29 -17.19
N ARG A 140 -29.36 4.83 -16.33
CA ARG A 140 -29.89 3.48 -16.40
C ARG A 140 -30.56 3.21 -17.73
N GLY A 141 -30.33 2.01 -18.24
CA GLY A 141 -30.79 1.58 -19.56
C GLY A 141 -29.83 1.88 -20.71
N GLU A 142 -28.76 2.63 -20.46
CA GLU A 142 -27.81 2.98 -21.52
C GLU A 142 -26.68 1.98 -21.60
N PRO A 143 -26.13 1.77 -22.82
CA PRO A 143 -25.07 0.79 -23.00
C PRO A 143 -23.84 0.99 -22.11
N GLY A 144 -23.39 2.22 -21.96
CA GLY A 144 -22.22 2.56 -21.15
C GLY A 144 -22.39 2.23 -19.69
N TRP A 145 -23.64 2.34 -19.22
CA TRP A 145 -23.96 2.09 -17.83
C TRP A 145 -23.98 0.61 -17.45
N ASP A 146 -24.21 -0.28 -18.40
CA ASP A 146 -24.35 -1.70 -18.06
C ASP A 146 -23.02 -2.34 -17.65
N ILE A 147 -23.16 -3.43 -16.88
CA ILE A 147 -22.03 -4.24 -16.47
C ILE A 147 -21.33 -4.81 -17.70
N ILE A 148 -20.01 -4.82 -17.65
CA ILE A 148 -19.21 -5.32 -18.79
C ILE A 148 -19.47 -6.82 -19.02
N PRO A 149 -19.41 -7.26 -20.29
CA PRO A 149 -19.71 -8.67 -20.63
C PRO A 149 -18.88 -9.70 -19.85
N GLU A 150 -17.64 -9.35 -19.52
CA GLU A 150 -16.72 -10.27 -18.84
C GLU A 150 -17.19 -10.71 -17.46
N LEU A 151 -17.94 -9.83 -16.79
CA LEU A 151 -18.40 -10.05 -15.44
C LEU A 151 -19.91 -9.95 -15.36
N TYR A 152 -20.61 -10.39 -16.41
CA TYR A 152 -22.05 -10.22 -16.44
C TYR A 152 -22.76 -11.14 -15.47
N PRO A 153 -23.85 -10.66 -14.84
CA PRO A 153 -24.61 -11.51 -13.94
C PRO A 153 -25.35 -12.63 -14.66
N ILE A 154 -25.58 -13.70 -13.93
CA ILE A 154 -26.43 -14.78 -14.36
C ILE A 154 -27.63 -14.83 -13.41
N GLU A 155 -28.65 -15.59 -13.81
CA GLU A 155 -29.90 -15.65 -13.08
C GLU A 155 -29.65 -16.11 -11.65
N GLY A 156 -30.33 -15.47 -10.71
CA GLY A 156 -30.20 -15.78 -9.30
C GLY A 156 -29.13 -14.97 -8.60
N GLU A 157 -28.54 -14.00 -9.30
CA GLU A 157 -27.52 -13.13 -8.72
C GLU A 157 -28.11 -11.73 -8.64
N THR A 158 -28.11 -11.17 -7.44
CA THR A 158 -28.82 -9.92 -7.20
C THR A 158 -28.05 -8.74 -7.73
N ILE A 159 -28.73 -7.86 -8.44
CA ILE A 159 -28.14 -6.63 -8.91
C ILE A 159 -28.73 -5.49 -8.12
N ILE A 160 -27.84 -4.66 -7.55
CA ILE A 160 -28.21 -3.46 -6.83
C ILE A 160 -27.96 -2.28 -7.73
N ASP A 161 -29.01 -1.51 -8.02
CA ASP A 161 -28.90 -0.26 -8.80
C ASP A 161 -28.92 0.86 -7.79
N LYS A 162 -27.84 1.66 -7.78
CA LYS A 162 -27.65 2.62 -6.73
C LYS A 162 -27.37 4.00 -7.31
N PRO A 163 -27.92 5.05 -6.68
CA PRO A 163 -27.69 6.42 -7.14
C PRO A 163 -26.48 7.10 -6.50
N GLY A 164 -25.81 6.41 -5.57
CA GLY A 164 -24.63 6.94 -4.89
C GLY A 164 -23.46 5.98 -5.01
N LYS A 165 -22.40 6.34 -4.30
CA LYS A 165 -21.19 5.54 -4.28
C LYS A 165 -21.38 4.35 -3.32
N GLY A 166 -21.98 4.60 -2.16
CA GLY A 166 -22.27 3.57 -1.21
C GLY A 166 -23.42 2.69 -1.69
N SER A 167 -23.24 1.36 -1.58
CA SER A 167 -24.26 0.41 -2.03
C SER A 167 -25.44 0.27 -1.06
N PHE A 168 -25.34 0.79 0.16
CA PHE A 168 -26.44 0.74 1.12
C PHE A 168 -27.39 1.93 0.98
N CYS A 169 -26.82 3.12 0.69
CA CYS A 169 -27.62 4.34 0.55
C CYS A 169 -28.71 4.25 -0.53
N ALA A 170 -29.97 4.35 -0.11
CA ALA A 170 -31.13 4.45 -1.00
C ALA A 170 -31.33 3.21 -1.88
N THR A 171 -30.99 2.05 -1.34
CA THR A 171 -31.17 0.76 -2.02
C THR A 171 -31.83 -0.24 -1.10
N ASP A 172 -32.08 -1.43 -1.64
CA ASP A 172 -32.57 -2.55 -0.82
C ASP A 172 -31.48 -3.55 -0.38
N LEU A 173 -30.22 -3.12 -0.39
CA LEU A 173 -29.11 -4.07 -0.17
C LEU A 173 -29.19 -4.66 1.23
N GLU A 174 -29.38 -3.80 2.24
CA GLU A 174 -29.44 -4.28 3.61
C GLU A 174 -30.57 -5.29 3.80
N LEU A 175 -31.73 -4.95 3.26
CA LEU A 175 -32.90 -5.85 3.34
C LEU A 175 -32.58 -7.23 2.72
N VAL A 176 -32.01 -7.21 1.50
CA VAL A 176 -31.61 -8.44 0.82
C VAL A 176 -30.60 -9.25 1.63
N LEU A 177 -29.56 -8.58 2.16
CA LEU A 177 -28.54 -9.27 2.93
C LEU A 177 -29.15 -9.94 4.16
N ASN A 178 -30.03 -9.23 4.86
CA ASN A 178 -30.64 -9.77 6.05
C ASN A 178 -31.60 -10.95 5.75
N GLN A 179 -32.31 -10.92 4.63
CA GLN A 179 -33.22 -12.04 4.33
C GLN A 179 -32.40 -13.31 4.05
N LYS A 180 -31.27 -13.13 3.38
CA LYS A 180 -30.34 -14.22 3.06
C LYS A 180 -29.42 -14.59 4.22
N ARG A 181 -29.49 -13.84 5.32
CA ARG A 181 -28.66 -14.06 6.49
C ARG A 181 -27.17 -14.03 6.15
N ILE A 182 -26.77 -13.04 5.36
CA ILE A 182 -25.39 -12.89 5.00
C ILE A 182 -24.65 -12.16 6.13
N GLU A 183 -23.52 -12.71 6.53
CA GLU A 183 -22.67 -12.12 7.57
C GLU A 183 -21.36 -11.59 7.00
N ASN A 184 -20.81 -12.28 5.99
CA ASN A 184 -19.52 -12.01 5.42
C ASN A 184 -19.66 -11.49 4.01
N ILE A 185 -18.90 -10.45 3.67
CA ILE A 185 -18.92 -9.88 2.32
C ILE A 185 -17.49 -9.80 1.80
N ILE A 186 -17.30 -10.30 0.59
CA ILE A 186 -16.02 -10.17 -0.09
C ILE A 186 -16.19 -9.09 -1.15
N LEU A 187 -15.44 -8.00 -1.02
CA LEU A 187 -15.57 -6.83 -1.92
C LEU A 187 -14.52 -6.80 -3.04
N THR A 188 -15.04 -6.57 -4.25
CA THR A 188 -14.24 -6.38 -5.44
C THR A 188 -14.89 -5.28 -6.24
N GLY A 189 -14.19 -4.79 -7.26
CA GLY A 189 -14.74 -3.82 -8.19
C GLY A 189 -14.05 -2.49 -8.16
N ILE A 190 -14.69 -1.48 -8.73
CA ILE A 190 -14.10 -0.17 -8.91
C ILE A 190 -15.08 0.96 -8.53
N THR A 191 -14.58 2.14 -8.16
CA THR A 191 -13.16 2.37 -7.88
C THR A 191 -12.88 2.13 -6.40
N THR A 192 -11.64 1.76 -6.13
CA THR A 192 -11.22 1.33 -4.78
C THR A 192 -11.56 2.34 -3.70
N ASP A 193 -11.27 3.60 -3.97
CA ASP A 193 -11.38 4.66 -2.98
C ASP A 193 -12.76 5.35 -2.99
N VAL A 194 -13.61 5.02 -3.95
CA VAL A 194 -14.91 5.68 -4.04
C VAL A 194 -16.00 4.70 -3.70
N SER A 195 -16.57 3.99 -4.67
CA SER A 195 -17.67 3.06 -4.42
C SER A 195 -17.28 1.87 -3.57
N VAL A 196 -16.10 1.30 -3.81
CA VAL A 196 -15.69 0.11 -3.07
C VAL A 196 -15.50 0.46 -1.59
N SER A 197 -14.74 1.52 -1.33
CA SER A 197 -14.43 1.92 0.02
C SER A 197 -15.71 2.36 0.76
N THR A 198 -16.55 3.12 0.09
CA THR A 198 -17.77 3.61 0.73
C THR A 198 -18.67 2.44 1.11
N THR A 199 -18.82 1.48 0.20
CA THR A 199 -19.64 0.29 0.46
C THR A 199 -19.08 -0.52 1.65
N MET A 200 -17.76 -0.66 1.69
CA MET A 200 -17.11 -1.37 2.81
C MET A 200 -17.34 -0.70 4.14
N ARG A 201 -17.25 0.62 4.16
CA ARG A 201 -17.49 1.39 5.37
C ARG A 201 -18.92 1.23 5.86
N GLU A 202 -19.88 1.36 4.96
CA GLU A 202 -21.30 1.14 5.25
C GLU A 202 -21.56 -0.24 5.82
N ALA A 203 -21.05 -1.24 5.14
CA ALA A 203 -21.23 -2.64 5.56
C ALA A 203 -20.62 -2.87 6.93
N ASN A 204 -19.37 -2.44 7.08
CA ASN A 204 -18.67 -2.59 8.36
C ASN A 204 -19.40 -1.90 9.52
N ASP A 205 -19.90 -0.69 9.29
CA ASP A 205 -20.62 0.05 10.34
C ASP A 205 -21.84 -0.74 10.87
N ARG A 206 -22.46 -1.52 9.99
CA ARG A 206 -23.66 -2.31 10.31
C ARG A 206 -23.36 -3.71 10.84
N GLY A 207 -22.09 -4.06 10.99
CA GLY A 207 -21.70 -5.33 11.59
C GLY A 207 -21.32 -6.43 10.60
N TYR A 208 -21.35 -6.14 9.31
CA TYR A 208 -20.91 -7.13 8.31
C TYR A 208 -19.39 -7.27 8.38
N GLU A 209 -18.92 -8.47 8.07
CA GLU A 209 -17.52 -8.82 8.16
C GLU A 209 -16.98 -8.84 6.74
N CYS A 210 -16.08 -7.91 6.44
CA CYS A 210 -15.70 -7.65 5.07
C CYS A 210 -14.26 -7.97 4.75
N LEU A 211 -14.05 -8.51 3.55
CA LEU A 211 -12.71 -8.79 3.02
C LEU A 211 -12.56 -8.02 1.74
N LEU A 212 -11.51 -7.18 1.67
CA LEU A 212 -11.18 -6.46 0.44
C LEU A 212 -10.11 -7.21 -0.32
N LEU A 213 -10.37 -7.55 -1.57
CA LEU A 213 -9.38 -8.24 -2.40
C LEU A 213 -8.61 -7.19 -3.21
N GLU A 214 -7.36 -6.94 -2.82
CA GLU A 214 -6.58 -5.80 -3.33
C GLU A 214 -6.26 -5.87 -4.81
N ASP A 215 -6.10 -7.06 -5.37
CA ASP A 215 -5.87 -7.17 -6.80
C ASP A 215 -7.19 -7.19 -7.60
N CYS A 216 -8.32 -7.16 -6.90
CA CYS A 216 -9.61 -7.11 -7.56
C CYS A 216 -10.28 -5.73 -7.51
N CYS A 217 -9.50 -4.69 -7.23
N CYS A 217 -9.50 -4.69 -7.23
CA CYS A 217 -9.99 -3.33 -7.34
CA CYS A 217 -9.99 -3.33 -7.34
C CYS A 217 -8.96 -2.48 -8.02
C CYS A 217 -8.96 -2.48 -8.02
N GLY A 218 -9.37 -1.28 -8.43
CA GLY A 218 -8.49 -0.31 -9.08
C GLY A 218 -9.13 1.08 -9.00
N ALA A 219 -8.34 2.12 -9.16
CA ALA A 219 -8.82 3.48 -8.99
C ALA A 219 -8.35 4.45 -10.07
N THR A 220 -8.83 5.67 -9.99
CA THR A 220 -8.42 6.76 -10.87
C THR A 220 -6.98 7.25 -10.59
N ASP A 221 -6.46 6.92 -9.41
CA ASP A 221 -5.10 7.29 -8.99
C ASP A 221 -4.55 6.09 -8.20
N TYR A 222 -3.39 5.59 -8.63
CA TYR A 222 -2.86 4.36 -8.05
C TYR A 222 -2.49 4.51 -6.58
N GLY A 223 -2.01 5.69 -6.19
CA GLY A 223 -1.68 5.95 -4.80
C GLY A 223 -2.93 5.95 -3.91
N ASN A 224 -4.01 6.50 -4.42
CA ASN A 224 -5.31 6.48 -3.70
C ASN A 224 -5.81 5.06 -3.55
N HIS A 225 -5.60 4.25 -4.58
CA HIS A 225 -5.94 2.82 -4.51
C HIS A 225 -5.20 2.15 -3.38
N LEU A 226 -3.87 2.32 -3.34
CA LEU A 226 -3.05 1.70 -2.27
C LEU A 226 -3.41 2.22 -0.89
N ALA A 227 -3.69 3.51 -0.80
CA ALA A 227 -4.09 4.13 0.47
C ALA A 227 -5.42 3.63 0.98
N ALA A 228 -6.44 3.51 0.12
CA ALA A 228 -7.73 2.94 0.52
C ALA A 228 -7.58 1.53 1.11
N ILE A 229 -6.69 0.75 0.51
CA ILE A 229 -6.36 -0.58 0.99
C ILE A 229 -5.68 -0.53 2.37
N LYS A 230 -4.69 0.34 2.54
CA LYS A 230 -3.99 0.44 3.81
C LYS A 230 -4.91 0.93 4.94
N MET A 231 -5.86 1.79 4.59
CA MET A 231 -6.85 2.28 5.56
C MET A 231 -7.62 1.17 6.25
N VAL A 232 -7.89 0.09 5.53
CA VAL A 232 -8.61 -1.07 6.09
C VAL A 232 -7.86 -1.69 7.25
N LYS A 233 -6.55 -1.74 7.12
CA LYS A 233 -5.69 -2.50 8.03
C LYS A 233 -5.43 -1.85 9.38
N MET A 234 -5.59 -0.56 9.48
CA MET A 234 -5.25 0.19 10.70
C MET A 234 -6.13 -0.27 11.88
N GLN A 235 -5.62 -0.04 13.09
CA GLN A 235 -6.35 -0.33 14.32
C GLN A 235 -6.78 -1.81 14.42
N GLY A 236 -5.97 -2.73 13.90
CA GLY A 236 -6.27 -4.17 13.98
C GLY A 236 -7.37 -4.61 13.01
N GLY A 237 -7.57 -3.84 11.94
CA GLY A 237 -8.52 -4.15 10.89
C GLY A 237 -9.81 -3.36 11.02
N VAL A 238 -9.69 -2.03 11.05
CA VAL A 238 -10.81 -1.15 11.34
C VAL A 238 -12.04 -1.35 10.42
N PHE A 239 -11.80 -1.67 9.15
CA PHE A 239 -12.89 -1.92 8.20
C PHE A 239 -13.05 -3.38 7.81
N GLY A 240 -12.18 -4.25 8.33
CA GLY A 240 -12.14 -5.64 7.96
C GLY A 240 -10.71 -6.07 7.69
N SER A 241 -10.52 -6.89 6.66
CA SER A 241 -9.20 -7.40 6.34
C SER A 241 -8.98 -7.41 4.85
N VAL A 242 -7.73 -7.65 4.44
CA VAL A 242 -7.32 -7.54 3.05
C VAL A 242 -6.63 -8.82 2.58
N SER A 243 -7.04 -9.31 1.41
CA SER A 243 -6.37 -10.45 0.80
C SER A 243 -6.26 -10.25 -0.69
N ASN A 244 -6.10 -11.34 -1.44
CA ASN A 244 -5.99 -11.24 -2.91
C ASN A 244 -6.71 -12.43 -3.55
N SER A 245 -6.89 -12.36 -4.85
CA SER A 245 -7.67 -13.36 -5.57
C SER A 245 -7.11 -14.77 -5.46
N ALA A 246 -5.80 -14.92 -5.53
CA ALA A 246 -5.18 -16.25 -5.46
C ALA A 246 -5.41 -16.88 -4.10
N ALA A 247 -5.18 -16.12 -3.04
CA ALA A 247 -5.35 -16.60 -1.68
C ALA A 247 -6.79 -16.95 -1.35
N LEU A 248 -7.72 -16.22 -1.93
CA LEU A 248 -9.12 -16.52 -1.72
C LEU A 248 -9.47 -17.82 -2.41
N VAL A 249 -9.17 -17.93 -3.70
CA VAL A 249 -9.49 -19.13 -4.46
C VAL A 249 -8.89 -20.39 -3.81
N GLU A 250 -7.64 -20.31 -3.37
CA GLU A 250 -6.94 -21.43 -2.76
C GLU A 250 -7.56 -21.95 -1.49
N ALA A 251 -8.13 -21.06 -0.67
CA ALA A 251 -8.65 -21.43 0.64
C ALA A 251 -10.18 -21.41 0.77
N LEU A 252 -10.89 -21.05 -0.30
CA LEU A 252 -12.34 -20.99 -0.28
C LEU A 252 -12.94 -22.39 -0.02
N PRO A 253 -13.73 -22.55 1.06
CA PRO A 253 -14.32 -23.87 1.40
C PRO A 253 -15.43 -24.32 0.43
N ASN B 28 -26.59 37.06 -4.80
CA ASN B 28 -26.08 37.12 -3.39
C ASN B 28 -25.26 35.86 -3.04
N ARG B 29 -24.35 35.48 -3.94
CA ARG B 29 -23.55 34.27 -3.78
C ARG B 29 -22.30 34.55 -2.96
N HIS B 30 -21.83 33.51 -2.27
CA HIS B 30 -20.58 33.57 -1.49
C HIS B 30 -19.81 32.28 -1.62
N PHE B 31 -18.50 32.40 -1.76
CA PHE B 31 -17.66 31.24 -1.97
C PHE B 31 -16.49 31.23 -1.00
N ILE B 32 -16.01 30.02 -0.71
CA ILE B 32 -14.82 29.82 0.04
C ILE B 32 -13.79 29.26 -0.95
N ASP B 33 -12.58 29.81 -0.91
CA ASP B 33 -11.48 29.37 -1.75
C ASP B 33 -11.24 27.91 -1.44
N ALA B 34 -11.42 27.04 -2.42
CA ALA B 34 -11.28 25.60 -2.16
C ALA B 34 -10.80 24.85 -3.40
N ASP B 35 -10.41 23.60 -3.18
CA ASP B 35 -9.80 22.76 -4.18
C ASP B 35 -10.62 21.45 -4.24
N PRO B 36 -11.27 21.13 -5.36
CA PRO B 36 -10.95 21.60 -6.71
C PRO B 36 -11.87 22.66 -7.26
N TYR B 37 -12.83 23.12 -6.44
CA TYR B 37 -13.74 24.15 -6.89
C TYR B 37 -14.15 25.02 -5.74
N PRO B 38 -14.48 26.28 -6.01
CA PRO B 38 -14.89 27.20 -4.96
C PRO B 38 -16.18 26.72 -4.32
N TRP B 39 -16.21 26.69 -2.99
CA TRP B 39 -17.27 26.01 -2.24
C TRP B 39 -18.20 27.00 -1.52
N PRO B 40 -19.51 26.78 -1.49
CA PRO B 40 -20.20 25.64 -2.09
C PRO B 40 -20.37 25.83 -3.56
N TYR B 41 -20.65 24.75 -4.25
CA TYR B 41 -20.68 24.76 -5.72
C TYR B 41 -21.55 25.88 -6.32
N ASN B 42 -22.66 26.22 -5.67
CA ASN B 42 -23.61 27.19 -6.21
C ASN B 42 -23.58 28.51 -5.44
N GLY B 43 -22.61 28.68 -4.55
CA GLY B 43 -22.49 29.90 -3.79
C GLY B 43 -23.60 30.21 -2.77
N ALA B 44 -24.49 29.24 -2.51
CA ALA B 44 -25.61 29.47 -1.60
C ALA B 44 -25.14 29.14 -0.17
N LEU B 45 -24.32 30.04 0.37
CA LEU B 45 -23.68 29.85 1.65
C LEU B 45 -24.26 30.84 2.65
N ARG B 46 -25.08 30.33 3.56
CA ARG B 46 -25.73 31.16 4.58
C ARG B 46 -25.72 30.47 5.93
N PRO B 47 -25.86 31.25 7.01
CA PRO B 47 -26.01 30.67 8.36
C PRO B 47 -27.15 29.68 8.47
N ASP B 48 -28.28 29.96 7.84
CA ASP B 48 -29.47 29.11 8.01
C ASP B 48 -29.38 27.74 7.30
N ASN B 49 -28.54 27.60 6.27
CA ASN B 49 -28.47 26.35 5.51
C ASN B 49 -27.12 25.65 5.58
N THR B 50 -26.29 26.03 6.54
CA THR B 50 -24.93 25.53 6.62
C THR B 50 -24.61 25.12 8.06
N ALA B 51 -24.01 23.96 8.23
CA ALA B 51 -23.62 23.46 9.56
C ALA B 51 -22.18 23.09 9.58
N LEU B 52 -21.53 23.39 10.71
CA LEU B 52 -20.23 22.79 11.04
C LEU B 52 -20.50 21.50 11.76
N ILE B 53 -19.76 20.46 11.39
CA ILE B 53 -19.78 19.22 12.17
C ILE B 53 -18.36 18.95 12.67
N ILE B 54 -18.25 18.76 13.99
CA ILE B 54 -16.99 18.42 14.64
C ILE B 54 -17.06 16.96 15.04
N ILE B 55 -16.32 16.13 14.32
CA ILE B 55 -16.43 14.69 14.43
C ILE B 55 -15.48 14.08 15.45
N ASP B 56 -16.06 13.52 16.51
CA ASP B 56 -15.36 12.59 17.42
C ASP B 56 -14.08 13.14 18.06
N MET B 57 -14.12 14.43 18.44
CA MET B 57 -13.01 15.03 19.19
C MET B 57 -13.15 14.65 20.66
N GLN B 58 -12.85 13.38 20.93
CA GLN B 58 -13.00 12.73 22.22
C GLN B 58 -11.64 12.32 22.72
N THR B 59 -11.49 12.20 24.03
CA THR B 59 -10.22 11.72 24.63
C THR B 59 -9.82 10.34 24.09
N ASP B 60 -10.81 9.49 23.80
CA ASP B 60 -10.50 8.16 23.25
C ASP B 60 -9.74 8.21 21.94
N PHE B 61 -9.98 9.26 21.14
CA PHE B 61 -9.34 9.38 19.85
C PHE B 61 -8.16 10.32 19.80
N CYS B 62 -8.01 11.22 20.78
CA CYS B 62 -6.87 12.14 20.76
C CYS B 62 -6.14 12.42 22.09
N GLY B 63 -6.50 11.72 23.16
CA GLY B 63 -5.97 12.01 24.49
C GLY B 63 -5.25 10.82 25.07
N LYS B 64 -4.36 11.10 26.03
CA LYS B 64 -3.60 10.05 26.69
C LYS B 64 -4.48 9.12 27.52
N GLY B 65 -4.21 7.83 27.44
CA GLY B 65 -4.97 6.80 28.16
C GLY B 65 -6.13 6.21 27.39
N GLY B 66 -6.53 6.85 26.28
CA GLY B 66 -7.67 6.42 25.47
C GLY B 66 -7.38 5.30 24.46
N TYR B 67 -8.40 5.02 23.64
CA TYR B 67 -8.38 3.96 22.63
C TYR B 67 -7.20 4.09 21.67
N VAL B 68 -7.07 5.27 21.05
CA VAL B 68 -6.02 5.50 20.07
C VAL B 68 -4.63 5.41 20.74
N ASP B 69 -4.51 5.95 21.95
CA ASP B 69 -3.24 5.87 22.67
C ASP B 69 -2.84 4.42 22.95
N HIS B 70 -3.81 3.60 23.34
CA HIS B 70 -3.61 2.17 23.62
C HIS B 70 -3.06 1.44 22.43
N MET B 71 -3.44 1.86 21.23
CA MET B 71 -2.96 1.21 20.01
C MET B 71 -1.56 1.67 19.62
N GLY B 72 -1.04 2.70 20.27
CA GLY B 72 0.33 3.15 20.12
C GLY B 72 0.50 4.19 19.01
N TYR B 73 -0.59 4.80 18.56
CA TYR B 73 -0.50 5.80 17.50
C TYR B 73 -0.13 7.14 18.08
N ASP B 74 0.35 8.01 17.20
CA ASP B 74 1.00 9.22 17.62
C ASP B 74 -0.04 10.29 17.87
N LEU B 75 -0.30 10.60 19.12
CA LEU B 75 -1.34 11.55 19.50
C LEU B 75 -1.17 12.95 18.94
N SER B 76 0.04 13.38 18.60
CA SER B 76 0.22 14.73 18.02
C SER B 76 -0.46 14.87 16.66
N LEU B 77 -0.53 13.81 15.89
CA LEU B 77 -1.27 13.82 14.59
C LEU B 77 -2.75 14.17 14.77
N VAL B 78 -3.36 13.61 15.79
CA VAL B 78 -4.78 13.81 16.06
C VAL B 78 -5.06 15.03 16.97
N GLN B 79 -4.03 15.54 17.64
CA GLN B 79 -4.17 16.77 18.43
C GLN B 79 -3.93 18.02 17.62
N ALA B 80 -3.17 17.90 16.54
CA ALA B 80 -2.87 19.03 15.65
C ALA B 80 -4.08 19.84 15.22
N PRO B 81 -5.21 19.18 14.90
CA PRO B 81 -6.40 19.93 14.51
C PRO B 81 -7.18 20.67 15.57
N ILE B 82 -6.86 20.48 16.84
CA ILE B 82 -7.65 21.12 17.92
C ILE B 82 -7.73 22.66 17.77
N GLU B 83 -6.60 23.35 17.65
CA GLU B 83 -6.63 24.82 17.63
C GLU B 83 -7.27 25.38 16.34
N PRO B 84 -7.01 24.75 15.18
CA PRO B 84 -7.74 25.17 13.99
C PRO B 84 -9.25 24.96 14.05
N ILE B 85 -9.71 23.86 14.63
CA ILE B 85 -11.17 23.64 14.78
C ILE B 85 -11.71 24.71 15.73
N LYS B 86 -10.96 25.01 16.78
CA LYS B 86 -11.34 26.04 17.74
C LYS B 86 -11.61 27.37 17.05
N ARG B 87 -10.75 27.74 16.12
CA ARG B 87 -10.90 28.99 15.39
C ARG B 87 -12.13 28.99 14.50
N VAL B 88 -12.36 27.88 13.81
CA VAL B 88 -13.52 27.74 12.92
C VAL B 88 -14.81 27.75 13.76
N LEU B 89 -14.78 27.02 14.86
CA LEU B 89 -15.93 26.96 15.77
C LEU B 89 -16.30 28.33 16.29
N ALA B 90 -15.32 29.09 16.75
CA ALA B 90 -15.55 30.43 17.33
C ALA B 90 -16.19 31.34 16.31
N ALA B 91 -15.66 31.31 15.08
CA ALA B 91 -16.17 32.14 14.00
C ALA B 91 -17.60 31.77 13.58
N MET B 92 -17.87 30.47 13.47
CA MET B 92 -19.18 30.03 13.06
C MET B 92 -20.22 30.20 14.16
N ARG B 93 -19.84 30.05 15.42
CA ARG B 93 -20.72 30.41 16.54
C ARG B 93 -21.08 31.88 16.51
N ALA B 94 -20.07 32.74 16.31
CA ALA B 94 -20.30 34.18 16.31
C ALA B 94 -21.24 34.59 15.19
N LYS B 95 -21.22 33.87 14.07
CA LYS B 95 -22.11 34.23 12.95
C LYS B 95 -23.42 33.46 12.86
N GLY B 96 -23.77 32.73 13.92
CA GLY B 96 -25.05 32.00 14.00
C GLY B 96 -25.20 30.77 13.11
N TYR B 97 -24.11 30.12 12.71
CA TYR B 97 -24.18 28.87 11.94
C TYR B 97 -24.56 27.70 12.83
N HIS B 98 -25.24 26.71 12.28
N HIS B 98 -25.26 26.71 12.29
CA HIS B 98 -25.59 25.50 13.02
CA HIS B 98 -25.64 25.56 13.15
C HIS B 98 -24.35 24.74 13.38
C HIS B 98 -24.36 24.74 13.39
N ILE B 99 -24.24 24.30 14.64
CA ILE B 99 -23.05 23.56 15.07
C ILE B 99 -23.47 22.18 15.54
N ILE B 100 -22.83 21.15 14.98
CA ILE B 100 -23.08 19.76 15.36
C ILE B 100 -21.81 19.09 15.82
N HIS B 101 -21.92 18.29 16.89
CA HIS B 101 -20.78 17.50 17.40
C HIS B 101 -21.12 16.02 17.34
N THR B 102 -20.11 15.16 17.13
CA THR B 102 -20.35 13.71 17.22
C THR B 102 -19.46 13.04 18.24
N ARG B 103 -19.95 11.91 18.74
CA ARG B 103 -19.21 11.03 19.64
C ARG B 103 -19.42 9.62 19.19
N GLU B 104 -18.33 8.94 18.84
CA GLU B 104 -18.42 7.52 18.60
C GLU B 104 -18.40 6.82 19.94
N GLY B 105 -19.29 5.88 20.13
CA GLY B 105 -19.33 5.15 21.39
C GLY B 105 -20.46 4.19 21.50
N HIS B 106 -20.43 3.44 22.60
CA HIS B 106 -21.36 2.35 22.80
C HIS B 106 -22.09 2.41 24.11
N ARG B 107 -23.31 1.94 24.09
CA ARG B 107 -24.12 1.77 25.29
C ARG B 107 -23.30 0.91 26.31
N PRO B 108 -23.46 1.21 27.60
CA PRO B 108 -22.82 0.39 28.64
C PRO B 108 -23.09 -1.12 28.55
N ASP B 109 -24.28 -1.51 28.07
CA ASP B 109 -24.57 -2.92 27.85
C ASP B 109 -23.97 -3.50 26.55
N LEU B 110 -23.33 -2.65 25.73
CA LEU B 110 -22.72 -3.04 24.45
C LEU B 110 -23.69 -3.71 23.44
N ALA B 111 -24.97 -3.38 23.52
CA ALA B 111 -25.95 -3.92 22.58
C ALA B 111 -25.75 -3.39 21.15
N ASP B 112 -25.15 -2.22 21.04
CA ASP B 112 -24.91 -1.59 19.74
C ASP B 112 -23.49 -1.83 19.23
N LEU B 113 -22.79 -2.83 19.77
CA LEU B 113 -21.39 -3.08 19.44
C LEU B 113 -21.25 -4.35 18.63
N PRO B 114 -20.95 -4.23 17.33
CA PRO B 114 -20.75 -5.45 16.54
C PRO B 114 -19.67 -6.34 17.07
N ALA B 115 -19.88 -7.66 16.95
CA ALA B 115 -18.91 -8.61 17.52
C ALA B 115 -17.55 -8.49 16.85
N ASN B 116 -17.51 -8.29 15.53
CA ASN B 116 -16.23 -8.10 14.83
C ASN B 116 -15.47 -6.85 15.30
N LYS B 117 -16.19 -5.73 15.47
CA LYS B 117 -15.57 -4.49 15.93
C LYS B 117 -14.94 -4.69 17.31
N ARG B 118 -15.68 -5.33 18.21
CA ARG B 118 -15.16 -5.58 19.53
C ARG B 118 -13.94 -6.49 19.52
N TRP B 119 -14.03 -7.60 18.81
CA TRP B 119 -12.93 -8.56 18.73
C TRP B 119 -11.63 -7.94 18.23
N ARG B 120 -11.73 -7.13 17.17
CA ARG B 120 -10.55 -6.46 16.61
C ARG B 120 -9.88 -5.56 17.62
N SER B 121 -10.68 -4.81 18.37
CA SER B 121 -10.15 -3.90 19.36
C SER B 121 -9.49 -4.65 20.53
N GLN B 122 -10.04 -5.80 20.90
CA GLN B 122 -9.46 -6.62 21.96
C GLN B 122 -8.16 -7.29 21.52
N ARG B 123 -8.13 -7.76 20.29
CA ARG B 123 -6.93 -8.39 19.74
C ARG B 123 -5.68 -7.52 19.81
N ILE B 124 -5.83 -6.21 19.63
CA ILE B 124 -4.69 -5.30 19.70
C ILE B 124 -4.54 -4.57 21.03
N GLY B 125 -5.20 -5.07 22.07
CA GLY B 125 -5.07 -4.50 23.42
C GLY B 125 -5.73 -3.16 23.66
N ALA B 126 -6.84 -2.90 22.97
CA ALA B 126 -7.58 -1.64 23.18
C ALA B 126 -9.08 -1.93 23.13
N GLY B 127 -9.47 -2.95 23.86
CA GLY B 127 -10.81 -3.51 23.79
C GLY B 127 -11.91 -2.56 24.17
N ILE B 128 -12.89 -2.41 23.28
CA ILE B 128 -14.03 -1.54 23.53
C ILE B 128 -14.81 -2.16 24.68
N GLY B 129 -15.13 -1.34 25.68
CA GLY B 129 -15.82 -1.82 26.87
C GLY B 129 -14.88 -2.24 28.01
N ASP B 130 -13.63 -2.55 27.68
CA ASP B 130 -12.67 -2.93 28.68
C ASP B 130 -12.19 -1.71 29.44
N PRO B 131 -11.82 -1.90 30.70
CA PRO B 131 -11.33 -0.80 31.52
C PRO B 131 -9.92 -0.34 31.15
N GLY B 132 -9.73 0.97 31.17
CA GLY B 132 -8.43 1.61 30.95
C GLY B 132 -8.30 2.80 31.89
N PRO B 133 -7.25 3.60 31.75
CA PRO B 133 -7.05 4.78 32.59
C PRO B 133 -8.15 5.84 32.50
N CYS B 134 -8.85 5.91 31.37
CA CYS B 134 -9.94 6.85 31.21
C CYS B 134 -11.33 6.23 31.37
N GLY B 135 -11.38 5.02 31.95
CA GLY B 135 -12.61 4.27 32.08
C GLY B 135 -12.75 3.23 30.98
N ARG B 136 -13.99 2.78 30.79
CA ARG B 136 -14.28 1.77 29.78
C ARG B 136 -14.15 2.39 28.39
N ILE B 137 -13.37 1.74 27.55
CA ILE B 137 -13.00 2.29 26.25
C ILE B 137 -14.22 2.42 25.34
N LEU B 138 -14.39 3.62 24.81
CA LEU B 138 -15.46 3.96 23.87
C LEU B 138 -16.85 3.58 24.37
N THR B 139 -17.06 3.74 25.66
CA THR B 139 -18.29 3.39 26.33
C THR B 139 -18.91 4.68 26.82
N ARG B 140 -20.18 4.88 26.43
CA ARG B 140 -20.93 6.08 26.75
C ARG B 140 -21.02 6.26 28.26
N GLY B 141 -20.89 7.51 28.68
CA GLY B 141 -20.84 7.89 30.09
C GLY B 141 -19.46 7.87 30.74
N GLU B 142 -18.45 7.37 30.03
CA GLU B 142 -17.09 7.29 30.58
C GLU B 142 -16.27 8.51 30.25
N PRO B 143 -15.35 8.91 31.12
CA PRO B 143 -14.54 10.11 30.90
C PRO B 143 -13.79 10.13 29.57
N GLY B 144 -13.18 9.02 29.19
CA GLY B 144 -12.41 8.93 27.96
C GLY B 144 -13.26 9.15 26.72
N TRP B 145 -14.51 8.75 26.79
CA TRP B 145 -15.43 8.85 25.67
C TRP B 145 -15.94 10.26 25.42
N ASP B 146 -15.96 11.13 26.43
CA ASP B 146 -16.54 12.45 26.23
C ASP B 146 -15.71 13.35 25.33
N ILE B 147 -16.40 14.34 24.73
CA ILE B 147 -15.76 15.36 23.94
C ILE B 147 -14.77 16.14 24.80
N ILE B 148 -13.61 16.45 24.24
CA ILE B 148 -12.56 17.17 24.97
C ILE B 148 -13.03 18.57 25.37
N PRO B 149 -12.59 19.06 26.54
CA PRO B 149 -13.03 20.39 27.03
C PRO B 149 -12.79 21.54 26.04
N GLU B 150 -11.74 21.45 25.26
CA GLU B 150 -11.36 22.53 24.31
C GLU B 150 -12.40 22.79 23.24
N LEU B 151 -13.16 21.76 22.87
CA LEU B 151 -14.17 21.83 21.83
C LEU B 151 -15.52 21.38 22.34
N TYR B 152 -15.82 21.71 23.60
CA TYR B 152 -17.05 21.24 24.20
C TYR B 152 -18.25 21.97 23.63
N PRO B 153 -19.39 21.26 23.48
CA PRO B 153 -20.60 21.90 23.04
C PRO B 153 -21.17 22.88 24.05
N ILE B 154 -21.88 23.87 23.54
CA ILE B 154 -22.67 24.78 24.33
C ILE B 154 -24.14 24.56 23.97
N GLU B 155 -25.03 25.17 24.77
CA GLU B 155 -26.45 25.02 24.59
C GLU B 155 -26.87 25.41 23.19
N GLY B 156 -27.76 24.62 22.59
CA GLY B 156 -28.24 24.86 21.25
C GLY B 156 -27.44 24.11 20.20
N GLU B 157 -26.47 23.31 20.60
CA GLU B 157 -25.62 22.61 19.61
C GLU B 157 -25.87 21.13 19.71
N THR B 158 -26.25 20.52 18.61
CA THR B 158 -26.70 19.13 18.59
C THR B 158 -25.54 18.16 18.71
N ILE B 159 -25.68 17.18 19.58
CA ILE B 159 -24.72 16.10 19.70
C ILE B 159 -25.29 14.82 19.13
N ILE B 160 -24.55 14.20 18.23
CA ILE B 160 -24.91 12.90 17.65
C ILE B 160 -24.08 11.81 18.34
N ASP B 161 -24.74 10.85 18.96
CA ASP B 161 -24.04 9.68 19.53
C ASP B 161 -24.20 8.54 18.56
N LYS B 162 -23.08 8.01 18.09
CA LYS B 162 -23.09 7.03 17.00
C LYS B 162 -22.30 5.78 17.39
N PRO B 163 -22.80 4.61 16.99
CA PRO B 163 -22.10 3.35 17.26
C PRO B 163 -21.15 2.94 16.13
N GLY B 164 -21.12 3.71 15.04
CA GLY B 164 -20.20 3.44 13.92
C GLY B 164 -19.34 4.63 13.57
N LYS B 165 -18.60 4.50 12.49
CA LYS B 165 -17.70 5.53 12.01
C LYS B 165 -18.50 6.59 11.26
N GLY B 166 -19.43 6.16 10.41
CA GLY B 166 -20.29 7.10 9.71
C GLY B 166 -21.30 7.73 10.64
N SER B 167 -21.48 9.06 10.54
CA SER B 167 -22.40 9.78 11.41
C SER B 167 -23.84 9.65 10.98
N PHE B 168 -24.13 9.11 9.80
CA PHE B 168 -25.53 8.85 9.38
C PHE B 168 -26.03 7.50 9.83
N CYS B 169 -25.18 6.48 9.81
CA CYS B 169 -25.53 5.11 10.18
C CYS B 169 -26.07 4.99 11.61
N ALA B 170 -27.35 4.60 11.71
CA ALA B 170 -28.03 4.31 12.99
C ALA B 170 -28.14 5.51 13.91
N THR B 171 -28.28 6.71 13.34
CA THR B 171 -28.45 7.94 14.11
C THR B 171 -29.60 8.78 13.57
N ASP B 172 -29.84 9.91 14.25
CA ASP B 172 -30.83 10.89 13.79
C ASP B 172 -30.22 12.08 13.01
N LEU B 173 -29.01 11.92 12.46
CA LEU B 173 -28.34 13.07 11.87
C LEU B 173 -29.09 13.58 10.66
N GLU B 174 -29.49 12.67 9.78
CA GLU B 174 -30.23 13.06 8.59
C GLU B 174 -31.52 13.77 8.94
N LEU B 175 -32.26 13.22 9.90
CA LEU B 175 -33.51 13.82 10.35
C LEU B 175 -33.28 15.28 10.85
N VAL B 176 -32.27 15.47 11.71
CA VAL B 176 -31.91 16.78 12.22
C VAL B 176 -31.54 17.74 11.09
N LEU B 177 -30.69 17.29 10.16
CA LEU B 177 -30.27 18.14 9.05
C LEU B 177 -31.47 18.58 8.22
N ASN B 178 -32.38 17.65 7.93
CA ASN B 178 -33.55 17.97 7.12
C ASN B 178 -34.52 18.91 7.84
N GLN B 179 -34.69 18.79 9.15
CA GLN B 179 -35.61 19.71 9.86
C GLN B 179 -35.08 21.14 9.79
N LYS B 180 -33.75 21.26 9.92
CA LYS B 180 -33.07 22.56 9.85
C LYS B 180 -32.83 23.04 8.42
N ARG B 181 -33.16 22.22 7.43
CA ARG B 181 -32.97 22.52 6.02
C ARG B 181 -31.52 22.84 5.72
N ILE B 182 -30.61 22.03 6.23
CA ILE B 182 -29.20 22.19 5.98
C ILE B 182 -28.84 21.59 4.63
N GLU B 183 -28.13 22.38 3.82
CA GLU B 183 -27.65 21.94 2.51
C GLU B 183 -26.15 21.74 2.49
N ASN B 184 -25.42 22.57 3.23
CA ASN B 184 -23.97 22.60 3.22
C ASN B 184 -23.42 22.14 4.55
N ILE B 185 -22.40 21.28 4.51
CA ILE B 185 -21.75 20.79 5.72
C ILE B 185 -20.26 21.04 5.66
N ILE B 186 -19.73 21.63 6.73
CA ILE B 186 -18.29 21.79 6.84
C ILE B 186 -17.79 20.74 7.82
N LEU B 187 -16.94 19.83 7.34
CA LEU B 187 -16.46 18.72 8.16
C LEU B 187 -15.06 18.95 8.78
N THR B 188 -14.98 18.67 10.06
CA THR B 188 -13.75 18.71 10.83
C THR B 188 -13.76 17.55 11.79
N GLY B 189 -12.61 17.29 12.40
CA GLY B 189 -12.51 16.26 13.45
C GLY B 189 -11.61 15.12 13.06
N ILE B 190 -11.74 14.02 13.79
CA ILE B 190 -10.86 12.87 13.65
C ILE B 190 -11.62 11.54 13.63
N THR B 191 -11.07 10.49 13.03
CA THR B 191 -9.86 10.55 12.20
C THR B 191 -10.26 10.76 10.75
N THR B 192 -9.34 11.37 10.02
CA THR B 192 -9.59 11.84 8.63
C THR B 192 -10.10 10.73 7.73
N ASP B 193 -9.44 9.58 7.81
CA ASP B 193 -9.71 8.47 6.91
C ASP B 193 -10.79 7.50 7.42
N VAL B 194 -11.23 7.68 8.65
CA VAL B 194 -12.21 6.76 9.23
C VAL B 194 -13.53 7.46 9.41
N SER B 195 -13.80 8.07 10.56
CA SER B 195 -15.07 8.73 10.81
C SER B 195 -15.33 9.93 9.92
N VAL B 196 -14.32 10.76 9.71
CA VAL B 196 -14.52 11.98 8.90
C VAL B 196 -14.86 11.62 7.46
N SER B 197 -14.05 10.74 6.87
CA SER B 197 -14.25 10.36 5.48
C SER B 197 -15.57 9.60 5.30
N THR B 198 -15.88 8.70 6.23
CA THR B 198 -17.10 7.94 6.10
C THR B 198 -18.31 8.87 6.16
N THR B 199 -18.30 9.81 7.11
CA THR B 199 -19.38 10.78 7.25
C THR B 199 -19.55 11.63 5.97
N MET B 200 -18.44 12.05 5.41
CA MET B 200 -18.46 12.84 4.17
C MET B 200 -19.06 12.07 3.00
N ARG B 201 -18.69 10.79 2.89
CA ARG B 201 -19.21 9.96 1.83
C ARG B 201 -20.74 9.76 1.96
N GLU B 202 -21.19 9.47 3.19
CA GLU B 202 -22.61 9.36 3.50
C GLU B 202 -23.37 10.63 3.14
N ALA B 203 -22.86 11.75 3.60
CA ALA B 203 -23.51 13.04 3.36
C ALA B 203 -23.57 13.35 1.87
N ASN B 204 -22.44 13.19 1.19
CA ASN B 204 -22.38 13.43 -0.24
C ASN B 204 -23.34 12.55 -1.03
N ASP B 205 -23.43 11.28 -0.68
CA ASP B 205 -24.34 10.36 -1.40
C ASP B 205 -25.81 10.83 -1.33
N ARG B 206 -26.17 11.49 -0.23
CA ARG B 206 -27.53 11.98 0.01
C ARG B 206 -27.79 13.40 -0.53
N GLY B 207 -26.81 14.00 -1.16
CA GLY B 207 -26.99 15.30 -1.83
C GLY B 207 -26.43 16.48 -1.08
N TYR B 208 -25.89 16.27 0.12
CA TYR B 208 -25.32 17.38 0.89
C TYR B 208 -24.02 17.86 0.24
N GLU B 209 -23.74 19.14 0.41
CA GLU B 209 -22.60 19.78 -0.21
C GLU B 209 -21.57 19.99 0.87
N CYS B 210 -20.45 19.28 0.76
CA CYS B 210 -19.51 19.17 1.85
C CYS B 210 -18.16 19.81 1.56
N LEU B 211 -17.62 20.44 2.60
CA LEU B 211 -16.27 21.02 2.57
C LEU B 211 -15.47 20.36 3.65
N LEU B 212 -14.35 19.76 3.26
CA LEU B 212 -13.41 19.18 4.23
C LEU B 212 -12.30 20.19 4.50
N LEU B 213 -12.11 20.53 5.77
CA LEU B 213 -11.04 21.44 6.18
C LEU B 213 -9.82 20.61 6.57
N GLU B 214 -8.81 20.63 5.69
CA GLU B 214 -7.65 19.72 5.80
C GLU B 214 -6.79 19.95 7.03
N ASP B 215 -6.69 21.17 7.52
CA ASP B 215 -5.93 21.41 8.76
C ASP B 215 -6.79 21.18 10.00
N CYS B 216 -8.07 20.87 9.81
CA CYS B 216 -8.96 20.56 10.93
C CYS B 216 -9.25 19.08 11.08
N CYS B 217 -8.45 18.22 10.48
N CYS B 217 -8.46 18.22 10.47
CA CYS B 217 -8.55 16.79 10.71
CA CYS B 217 -8.55 16.80 10.71
C CYS B 217 -7.16 16.22 10.87
C CYS B 217 -7.16 16.22 10.87
N GLY B 218 -7.10 14.99 11.37
CA GLY B 218 -5.85 14.27 11.57
C GLY B 218 -6.14 12.79 11.69
N ALA B 219 -5.14 11.94 11.47
CA ALA B 219 -5.34 10.51 11.44
C ALA B 219 -4.31 9.71 12.23
N THR B 220 -4.51 8.39 12.29
CA THR B 220 -3.54 7.48 12.88
C THR B 220 -2.25 7.33 12.04
N ASP B 221 -2.34 7.68 10.76
CA ASP B 221 -1.24 7.64 9.81
C ASP B 221 -1.33 8.89 8.94
N TYR B 222 -0.27 9.68 8.90
CA TYR B 222 -0.29 10.96 8.21
C TYR B 222 -0.49 10.80 6.70
N GLY B 223 0.06 9.76 6.11
CA GLY B 223 -0.12 9.49 4.70
C GLY B 223 -1.57 9.15 4.36
N ASN B 224 -2.22 8.38 5.23
CA ASN B 224 -3.64 8.06 5.07
C ASN B 224 -4.49 9.31 5.19
N HIS B 225 -4.10 10.22 6.08
CA HIS B 225 -4.75 11.53 6.21
C HIS B 225 -4.68 12.30 4.89
N LEU B 226 -3.47 12.40 4.32
CA LEU B 226 -3.31 13.10 3.03
C LEU B 226 -4.07 12.44 1.90
N ALA B 227 -4.06 11.13 1.89
CA ALA B 227 -4.78 10.36 0.86
C ALA B 227 -6.29 10.53 0.93
N ALA B 228 -6.86 10.47 2.13
CA ALA B 228 -8.30 10.73 2.32
C ALA B 228 -8.72 12.09 1.77
N ILE B 229 -7.86 13.09 2.00
CA ILE B 229 -8.05 14.43 1.46
C ILE B 229 -7.99 14.45 -0.06
N LYS B 230 -6.99 13.81 -0.65
CA LYS B 230 -6.86 13.79 -2.10
C LYS B 230 -8.02 13.04 -2.78
N MET B 231 -8.54 12.02 -2.11
CA MET B 231 -9.69 11.28 -2.62
C MET B 231 -10.91 12.19 -2.89
N VAL B 232 -11.10 13.22 -2.07
CA VAL B 232 -12.20 14.15 -2.24
C VAL B 232 -12.13 14.88 -3.57
N LYS B 233 -10.92 15.22 -3.99
CA LYS B 233 -10.68 16.11 -5.12
C LYS B 233 -10.85 15.47 -6.50
N MET B 234 -10.75 14.16 -6.58
CA MET B 234 -10.78 13.46 -7.88
C MET B 234 -12.14 13.68 -8.57
N GLN B 235 -12.14 13.50 -9.89
CA GLN B 235 -13.35 13.59 -10.70
C GLN B 235 -14.11 14.91 -10.54
N GLY B 236 -13.37 16.01 -10.36
CA GLY B 236 -13.99 17.35 -10.24
C GLY B 236 -14.63 17.60 -8.89
N GLY B 237 -14.21 16.84 -7.87
CA GLY B 237 -14.70 16.99 -6.52
C GLY B 237 -15.72 15.93 -6.16
N VAL B 238 -15.34 14.67 -6.30
CA VAL B 238 -16.28 13.55 -6.14
C VAL B 238 -17.04 13.53 -4.82
N PHE B 239 -16.40 13.93 -3.73
CA PHE B 239 -17.04 14.01 -2.40
C PHE B 239 -17.31 15.40 -1.92
N GLY B 240 -16.92 16.41 -2.69
CA GLY B 240 -17.06 17.81 -2.31
C GLY B 240 -15.76 18.54 -2.63
N SER B 241 -15.37 19.43 -1.73
CA SER B 241 -14.19 20.23 -1.94
C SER B 241 -13.38 20.35 -0.66
N VAL B 242 -12.16 20.88 -0.77
CA VAL B 242 -11.22 20.93 0.33
C VAL B 242 -10.69 22.35 0.54
N SER B 243 -10.70 22.80 1.79
CA SER B 243 -10.11 24.09 2.12
C SER B 243 -9.38 23.99 3.45
N ASN B 244 -9.17 25.13 4.11
CA ASN B 244 -8.49 25.15 5.40
C ASN B 244 -9.13 26.18 6.31
N SER B 245 -8.75 26.15 7.58
CA SER B 245 -9.37 26.99 8.59
C SER B 245 -9.23 28.48 8.32
N ALA B 246 -8.06 28.91 7.86
CA ALA B 246 -7.82 30.33 7.62
C ALA B 246 -8.69 30.84 6.47
N ALA B 247 -8.75 30.07 5.39
CA ALA B 247 -9.54 30.46 4.23
C ALA B 247 -11.04 30.49 4.52
N LEU B 248 -11.47 29.59 5.39
CA LEU B 248 -12.87 29.58 5.78
C LEU B 248 -13.19 30.82 6.60
N VAL B 249 -12.43 31.04 7.67
CA VAL B 249 -12.67 32.19 8.56
C VAL B 249 -12.66 33.52 7.78
N GLU B 250 -11.71 33.66 6.86
CA GLU B 250 -11.56 34.90 6.09
C GLU B 250 -12.73 35.20 5.19
N ALA B 251 -13.36 34.18 4.62
CA ALA B 251 -14.46 34.37 3.66
C ALA B 251 -15.86 34.02 4.17
N LEU B 252 -15.98 33.57 5.40
CA LEU B 252 -17.27 33.17 5.98
C LEU B 252 -18.22 34.38 6.04
N PRO B 253 -19.39 34.32 5.37
CA PRO B 253 -20.34 35.45 5.35
C PRO B 253 -21.05 35.70 6.70
N ASN C 28 14.90 -26.16 14.16
CA ASN C 28 14.99 -24.91 14.97
C ASN C 28 14.51 -23.66 14.18
N ARG C 29 13.42 -23.81 13.44
CA ARG C 29 12.94 -22.76 12.55
C ARG C 29 12.07 -21.72 13.26
N HIS C 30 12.15 -20.48 12.79
CA HIS C 30 11.35 -19.39 13.31
C HIS C 30 10.93 -18.45 12.20
N PHE C 31 9.69 -17.98 12.26
CA PHE C 31 9.16 -17.13 11.20
C PHE C 31 8.54 -15.87 11.75
N ILE C 32 8.51 -14.84 10.93
CA ILE C 32 7.77 -13.62 11.19
C ILE C 32 6.61 -13.60 10.20
N ASP C 33 5.41 -13.31 10.70
CA ASP C 33 4.22 -13.19 9.86
C ASP C 33 4.48 -12.10 8.85
N ALA C 34 4.50 -12.44 7.57
CA ALA C 34 4.81 -11.48 6.53
C ALA C 34 4.06 -11.78 5.24
N ASP C 35 4.12 -10.82 4.33
CA ASP C 35 3.37 -10.83 3.09
C ASP C 35 4.39 -10.60 1.96
N PRO C 36 4.59 -11.55 1.04
CA PRO C 36 3.67 -12.64 0.70
C PRO C 36 4.04 -14.00 1.24
N TYR C 37 5.09 -14.08 2.06
CA TYR C 37 5.46 -15.35 2.66
C TYR C 37 6.08 -15.14 4.01
N PRO C 38 5.93 -16.12 4.90
CA PRO C 38 6.48 -16.00 6.25
C PRO C 38 8.00 -15.90 6.17
N TRP C 39 8.57 -14.93 6.88
CA TRP C 39 9.97 -14.55 6.71
C TRP C 39 10.84 -14.95 7.93
N PRO C 40 12.07 -15.43 7.72
CA PRO C 40 12.71 -15.62 6.42
C PRO C 40 12.22 -16.87 5.75
N TYR C 41 12.45 -16.97 4.46
CA TYR C 41 11.88 -18.05 3.67
C TYR C 41 12.12 -19.46 4.24
N ASN C 42 13.28 -19.69 4.85
CA ASN C 42 13.68 -21.01 5.33
C ASN C 42 13.64 -21.10 6.86
N GLY C 43 13.12 -20.07 7.52
CA GLY C 43 13.02 -20.07 8.96
C GLY C 43 14.33 -20.00 9.74
N ALA C 44 15.46 -19.74 9.06
CA ALA C 44 16.76 -19.68 9.72
C ALA C 44 16.98 -18.28 10.27
N LEU C 45 16.26 -17.96 11.34
CA LEU C 45 16.23 -16.64 11.91
C LEU C 45 16.88 -16.70 13.27
N ARG C 46 18.10 -16.17 13.36
CA ARG C 46 18.87 -16.15 14.59
C ARG C 46 19.56 -14.82 14.78
N PRO C 47 19.92 -14.49 16.03
CA PRO C 47 20.74 -13.29 16.28
C PRO C 47 22.04 -13.25 15.51
N ASP C 48 22.72 -14.38 15.36
CA ASP C 48 24.04 -14.39 14.73
C ASP C 48 24.02 -14.17 13.21
N ASN C 49 22.91 -14.45 12.53
CA ASN C 49 22.86 -14.35 11.06
C ASN C 49 21.85 -13.32 10.55
N THR C 50 21.40 -12.43 11.42
CA THR C 50 20.34 -11.48 11.09
C THR C 50 20.73 -10.08 11.57
N ALA C 51 20.56 -9.08 10.70
CA ALA C 51 20.83 -7.71 11.04
C ALA C 51 19.62 -6.84 10.79
N LEU C 52 19.43 -5.86 11.67
CA LEU C 52 18.57 -4.72 11.40
C LEU C 52 19.42 -3.68 10.72
N ILE C 53 18.89 -3.05 9.67
CA ILE C 53 19.53 -1.90 9.08
C ILE C 53 18.56 -0.70 9.17
N ILE C 54 19.05 0.38 9.74
CA ILE C 54 18.29 1.62 9.86
C ILE C 54 18.89 2.60 8.86
N ILE C 55 18.16 2.85 7.79
CA ILE C 55 18.68 3.60 6.66
C ILE C 55 18.40 5.10 6.75
N ASP C 56 19.47 5.88 6.86
CA ASP C 56 19.46 7.32 6.62
C ASP C 56 18.46 8.11 7.49
N MET C 57 18.34 7.72 8.76
CA MET C 57 17.50 8.48 9.70
C MET C 57 18.28 9.68 10.21
N GLN C 58 18.44 10.66 9.32
CA GLN C 58 19.28 11.83 9.50
C GLN C 58 18.39 13.06 9.46
N THR C 59 18.83 14.14 10.10
CA THR C 59 18.09 15.40 10.05
C THR C 59 17.89 15.90 8.60
N ASP C 60 18.87 15.63 7.74
CA ASP C 60 18.73 16.02 6.33
C ASP C 60 17.53 15.42 5.64
N PHE C 61 17.13 14.22 6.06
CA PHE C 61 16.00 13.54 5.44
C PHE C 61 14.69 13.61 6.21
N CYS C 62 14.71 13.97 7.49
CA CYS C 62 13.47 14.05 8.24
C CYS C 62 13.30 15.20 9.22
N GLY C 63 14.26 16.15 9.27
CA GLY C 63 14.25 17.22 10.25
C GLY C 63 14.15 18.59 9.61
N LYS C 64 13.69 19.56 10.39
CA LYS C 64 13.60 20.94 9.92
C LYS C 64 15.00 21.54 9.63
N GLY C 65 15.09 22.26 8.52
CA GLY C 65 16.32 22.89 8.08
C GLY C 65 17.20 22.07 7.14
N GLY C 66 16.88 20.76 7.02
CA GLY C 66 17.63 19.86 6.17
C GLY C 66 17.27 19.83 4.70
N TYR C 67 17.88 18.88 3.99
CA TYR C 67 17.73 18.69 2.54
C TYR C 67 16.29 18.51 2.13
N VAL C 68 15.61 17.56 2.75
CA VAL C 68 14.21 17.26 2.41
C VAL C 68 13.32 18.45 2.75
N ASP C 69 13.56 19.11 3.88
CA ASP C 69 12.79 20.30 4.24
C ASP C 69 12.93 21.42 3.19
N HIS C 70 14.16 21.62 2.71
CA HIS C 70 14.47 22.61 1.69
C HIS C 70 13.71 22.40 0.42
N MET C 71 13.43 21.14 0.10
CA MET C 71 12.68 20.81 -1.11
C MET C 71 11.18 21.00 -0.94
N GLY C 72 10.73 21.22 0.30
CA GLY C 72 9.35 21.56 0.60
C GLY C 72 8.46 20.35 0.83
N TYR C 73 9.05 19.17 1.08
CA TYR C 73 8.26 17.99 1.31
C TYR C 73 7.78 17.94 2.76
N ASP C 74 6.76 17.13 2.98
CA ASP C 74 6.05 17.16 4.23
C ASP C 74 6.75 16.24 5.20
N LEU C 75 7.45 16.84 6.17
CA LEU C 75 8.26 16.10 7.12
C LEU C 75 7.51 15.07 7.95
N SER C 76 6.18 15.21 8.15
CA SER C 76 5.45 14.21 8.92
C SER C 76 5.48 12.81 8.27
N LEU C 77 5.50 12.77 6.94
CA LEU C 77 5.62 11.48 6.22
C LEU C 77 6.90 10.71 6.58
N VAL C 78 8.00 11.45 6.67
CA VAL C 78 9.30 10.86 6.99
C VAL C 78 9.58 10.75 8.48
N GLN C 79 8.83 11.46 9.32
CA GLN C 79 8.97 11.35 10.77
C GLN C 79 8.10 10.25 11.35
N ALA C 80 7.03 9.89 10.64
CA ALA C 80 6.13 8.82 11.09
C ALA C 80 6.82 7.53 11.52
N PRO C 81 7.86 7.09 10.78
CA PRO C 81 8.52 5.83 11.19
C PRO C 81 9.46 5.89 12.38
N ILE C 82 9.73 7.06 12.95
CA ILE C 82 10.69 7.14 14.05
C ILE C 82 10.33 6.22 15.26
N GLU C 83 9.10 6.32 15.79
CA GLU C 83 8.75 5.54 16.96
C GLU C 83 8.67 4.04 16.70
N PRO C 84 8.13 3.63 15.54
CA PRO C 84 8.18 2.20 15.22
C PRO C 84 9.60 1.64 15.06
N ILE C 85 10.51 2.40 14.46
CA ILE C 85 11.90 1.93 14.35
C ILE C 85 12.51 1.82 15.76
N LYS C 86 12.19 2.79 16.61
CA LYS C 86 12.65 2.81 17.99
C LYS C 86 12.30 1.52 18.71
N ARG C 87 11.08 1.06 18.52
CA ARG C 87 10.61 -0.17 19.16
C ARG C 87 11.33 -1.39 18.63
N VAL C 88 11.53 -1.45 17.33
CA VAL C 88 12.23 -2.57 16.69
C VAL C 88 13.70 -2.58 17.13
N LEU C 89 14.31 -1.39 17.16
CA LEU C 89 15.69 -1.25 17.58
C LEU C 89 15.89 -1.76 19.01
N ALA C 90 15.02 -1.33 19.91
CA ALA C 90 15.12 -1.70 21.33
C ALA C 90 15.03 -3.20 21.51
N ALA C 91 14.08 -3.82 20.81
CA ALA C 91 13.88 -5.27 20.87
C ALA C 91 15.06 -6.06 20.31
N MET C 92 15.59 -5.62 19.17
CA MET C 92 16.68 -6.33 18.53
C MET C 92 18.01 -6.12 19.28
N ARG C 93 18.20 -4.95 19.86
CA ARG C 93 19.34 -4.74 20.77
C ARG C 93 19.27 -5.67 21.97
N ALA C 94 18.09 -5.75 22.59
CA ALA C 94 17.93 -6.58 23.78
C ALA C 94 18.22 -8.05 23.48
N LYS C 95 17.93 -8.50 22.26
CA LYS C 95 18.17 -9.90 21.91
C LYS C 95 19.49 -10.19 21.20
N GLY C 96 20.41 -9.23 21.18
CA GLY C 96 21.73 -9.41 20.60
C GLY C 96 21.84 -9.51 19.09
N TYR C 97 20.87 -8.96 18.34
CA TYR C 97 20.95 -8.96 16.87
C TYR C 97 21.94 -7.90 16.40
N HIS C 98 22.56 -8.13 15.24
CA HIS C 98 23.46 -7.15 14.64
C HIS C 98 22.65 -5.93 14.24
N ILE C 99 23.17 -4.75 14.54
CA ILE C 99 22.48 -3.52 14.21
C ILE C 99 23.40 -2.71 13.30
N ILE C 100 22.87 -2.29 12.16
CA ILE C 100 23.59 -1.46 11.19
C ILE C 100 22.84 -0.16 10.96
N HIS C 101 23.56 0.95 10.89
CA HIS C 101 22.97 2.26 10.54
C HIS C 101 23.62 2.78 9.27
N THR C 102 22.88 3.54 8.47
CA THR C 102 23.48 4.22 7.32
C THR C 102 23.28 5.72 7.38
N ARG C 103 24.19 6.42 6.71
CA ARG C 103 24.13 7.86 6.52
C ARG C 103 24.51 8.15 5.09
N GLU C 104 23.60 8.76 4.35
CA GLU C 104 23.94 9.24 3.03
C GLU C 104 24.63 10.57 3.22
N GLY C 105 25.75 10.75 2.52
CA GLY C 105 26.50 11.97 2.67
C GLY C 105 27.77 11.99 1.88
N HIS C 106 28.41 13.16 1.87
CA HIS C 106 29.58 13.37 1.07
C HIS C 106 30.75 13.91 1.85
N ARG C 107 31.94 13.53 1.42
CA ARG C 107 33.17 14.11 1.93
C ARG C 107 33.11 15.63 1.81
N PRO C 108 33.68 16.36 2.79
CA PRO C 108 33.72 17.84 2.71
C PRO C 108 34.31 18.40 1.41
N ASP C 109 35.27 17.70 0.81
CA ASP C 109 35.79 18.14 -0.49
C ASP C 109 34.90 17.77 -1.69
N LEU C 110 33.80 17.05 -1.45
CA LEU C 110 32.83 16.62 -2.49
C LEU C 110 33.44 15.75 -3.61
N ALA C 111 34.52 15.04 -3.31
CA ALA C 111 35.14 14.16 -4.32
C ALA C 111 34.25 12.97 -4.68
N ASP C 112 33.36 12.58 -3.77
CA ASP C 112 32.46 11.46 -3.98
C ASP C 112 31.07 11.90 -4.44
N LEU C 113 30.94 13.12 -4.96
CA LEU C 113 29.64 13.68 -5.31
C LEU C 113 29.53 13.80 -6.81
N PRO C 114 28.70 12.94 -7.44
CA PRO C 114 28.54 13.06 -8.89
C PRO C 114 28.01 14.42 -9.32
N ALA C 115 28.48 14.89 -10.47
CA ALA C 115 28.11 16.21 -10.95
C ALA C 115 26.60 16.35 -11.18
N ASN C 116 25.98 15.31 -11.74
CA ASN C 116 24.53 15.32 -11.96
C ASN C 116 23.75 15.40 -10.63
N LYS C 117 24.15 14.63 -9.62
CA LYS C 117 23.49 14.63 -8.33
C LYS C 117 23.54 16.04 -7.71
N ARG C 118 24.73 16.65 -7.75
CA ARG C 118 24.87 17.99 -7.21
C ARG C 118 24.02 19.01 -7.95
N TRP C 119 24.09 19.00 -9.27
CA TRP C 119 23.33 19.95 -10.09
C TRP C 119 21.82 19.88 -9.84
N ARG C 120 21.28 18.66 -9.74
CA ARG C 120 19.84 18.47 -9.48
C ARG C 120 19.44 19.10 -8.18
N SER C 121 20.26 18.90 -7.14
CA SER C 121 19.97 19.41 -5.83
C SER C 121 20.05 20.94 -5.78
N GLN C 122 20.98 21.52 -6.55
CA GLN C 122 21.09 22.98 -6.63
C GLN C 122 19.93 23.60 -7.40
N ARG C 123 19.52 22.95 -8.47
CA ARG C 123 18.41 23.43 -9.28
C ARG C 123 17.11 23.65 -8.48
N ILE C 124 16.85 22.79 -7.51
CA ILE C 124 15.64 22.90 -6.67
C ILE C 124 15.87 23.59 -5.33
N GLY C 125 16.99 24.28 -5.18
CA GLY C 125 17.28 25.05 -3.97
C GLY C 125 17.64 24.25 -2.75
N ALA C 126 18.28 23.10 -2.92
CA ALA C 126 18.69 22.26 -1.78
C ALA C 126 20.04 21.66 -2.07
N GLY C 127 20.97 22.52 -2.52
CA GLY C 127 22.25 22.10 -3.06
C GLY C 127 23.12 21.37 -2.05
N ILE C 128 23.57 20.17 -2.44
CA ILE C 128 24.44 19.37 -1.60
C ILE C 128 25.76 20.13 -1.49
N GLY C 129 26.25 20.28 -0.26
CA GLY C 129 27.46 21.05 0.00
C GLY C 129 27.20 22.52 0.31
N ASP C 130 26.05 23.04 -0.10
CA ASP C 130 25.72 24.43 0.14
C ASP C 130 25.28 24.61 1.58
N PRO C 131 25.53 25.79 2.14
CA PRO C 131 25.17 26.08 3.52
C PRO C 131 23.67 26.26 3.75
N GLY C 132 23.18 25.73 4.85
CA GLY C 132 21.80 25.91 5.29
C GLY C 132 21.76 26.03 6.79
N PRO C 133 20.56 26.02 7.39
CA PRO C 133 20.43 26.15 8.86
C PRO C 133 21.07 25.02 9.66
N CYS C 134 21.21 23.83 9.07
CA CYS C 134 21.86 22.73 9.76
C CYS C 134 23.29 22.47 9.28
N GLY C 135 23.88 23.47 8.61
CA GLY C 135 25.20 23.33 8.02
C GLY C 135 25.14 23.00 6.55
N ARG C 136 26.26 22.49 6.03
CA ARG C 136 26.36 22.13 4.62
C ARG C 136 25.53 20.87 4.36
N ILE C 137 24.66 20.96 3.37
CA ILE C 137 23.66 19.95 3.11
C ILE C 137 24.32 18.63 2.69
N LEU C 138 23.95 17.55 3.39
CA LEU C 138 24.40 16.20 3.12
C LEU C 138 25.93 16.08 3.05
N THR C 139 26.60 16.84 3.92
CA THR C 139 28.04 16.88 3.96
C THR C 139 28.45 16.28 5.30
N ARG C 140 29.34 15.30 5.23
CA ARG C 140 29.81 14.58 6.39
C ARG C 140 30.48 15.53 7.38
N GLY C 141 30.21 15.28 8.66
CA GLY C 141 30.65 16.13 9.75
C GLY C 141 29.71 17.27 10.13
N GLU C 142 28.67 17.50 9.33
CA GLU C 142 27.74 18.61 9.60
C GLU C 142 26.56 18.15 10.44
N PRO C 143 26.03 19.03 11.29
CA PRO C 143 24.93 18.66 12.17
C PRO C 143 23.71 18.04 11.47
N GLY C 144 23.30 18.64 10.35
CA GLY C 144 22.13 18.17 9.62
C GLY C 144 22.29 16.75 9.08
N TRP C 145 23.53 16.40 8.74
CA TRP C 145 23.84 15.10 8.18
C TRP C 145 23.81 13.96 9.21
N ASP C 146 24.02 14.25 10.48
CA ASP C 146 24.11 13.16 11.45
C ASP C 146 22.75 12.48 11.73
N ILE C 147 22.84 11.26 12.21
CA ILE C 147 21.69 10.48 12.63
C ILE C 147 20.95 11.20 13.77
N ILE C 148 19.63 11.19 13.71
CA ILE C 148 18.81 11.84 14.73
C ILE C 148 19.01 11.19 16.12
N PRO C 149 18.94 12.00 17.18
CA PRO C 149 19.18 11.50 18.55
C PRO C 149 18.32 10.29 18.94
N GLU C 150 17.10 10.23 18.43
CA GLU C 150 16.14 9.17 18.81
C GLU C 150 16.60 7.78 18.41
N LEU C 151 17.38 7.69 17.33
CA LEU C 151 17.84 6.45 16.78
C LEU C 151 19.35 6.40 16.68
N TYR C 152 20.03 7.03 17.65
CA TYR C 152 21.47 7.12 17.58
C TYR C 152 22.14 5.77 17.81
N PRO C 153 23.24 5.51 17.11
CA PRO C 153 23.98 4.28 17.32
C PRO C 153 24.67 4.23 18.68
N ILE C 154 24.87 3.02 19.16
CA ILE C 154 25.68 2.77 20.33
C ILE C 154 26.89 1.94 19.87
N GLU C 155 27.88 1.86 20.74
CA GLU C 155 29.15 1.22 20.38
C GLU C 155 28.90 -0.24 20.01
N GLY C 156 29.58 -0.67 18.95
CA GLY C 156 29.44 -2.04 18.45
C GLY C 156 28.39 -2.17 17.37
N GLU C 157 27.82 -1.05 16.94
CA GLU C 157 26.85 -1.03 15.84
C GLU C 157 27.47 -0.32 14.67
N THR C 158 27.51 -1.00 13.53
CA THR C 158 28.28 -0.51 12.40
C THR C 158 27.54 0.60 11.68
N ILE C 159 28.25 1.67 11.35
CA ILE C 159 27.71 2.75 10.58
C ILE C 159 28.34 2.71 9.20
N ILE C 160 27.47 2.72 8.18
CA ILE C 160 27.89 2.78 6.79
C ILE C 160 27.68 4.21 6.30
N ASP C 161 28.75 4.85 5.85
CA ASP C 161 28.69 6.17 5.25
C ASP C 161 28.74 5.97 3.76
N LYS C 162 27.70 6.43 3.06
CA LYS C 162 27.53 6.10 1.66
C LYS C 162 27.30 7.36 0.85
N PRO C 163 27.89 7.42 -0.36
CA PRO C 163 27.71 8.56 -1.25
C PRO C 163 26.53 8.41 -2.22
N GLY C 164 25.84 7.27 -2.18
CA GLY C 164 24.69 7.01 -3.03
C GLY C 164 23.46 6.64 -2.20
N LYS C 165 22.41 6.26 -2.91
CA LYS C 165 21.17 5.82 -2.31
C LYS C 165 21.32 4.37 -1.87
N GLY C 166 21.91 3.54 -2.72
CA GLY C 166 22.17 2.16 -2.36
C GLY C 166 23.28 2.04 -1.34
N SER C 167 23.07 1.22 -0.32
CA SER C 167 24.04 1.04 0.75
C SER C 167 25.22 0.13 0.37
N PHE C 168 25.13 -0.59 -0.74
CA PHE C 168 26.24 -1.42 -1.21
C PHE C 168 27.22 -0.66 -2.10
N CYS C 169 26.70 0.24 -2.94
CA CYS C 169 27.54 1.01 -3.85
C CYS C 169 28.63 1.84 -3.16
N ALA C 170 29.89 1.52 -3.43
CA ALA C 170 31.06 2.28 -2.98
C ALA C 170 31.22 2.33 -1.46
N THR C 171 30.82 1.25 -0.79
CA THR C 171 30.96 1.09 0.65
C THR C 171 31.57 -0.26 1.00
N ASP C 172 31.79 -0.46 2.29
CA ASP C 172 32.22 -1.75 2.82
C ASP C 172 31.10 -2.63 3.38
N LEU C 173 29.85 -2.39 2.97
CA LEU C 173 28.72 -3.08 3.59
C LEU C 173 28.80 -4.57 3.31
N GLU C 174 29.04 -4.94 2.06
CA GLU C 174 29.09 -6.35 1.69
C GLU C 174 30.19 -7.06 2.46
N LEU C 175 31.37 -6.44 2.52
CA LEU C 175 32.47 -7.00 3.27
C LEU C 175 32.12 -7.27 4.74
N VAL C 176 31.54 -6.26 5.40
CA VAL C 176 31.08 -6.36 6.78
C VAL C 176 30.05 -7.47 6.95
N LEU C 177 29.05 -7.52 6.07
CA LEU C 177 28.01 -8.55 6.16
C LEU C 177 28.61 -9.94 6.07
N ASN C 178 29.53 -10.13 5.12
CA ASN C 178 30.15 -11.43 4.93
C ASN C 178 31.05 -11.84 6.10
N GLN C 179 31.75 -10.91 6.72
CA GLN C 179 32.61 -11.29 7.87
C GLN C 179 31.74 -11.77 9.03
N LYS C 180 30.61 -11.11 9.22
CA LYS C 180 29.64 -11.45 10.26
C LYS C 180 28.72 -12.62 9.88
N ARG C 181 28.82 -13.09 8.64
CA ARG C 181 28.00 -14.18 8.13
C ARG C 181 26.51 -13.85 8.26
N ILE C 182 26.14 -12.64 7.87
CA ILE C 182 24.75 -12.24 7.92
C ILE C 182 24.04 -12.75 6.66
N GLU C 183 22.89 -13.39 6.86
CA GLU C 183 22.06 -13.89 5.76
C GLU C 183 20.77 -13.11 5.60
N ASN C 184 20.21 -12.66 6.73
CA ASN C 184 18.91 -12.00 6.77
C ASN C 184 19.07 -10.54 7.14
N ILE C 185 18.36 -9.67 6.43
CA ILE C 185 18.38 -8.24 6.70
C ILE C 185 16.96 -7.72 6.90
N ILE C 186 16.75 -7.00 7.97
CA ILE C 186 15.48 -6.33 8.22
C ILE C 186 15.69 -4.86 7.92
N LEU C 187 14.99 -4.34 6.90
CA LEU C 187 15.14 -2.95 6.45
C LEU C 187 14.12 -1.97 7.01
N THR C 188 14.63 -0.86 7.52
CA THR C 188 13.84 0.25 8.01
C THR C 188 14.53 1.53 7.57
N GLY C 189 13.85 2.64 7.71
CA GLY C 189 14.43 3.97 7.46
C GLY C 189 13.78 4.70 6.32
N ILE C 190 14.46 5.72 5.82
CA ILE C 190 13.92 6.62 4.81
C ILE C 190 14.93 6.90 3.69
N THR C 191 14.47 7.26 2.49
CA THR C 191 13.06 7.19 2.10
C THR C 191 12.78 5.84 1.47
N THR C 192 11.52 5.42 1.58
CA THR C 192 11.07 4.07 1.18
C THR C 192 11.44 3.73 -0.25
N ASP C 193 11.18 4.66 -1.15
CA ASP C 193 11.34 4.45 -2.58
C ASP C 193 12.73 4.81 -3.12
N VAL C 194 13.58 5.41 -2.28
CA VAL C 194 14.89 5.84 -2.75
C VAL C 194 15.97 4.97 -2.09
N SER C 195 16.51 5.38 -0.95
CA SER C 195 17.57 4.61 -0.29
C SER C 195 17.13 3.24 0.21
N VAL C 196 15.94 3.16 0.80
CA VAL C 196 15.49 1.88 1.37
C VAL C 196 15.31 0.86 0.25
N SER C 197 14.59 1.25 -0.80
CA SER C 197 14.30 0.35 -1.91
C SER C 197 15.58 -0.03 -2.65
N THR C 198 16.45 0.93 -2.89
CA THR C 198 17.68 0.65 -3.62
C THR C 198 18.53 -0.34 -2.82
N THR C 199 18.66 -0.12 -1.51
CA THR C 199 19.44 -1.01 -0.66
C THR C 199 18.86 -2.44 -0.66
N MET C 200 17.53 -2.53 -0.62
CA MET C 200 16.85 -3.83 -0.66
C MET C 200 17.12 -4.57 -1.97
N ARG C 201 17.07 -3.85 -3.07
CA ARG C 201 17.32 -4.43 -4.38
C ARG C 201 18.76 -4.96 -4.49
N GLU C 202 19.72 -4.15 -4.06
CA GLU C 202 21.13 -4.54 -4.00
C GLU C 202 21.33 -5.80 -3.18
N ALA C 203 20.79 -5.78 -1.98
CA ALA C 203 20.93 -6.91 -1.05
C ALA C 203 20.32 -8.16 -1.63
N ASN C 204 19.08 -8.03 -2.11
CA ASN C 204 18.36 -9.17 -2.70
C ASN C 204 19.11 -9.77 -3.90
N ASP C 205 19.64 -8.92 -4.76
CA ASP C 205 20.38 -9.41 -5.94
C ASP C 205 21.58 -10.29 -5.56
N ARG C 206 22.20 -9.99 -4.42
CA ARG C 206 23.38 -10.72 -3.92
C ARG C 206 23.04 -11.94 -3.05
N GLY C 207 21.77 -12.23 -2.86
CA GLY C 207 21.34 -13.43 -2.15
C GLY C 207 20.91 -13.23 -0.73
N TYR C 208 20.95 -11.99 -0.23
CA TYR C 208 20.47 -11.71 1.13
C TYR C 208 18.95 -11.82 1.18
N GLU C 209 18.45 -12.21 2.34
CA GLU C 209 17.03 -12.45 2.54
C GLU C 209 16.48 -11.30 3.34
N CYS C 210 15.63 -10.51 2.71
CA CYS C 210 15.26 -9.21 3.24
C CYS C 210 13.80 -9.10 3.65
N LEU C 211 13.56 -8.41 4.76
CA LEU C 211 12.22 -8.09 5.25
C LEU C 211 12.09 -6.60 5.34
N LEU C 212 11.10 -6.05 4.64
CA LEU C 212 10.81 -4.61 4.70
C LEU C 212 9.69 -4.37 5.72
N LEU C 213 9.94 -3.54 6.71
CA LEU C 213 8.93 -3.21 7.71
C LEU C 213 8.21 -1.94 7.27
N GLU C 214 6.96 -2.10 6.81
CA GLU C 214 6.22 -1.03 6.14
C GLU C 214 5.90 0.19 7.01
N ASP C 215 5.70 -0.02 8.30
CA ASP C 215 5.46 1.12 9.19
C ASP C 215 6.77 1.73 9.70
N CYS C 216 7.90 1.14 9.32
CA CYS C 216 9.20 1.70 9.68
C CYS C 216 9.91 2.41 8.53
N CYS C 217 9.17 2.78 7.50
CA CYS C 217 9.71 3.63 6.44
C CYS C 217 8.70 4.68 6.08
N GLY C 218 9.17 5.68 5.34
CA GLY C 218 8.32 6.79 4.88
C GLY C 218 8.99 7.47 3.72
N ALA C 219 8.22 8.20 2.92
CA ALA C 219 8.76 8.82 1.71
C ALA C 219 8.31 10.26 1.51
N THR C 220 8.87 10.90 0.51
CA THR C 220 8.48 12.26 0.10
C THR C 220 7.09 12.31 -0.54
N ASP C 221 6.57 11.16 -0.98
CA ASP C 221 5.23 11.03 -1.53
C ASP C 221 4.63 9.73 -1.00
N TYR C 222 3.46 9.83 -0.35
CA TYR C 222 2.88 8.67 0.31
C TYR C 222 2.49 7.56 -0.66
N GLY C 223 2.06 7.91 -1.85
CA GLY C 223 1.73 6.91 -2.86
C GLY C 223 2.96 6.15 -3.35
N ASN C 224 4.08 6.85 -3.49
CA ASN C 224 5.35 6.22 -3.86
C ASN C 224 5.82 5.29 -2.75
N HIS C 225 5.59 5.68 -1.50
CA HIS C 225 5.88 4.82 -0.36
C HIS C 225 5.10 3.51 -0.44
N LEU C 226 3.78 3.61 -0.66
CA LEU C 226 2.93 2.42 -0.77
C LEU C 226 3.30 1.55 -1.96
N ALA C 227 3.63 2.19 -3.08
CA ALA C 227 4.03 1.49 -4.28
C ALA C 227 5.35 0.72 -4.12
N ALA C 228 6.36 1.35 -3.51
CA ALA C 228 7.64 0.67 -3.22
C ALA C 228 7.43 -0.59 -2.38
N ILE C 229 6.51 -0.51 -1.43
CA ILE C 229 6.12 -1.65 -0.61
C ILE C 229 5.45 -2.75 -1.44
N LYS C 230 4.50 -2.38 -2.29
CA LYS C 230 3.82 -3.37 -3.11
C LYS C 230 4.76 -4.05 -4.12
N MET C 231 5.74 -3.30 -4.61
CA MET C 231 6.74 -3.84 -5.52
C MET C 231 7.49 -5.04 -4.94
N VAL C 232 7.71 -5.07 -3.63
CA VAL C 232 8.39 -6.18 -2.96
C VAL C 232 7.61 -7.49 -3.12
N LYS C 233 6.29 -7.38 -3.05
CA LYS C 233 5.41 -8.53 -2.94
C LYS C 233 5.17 -9.30 -4.24
N MET C 234 5.39 -8.64 -5.39
CA MET C 234 5.06 -9.23 -6.67
C MET C 234 5.91 -10.49 -6.94
N GLN C 235 5.40 -11.35 -7.81
CA GLN C 235 6.11 -12.56 -8.23
C GLN C 235 6.51 -13.47 -7.06
N GLY C 236 5.67 -13.54 -6.02
CA GLY C 236 5.91 -14.42 -4.87
C GLY C 236 7.01 -13.89 -3.94
N GLY C 237 7.24 -12.58 -3.99
CA GLY C 237 8.19 -11.91 -3.10
C GLY C 237 9.49 -11.61 -3.80
N VAL C 238 9.42 -10.87 -4.92
CA VAL C 238 10.57 -10.64 -5.79
C VAL C 238 11.79 -10.03 -5.08
N PHE C 239 11.56 -9.15 -4.10
CA PHE C 239 12.64 -8.54 -3.33
C PHE C 239 12.75 -9.03 -1.90
N GLY C 240 11.85 -9.92 -1.50
CA GLY C 240 11.76 -10.40 -0.13
C GLY C 240 10.30 -10.38 0.32
N SER C 241 10.08 -10.00 1.57
CA SER C 241 8.76 -9.99 2.15
C SER C 241 8.53 -8.74 2.97
N VAL C 242 7.28 -8.51 3.37
CA VAL C 242 6.88 -7.30 4.06
C VAL C 242 6.15 -7.61 5.35
N SER C 243 6.54 -6.92 6.43
CA SER C 243 5.85 -7.04 7.69
C SER C 243 5.73 -5.68 8.34
N ASN C 244 5.53 -5.66 9.66
CA ASN C 244 5.43 -4.40 10.39
C ASN C 244 6.11 -4.54 11.75
N SER C 245 6.28 -3.43 12.43
CA SER C 245 7.02 -3.40 13.69
C SER C 245 6.41 -4.28 14.78
N ALA C 246 5.08 -4.28 14.90
CA ALA C 246 4.43 -5.05 15.95
C ALA C 246 4.62 -6.54 15.72
N ALA C 247 4.43 -6.98 14.48
CA ALA C 247 4.59 -8.39 14.14
C ALA C 247 6.02 -8.88 14.30
N LEU C 248 6.98 -8.01 14.03
CA LEU C 248 8.35 -8.37 14.21
C LEU C 248 8.67 -8.54 15.67
N VAL C 249 8.37 -7.53 16.47
CA VAL C 249 8.65 -7.57 17.91
C VAL C 249 8.01 -8.79 18.57
N GLU C 250 6.76 -9.08 18.22
CA GLU C 250 6.01 -10.20 18.80
C GLU C 250 6.63 -11.56 18.53
N ALA C 251 7.20 -11.75 17.34
CA ALA C 251 7.72 -13.07 16.93
C ALA C 251 9.25 -13.19 16.89
N LEU C 252 9.97 -12.12 17.21
CA LEU C 252 11.42 -12.14 17.19
C LEU C 252 11.97 -13.17 18.21
N PRO C 253 12.74 -14.17 17.76
CA PRO C 253 13.28 -15.22 18.67
C PRO C 253 14.39 -14.71 19.62
N ASN D 28 27.80 23.64 -28.22
CA ASN D 28 27.20 22.50 -29.01
C ASN D 28 26.44 21.53 -28.09
N ARG D 29 25.57 22.08 -27.26
CA ARG D 29 24.73 21.30 -26.35
C ARG D 29 23.45 20.82 -27.04
N HIS D 30 22.95 19.68 -26.58
CA HIS D 30 21.69 19.12 -27.08
C HIS D 30 20.86 18.54 -25.96
N PHE D 31 19.56 18.78 -26.02
CA PHE D 31 18.67 18.33 -24.97
C PHE D 31 17.49 17.58 -25.54
N ILE D 32 16.95 16.69 -24.71
CA ILE D 32 15.72 16.00 -25.01
C ILE D 32 14.69 16.53 -24.01
N ASP D 33 13.51 16.86 -24.51
CA ASP D 33 12.42 17.36 -23.68
C ASP D 33 12.10 16.25 -22.68
N ALA D 34 12.29 16.54 -21.40
CA ALA D 34 12.06 15.55 -20.37
C ALA D 34 11.55 16.17 -19.07
N ASP D 35 11.10 15.30 -18.17
CA ASP D 35 10.46 15.67 -16.94
C ASP D 35 11.23 14.97 -15.80
N PRO D 36 11.86 15.69 -14.88
CA PRO D 36 11.57 17.09 -14.54
C PRO D 36 12.58 18.09 -15.07
N TYR D 37 13.55 17.65 -15.88
CA TYR D 37 14.50 18.57 -16.45
C TYR D 37 14.94 18.08 -17.81
N PRO D 38 15.32 19.02 -18.69
CA PRO D 38 15.76 18.65 -20.04
C PRO D 38 17.03 17.81 -19.97
N TRP D 39 17.03 16.69 -20.67
CA TRP D 39 18.07 15.66 -20.50
C TRP D 39 19.02 15.58 -21.71
N PRO D 40 20.33 15.39 -21.52
CA PRO D 40 20.97 15.23 -20.21
C PRO D 40 21.17 16.56 -19.54
N TYR D 41 21.41 16.53 -18.25
CA TYR D 41 21.46 17.75 -17.44
C TYR D 41 22.39 18.84 -18.01
N ASN D 42 23.51 18.45 -18.62
CA ASN D 42 24.51 19.40 -19.10
C ASN D 42 24.52 19.49 -20.62
N GLY D 43 23.55 18.87 -21.29
CA GLY D 43 23.47 18.93 -22.73
C GLY D 43 24.58 18.22 -23.51
N ALA D 44 25.41 17.43 -22.84
CA ALA D 44 26.53 16.75 -23.50
C ALA D 44 26.02 15.41 -24.04
N LEU D 45 25.25 15.49 -25.10
CA LEU D 45 24.58 14.34 -25.69
C LEU D 45 25.19 14.07 -27.05
N ARG D 46 25.97 13.00 -27.13
CA ARG D 46 26.67 12.61 -28.35
C ARG D 46 26.62 11.10 -28.54
N PRO D 47 26.79 10.64 -29.79
CA PRO D 47 26.90 9.20 -30.03
C PRO D 47 28.00 8.51 -29.26
N ASP D 48 29.15 9.17 -29.09
CA ASP D 48 30.30 8.51 -28.44
C ASP D 48 30.15 8.33 -26.93
N ASN D 49 29.31 9.13 -26.26
CA ASN D 49 29.20 9.06 -24.79
C ASN D 49 27.82 8.67 -24.29
N THR D 50 27.00 8.12 -25.18
CA THR D 50 25.60 7.83 -24.86
C THR D 50 25.26 6.42 -25.34
N ALA D 51 24.61 5.64 -24.47
CA ALA D 51 24.16 4.30 -24.81
C ALA D 51 22.68 4.15 -24.59
N LEU D 52 22.05 3.40 -25.46
CA LEU D 52 20.73 2.84 -25.20
C LEU D 52 20.94 1.51 -24.52
N ILE D 53 20.16 1.24 -23.48
CA ILE D 53 20.13 -0.08 -22.87
C ILE D 53 18.70 -0.63 -22.97
N ILE D 54 18.58 -1.82 -23.56
CA ILE D 54 17.30 -2.51 -23.68
C ILE D 54 17.34 -3.67 -22.67
N ILE D 55 16.57 -3.51 -21.60
CA ILE D 55 16.64 -4.41 -20.47
C ILE D 55 15.65 -5.56 -20.56
N ASP D 56 16.18 -6.77 -20.65
CA ASP D 56 15.44 -8.01 -20.41
C ASP D 56 14.20 -8.19 -21.28
N MET D 57 14.27 -7.79 -22.55
CA MET D 57 13.18 -8.04 -23.49
C MET D 57 13.33 -9.48 -24.01
N GLN D 58 12.97 -10.40 -23.13
CA GLN D 58 13.10 -11.83 -23.31
C GLN D 58 11.72 -12.44 -23.27
N THR D 59 11.57 -13.58 -23.91
CA THR D 59 10.28 -14.30 -23.90
C THR D 59 9.84 -14.64 -22.47
N ASP D 60 10.79 -14.91 -21.57
CA ASP D 60 10.45 -15.21 -20.19
C ASP D 60 9.69 -14.07 -19.50
N PHE D 61 9.95 -12.84 -19.91
CA PHE D 61 9.31 -11.68 -19.29
C PHE D 61 8.15 -11.10 -20.06
N CYS D 62 8.02 -11.41 -21.36
CA CYS D 62 6.91 -10.85 -22.13
C CYS D 62 6.20 -11.79 -23.12
N GLY D 63 6.55 -13.07 -23.16
CA GLY D 63 6.00 -14.00 -24.15
C GLY D 63 5.26 -15.14 -23.51
N LYS D 64 4.38 -15.75 -24.28
CA LYS D 64 3.58 -16.88 -23.80
C LYS D 64 4.44 -18.10 -23.49
N GLY D 65 4.15 -18.77 -22.39
CA GLY D 65 4.88 -19.95 -21.91
C GLY D 65 6.01 -19.65 -20.96
N GLY D 66 6.43 -18.38 -20.86
CA GLY D 66 7.56 -17.97 -20.03
C GLY D 66 7.26 -17.76 -18.55
N TYR D 67 8.27 -17.26 -17.84
CA TYR D 67 8.23 -17.01 -16.40
C TYR D 67 7.05 -16.13 -15.98
N VAL D 68 6.94 -14.95 -16.62
CA VAL D 68 5.89 -14.00 -16.29
C VAL D 68 4.50 -14.59 -16.62
N ASP D 69 4.39 -15.29 -17.74
CA ASP D 69 3.14 -15.92 -18.11
C ASP D 69 2.69 -16.96 -17.07
N HIS D 70 3.65 -17.74 -16.58
CA HIS D 70 3.40 -18.75 -15.57
C HIS D 70 2.83 -18.19 -14.31
N MET D 71 3.21 -16.96 -13.98
CA MET D 71 2.71 -16.29 -12.78
C MET D 71 1.32 -15.71 -12.97
N GLY D 72 0.84 -15.67 -14.20
CA GLY D 72 -0.51 -15.25 -14.53
C GLY D 72 -0.67 -13.75 -14.75
N TYR D 73 0.44 -13.05 -14.99
CA TYR D 73 0.38 -11.62 -15.23
C TYR D 73 -0.01 -11.32 -16.67
N ASP D 74 -0.44 -10.11 -16.90
CA ASP D 74 -1.05 -9.74 -18.16
C ASP D 74 0.06 -9.37 -19.15
N LEU D 75 0.31 -10.25 -20.09
CA LEU D 75 1.39 -10.04 -21.06
C LEU D 75 1.27 -8.78 -21.92
N SER D 76 0.07 -8.26 -22.12
CA SER D 76 -0.06 -7.03 -22.92
C SER D 76 0.63 -5.82 -22.27
N LEU D 77 0.66 -5.78 -20.94
CA LEU D 77 1.38 -4.70 -20.24
C LEU D 77 2.89 -4.68 -20.57
N VAL D 78 3.47 -5.85 -20.67
CA VAL D 78 4.90 -5.99 -20.96
C VAL D 78 5.21 -6.08 -22.44
N GLN D 79 4.21 -6.32 -23.28
CA GLN D 79 4.38 -6.31 -24.74
C GLN D 79 4.20 -4.92 -25.33
N ALA D 80 3.44 -4.07 -24.63
CA ALA D 80 3.19 -2.70 -25.08
C ALA D 80 4.44 -1.91 -25.49
N PRO D 81 5.54 -2.05 -24.74
CA PRO D 81 6.76 -1.31 -25.11
C PRO D 81 7.57 -1.82 -26.30
N ILE D 82 7.23 -2.96 -26.88
CA ILE D 82 8.04 -3.51 -27.96
C ILE D 82 8.18 -2.54 -29.17
N GLU D 83 7.08 -2.03 -29.71
CA GLU D 83 7.16 -1.18 -30.90
C GLU D 83 7.83 0.17 -30.64
N PRO D 84 7.55 0.80 -29.47
CA PRO D 84 8.30 1.99 -29.14
C PRO D 84 9.80 1.79 -28.98
N ILE D 85 10.23 0.68 -28.37
CA ILE D 85 11.67 0.40 -28.24
C ILE D 85 12.25 0.19 -29.64
N LYS D 86 11.50 -0.50 -30.49
CA LYS D 86 11.91 -0.73 -31.88
C LYS D 86 12.25 0.54 -32.60
N ARG D 87 11.42 1.56 -32.42
CA ARG D 87 11.64 2.84 -33.05
C ARG D 87 12.85 3.56 -32.52
N VAL D 88 13.05 3.51 -31.19
CA VAL D 88 14.21 4.14 -30.55
C VAL D 88 15.48 3.41 -30.97
N LEU D 89 15.42 2.08 -31.00
CA LEU D 89 16.55 1.26 -31.42
C LEU D 89 16.99 1.59 -32.83
N ALA D 90 16.04 1.66 -33.75
CA ALA D 90 16.33 1.93 -35.16
C ALA D 90 16.99 3.28 -35.33
N ALA D 91 16.48 4.29 -34.64
CA ALA D 91 17.02 5.64 -34.70
C ALA D 91 18.42 5.75 -34.13
N MET D 92 18.65 5.10 -32.98
CA MET D 92 19.95 5.17 -32.35
C MET D 92 20.99 4.35 -33.08
N ARG D 93 20.59 3.22 -33.66
CA ARG D 93 21.48 2.46 -34.55
C ARG D 93 21.88 3.30 -35.75
N ALA D 94 20.91 3.96 -36.38
CA ALA D 94 21.20 4.76 -37.57
C ALA D 94 22.18 5.89 -37.27
N LYS D 95 22.13 6.42 -36.05
CA LYS D 95 23.04 7.52 -35.70
C LYS D 95 24.33 7.12 -34.98
N GLY D 96 24.65 5.82 -34.95
CA GLY D 96 25.88 5.32 -34.36
C GLY D 96 26.01 5.36 -32.85
N TYR D 97 24.89 5.37 -32.11
CA TYR D 97 24.95 5.32 -30.64
C TYR D 97 25.28 3.91 -30.16
N HIS D 98 25.92 3.80 -29.00
CA HIS D 98 26.21 2.50 -28.40
C HIS D 98 24.90 1.86 -27.99
N ILE D 99 24.75 0.58 -28.31
CA ILE D 99 23.54 -0.15 -27.99
C ILE D 99 23.93 -1.32 -27.07
N ILE D 100 23.24 -1.40 -25.93
CA ILE D 100 23.45 -2.49 -24.96
C ILE D 100 22.14 -3.23 -24.74
N HIS D 101 22.21 -4.56 -24.66
CA HIS D 101 21.04 -5.40 -24.34
C HIS D 101 21.34 -6.17 -23.05
N THR D 102 20.31 -6.47 -22.26
CA THR D 102 20.49 -7.34 -21.09
C THR D 102 19.57 -8.54 -21.15
N ARG D 103 20.00 -9.61 -20.47
CA ARG D 103 19.23 -10.82 -20.27
C ARG D 103 19.41 -11.25 -18.86
N GLU D 104 18.31 -11.32 -18.11
CA GLU D 104 18.36 -11.91 -16.80
C GLU D 104 18.31 -13.41 -16.98
N GLY D 105 19.18 -14.12 -16.29
CA GLY D 105 19.21 -15.57 -16.41
C GLY D 105 20.29 -16.22 -15.63
N HIS D 106 20.26 -17.54 -15.64
CA HIS D 106 21.15 -18.34 -14.83
C HIS D 106 21.88 -19.39 -15.61
N ARG D 107 23.10 -19.66 -15.17
CA ARG D 107 23.89 -20.77 -15.69
C ARG D 107 23.08 -22.05 -15.59
N PRO D 108 23.22 -22.95 -16.58
CA PRO D 108 22.50 -24.25 -16.53
C PRO D 108 22.72 -25.06 -15.24
N ASP D 109 23.87 -24.95 -14.62
CA ASP D 109 24.11 -25.60 -13.33
C ASP D 109 23.51 -24.83 -12.11
N LEU D 110 22.92 -23.66 -12.36
CA LEU D 110 22.31 -22.82 -11.32
C LEU D 110 23.28 -22.36 -10.20
N ALA D 111 24.56 -22.28 -10.50
CA ALA D 111 25.54 -21.84 -9.49
C ALA D 111 25.37 -20.37 -9.10
N ASP D 112 24.80 -19.58 -9.99
CA ASP D 112 24.59 -18.15 -9.75
C ASP D 112 23.17 -17.83 -9.31
N LEU D 113 22.45 -18.83 -8.81
CA LEU D 113 21.04 -18.66 -8.45
C LEU D 113 20.87 -18.70 -6.95
N PRO D 114 20.58 -17.56 -6.32
CA PRO D 114 20.38 -17.59 -4.86
C PRO D 114 19.24 -18.50 -4.45
N ALA D 115 19.40 -19.15 -3.30
CA ALA D 115 18.41 -20.11 -2.83
C ALA D 115 17.05 -19.46 -2.60
N ASN D 116 17.03 -18.24 -2.04
CA ASN D 116 15.75 -17.54 -1.84
C ASN D 116 15.05 -17.22 -3.16
N LYS D 117 15.79 -16.76 -4.16
CA LYS D 117 15.22 -16.42 -5.46
C LYS D 117 14.58 -17.65 -6.09
N ARG D 118 15.28 -18.77 -6.04
CA ARG D 118 14.76 -20.01 -6.60
C ARG D 118 13.49 -20.46 -5.86
N TRP D 119 13.56 -20.50 -4.54
CA TRP D 119 12.42 -20.94 -3.74
C TRP D 119 11.15 -20.13 -3.99
N ARG D 120 11.29 -18.79 -4.08
CA ARG D 120 10.15 -17.92 -4.35
C ARG D 120 9.50 -18.24 -5.68
N SER D 121 10.32 -18.47 -6.69
CA SER D 121 9.83 -18.76 -8.02
C SER D 121 9.12 -20.13 -8.08
N GLN D 122 9.62 -21.10 -7.31
CA GLN D 122 8.98 -22.41 -7.23
C GLN D 122 7.65 -22.35 -6.47
N ARG D 123 7.62 -21.59 -5.39
CA ARG D 123 6.41 -21.43 -4.59
C ARG D 123 5.19 -20.95 -5.39
N ILE D 124 5.41 -20.08 -6.36
CA ILE D 124 4.32 -19.57 -7.21
C ILE D 124 4.18 -20.25 -8.55
N GLY D 125 4.77 -21.43 -8.69
CA GLY D 125 4.63 -22.26 -9.89
C GLY D 125 5.36 -21.76 -11.12
N ALA D 126 6.50 -21.08 -10.95
CA ALA D 126 7.27 -20.59 -12.09
C ALA D 126 8.75 -20.74 -11.79
N GLY D 127 9.11 -21.93 -11.36
CA GLY D 127 10.43 -22.24 -10.82
C GLY D 127 11.56 -22.04 -11.80
N ILE D 128 12.55 -21.23 -11.41
CA ILE D 128 13.70 -20.97 -12.24
C ILE D 128 14.46 -22.29 -12.37
N GLY D 129 14.80 -22.65 -13.61
CA GLY D 129 15.46 -23.93 -13.87
C GLY D 129 14.51 -25.07 -14.18
N ASP D 130 13.25 -24.95 -13.79
CA ASP D 130 12.27 -25.98 -14.06
C ASP D 130 11.83 -25.89 -15.51
N PRO D 131 11.50 -27.05 -16.10
CA PRO D 131 11.08 -27.06 -17.50
C PRO D 131 9.66 -26.52 -17.71
N GLY D 132 9.47 -25.75 -18.77
CA GLY D 132 8.19 -25.24 -19.18
C GLY D 132 8.07 -25.31 -20.71
N PRO D 133 7.04 -24.71 -21.28
CA PRO D 133 6.85 -24.70 -22.73
C PRO D 133 7.96 -24.00 -23.53
N CYS D 134 8.68 -23.08 -22.92
CA CYS D 134 9.80 -22.44 -23.60
C CYS D 134 11.19 -22.98 -23.20
N GLY D 135 11.19 -24.14 -22.53
CA GLY D 135 12.41 -24.67 -21.94
C GLY D 135 12.53 -24.33 -20.48
N ARG D 136 13.74 -24.48 -19.95
CA ARG D 136 14.01 -24.24 -18.54
C ARG D 136 13.91 -22.74 -18.26
N ILE D 137 13.11 -22.41 -17.25
CA ILE D 137 12.76 -21.02 -16.97
C ILE D 137 13.99 -20.22 -16.54
N LEU D 138 14.20 -19.10 -17.21
CA LEU D 138 15.28 -18.16 -16.93
C LEU D 138 16.66 -18.83 -16.86
N THR D 139 16.87 -19.81 -17.72
CA THR D 139 18.10 -20.56 -17.77
C THR D 139 18.76 -20.25 -19.10
N ARG D 140 20.01 -19.85 -19.01
CA ARG D 140 20.81 -19.48 -20.16
C ARG D 140 20.91 -20.61 -21.16
N GLY D 141 20.82 -20.26 -22.43
CA GLY D 141 20.80 -21.20 -23.55
C GLY D 141 19.42 -21.70 -23.93
N GLU D 142 18.38 -21.38 -23.15
CA GLU D 142 17.04 -21.86 -23.44
C GLU D 142 16.27 -20.86 -24.28
N PRO D 143 15.35 -21.36 -25.13
CA PRO D 143 14.60 -20.48 -26.02
C PRO D 143 13.83 -19.36 -25.31
N GLY D 144 13.18 -19.69 -24.20
CA GLY D 144 12.41 -18.70 -23.45
C GLY D 144 13.23 -17.56 -22.90
N TRP D 145 14.49 -17.87 -22.56
CA TRP D 145 15.40 -16.91 -21.98
C TRP D 145 15.95 -15.91 -22.99
N ASP D 146 16.00 -16.25 -24.27
CA ASP D 146 16.64 -15.37 -25.24
C ASP D 146 15.81 -14.11 -25.50
N ILE D 147 16.51 -13.09 -25.99
CA ILE D 147 15.90 -11.86 -26.44
C ILE D 147 14.91 -12.12 -27.56
N ILE D 148 13.77 -11.44 -27.50
CA ILE D 148 12.71 -11.61 -28.51
C ILE D 148 13.22 -11.18 -29.91
N PRO D 149 12.75 -11.85 -30.96
CA PRO D 149 13.20 -11.57 -32.33
C PRO D 149 13.06 -10.11 -32.75
N GLU D 150 12.04 -9.42 -32.24
CA GLU D 150 11.75 -8.04 -32.64
C GLU D 150 12.84 -7.05 -32.25
N LEU D 151 13.57 -7.36 -31.18
CA LEU D 151 14.60 -6.49 -30.66
C LEU D 151 15.93 -7.21 -30.55
N TYR D 152 16.20 -8.09 -31.51
CA TYR D 152 17.41 -8.90 -31.42
C TYR D 152 18.68 -8.06 -31.67
N PRO D 153 19.75 -8.39 -30.99
CA PRO D 153 21.01 -7.65 -31.15
C PRO D 153 21.67 -7.94 -32.49
N ILE D 154 22.44 -6.98 -32.96
CA ILE D 154 23.28 -7.14 -34.13
C ILE D 154 24.74 -6.98 -33.68
N GLU D 155 25.66 -7.33 -34.57
CA GLU D 155 27.08 -7.35 -34.26
C GLU D 155 27.53 -5.98 -33.78
N GLY D 156 28.35 -5.98 -32.74
CA GLY D 156 28.88 -4.76 -32.17
C GLY D 156 28.02 -4.20 -31.05
N GLU D 157 26.97 -4.92 -30.65
CA GLU D 157 26.10 -4.46 -29.59
C GLU D 157 26.25 -5.41 -28.41
N THR D 158 26.60 -4.84 -27.26
CA THR D 158 27.04 -5.62 -26.14
C THR D 158 25.83 -6.23 -25.42
N ILE D 159 25.93 -7.51 -25.10
CA ILE D 159 24.91 -8.18 -24.32
C ILE D 159 25.44 -8.47 -22.95
N ILE D 160 24.69 -8.05 -21.94
CA ILE D 160 25.01 -8.31 -20.54
C ILE D 160 24.13 -9.44 -20.06
N ASP D 161 24.75 -10.53 -19.59
CA ASP D 161 24.03 -11.63 -18.96
C ASP D 161 24.16 -11.49 -17.49
N LYS D 162 23.01 -11.36 -16.81
CA LYS D 162 23.02 -11.00 -15.39
C LYS D 162 22.19 -11.97 -14.59
N PRO D 163 22.66 -12.33 -13.39
CA PRO D 163 21.92 -13.23 -12.50
C PRO D 163 20.98 -12.51 -11.55
N GLY D 164 20.97 -11.16 -11.58
CA GLY D 164 20.07 -10.36 -10.74
C GLY D 164 19.21 -9.43 -11.57
N LYS D 165 18.49 -8.58 -10.87
CA LYS D 165 17.63 -7.57 -11.47
C LYS D 165 18.47 -6.40 -11.91
N GLY D 166 19.41 -5.97 -11.06
CA GLY D 166 20.30 -4.89 -11.42
C GLY D 166 21.34 -5.35 -12.44
N SER D 167 21.56 -4.53 -13.47
CA SER D 167 22.52 -4.87 -14.52
C SER D 167 23.98 -4.67 -14.14
N PHE D 168 24.25 -4.00 -13.04
CA PHE D 168 25.64 -3.82 -12.55
C PHE D 168 26.09 -4.97 -11.67
N CYS D 169 25.19 -5.50 -10.83
CA CYS D 169 25.53 -6.57 -9.91
C CYS D 169 26.05 -7.85 -10.60
N ALA D 170 27.29 -8.19 -10.32
CA ALA D 170 27.95 -9.44 -10.77
C ALA D 170 28.07 -9.55 -12.28
N THR D 171 28.27 -8.41 -12.94
CA THR D 171 28.45 -8.34 -14.40
C THR D 171 29.67 -7.49 -14.75
N ASP D 172 29.95 -7.43 -16.04
CA ASP D 172 30.97 -6.55 -16.58
C ASP D 172 30.43 -5.22 -17.16
N LEU D 173 29.21 -4.81 -16.76
CA LEU D 173 28.60 -3.64 -17.35
C LEU D 173 29.41 -2.40 -17.06
N GLU D 174 29.80 -2.23 -15.79
CA GLU D 174 30.54 -1.04 -15.41
C GLU D 174 31.86 -0.95 -16.18
N LEU D 175 32.56 -2.07 -16.25
CA LEU D 175 33.80 -2.14 -17.00
C LEU D 175 33.62 -1.71 -18.46
N VAL D 176 32.62 -2.29 -19.13
CA VAL D 176 32.30 -1.97 -20.51
C VAL D 176 31.96 -0.49 -20.68
N LEU D 177 31.12 0.05 -19.79
CA LEU D 177 30.73 1.46 -19.89
C LEU D 177 31.94 2.36 -19.78
N ASN D 178 32.83 2.06 -18.82
CA ASN D 178 34.01 2.88 -18.60
C ASN D 178 35.01 2.79 -19.77
N GLN D 179 35.15 1.63 -20.40
CA GLN D 179 36.09 1.53 -21.54
C GLN D 179 35.61 2.39 -22.70
N LYS D 180 34.29 2.40 -22.91
CA LYS D 180 33.66 3.20 -23.94
C LYS D 180 33.45 4.66 -23.55
N ARG D 181 33.74 5.01 -22.32
CA ARG D 181 33.56 6.35 -21.77
C ARG D 181 32.14 6.83 -21.93
N ILE D 182 31.18 5.96 -21.57
CA ILE D 182 29.78 6.31 -21.63
C ILE D 182 29.41 7.12 -20.39
N GLU D 183 28.72 8.24 -20.60
CA GLU D 183 28.25 9.09 -19.51
C GLU D 183 26.73 9.05 -19.36
N ASN D 184 26.03 8.93 -20.48
CA ASN D 184 24.57 9.01 -20.55
C ASN D 184 23.99 7.67 -20.91
N ILE D 185 22.93 7.26 -20.22
CA ILE D 185 22.24 6.01 -20.50
C ILE D 185 20.76 6.26 -20.71
N ILE D 186 20.23 5.73 -21.79
CA ILE D 186 18.81 5.77 -22.05
C ILE D 186 18.25 4.39 -21.75
N LEU D 187 17.38 4.30 -20.74
CA LEU D 187 16.83 3.02 -20.29
C LEU D 187 15.44 2.69 -20.88
N THR D 188 15.33 1.46 -21.37
CA THR D 188 14.11 0.89 -21.88
C THR D 188 14.07 -0.57 -21.42
N GLY D 189 12.92 -1.20 -21.59
CA GLY D 189 12.77 -2.62 -21.32
C GLY D 189 11.82 -2.92 -20.19
N ILE D 190 11.91 -4.15 -19.69
CA ILE D 190 10.98 -4.66 -18.69
C ILE D 190 11.70 -5.42 -17.57
N THR D 191 11.11 -5.51 -16.37
CA THR D 191 9.92 -4.74 -15.99
C THR D 191 10.35 -3.43 -15.35
N THR D 192 9.47 -2.44 -15.47
CA THR D 192 9.75 -1.06 -15.09
C THR D 192 10.23 -0.94 -13.64
N ASP D 193 9.53 -1.62 -12.74
CA ASP D 193 9.76 -1.52 -11.33
C ASP D 193 10.79 -2.51 -10.77
N VAL D 194 11.24 -3.46 -11.60
CA VAL D 194 12.16 -4.48 -11.11
C VAL D 194 13.52 -4.26 -11.76
N SER D 195 13.81 -4.89 -12.90
CA SER D 195 15.11 -4.76 -13.54
C SER D 195 15.41 -3.36 -14.05
N VAL D 196 14.43 -2.69 -14.65
CA VAL D 196 14.68 -1.38 -15.21
C VAL D 196 15.03 -0.38 -14.10
N SER D 197 14.20 -0.35 -13.06
CA SER D 197 14.38 0.58 -11.97
C SER D 197 15.68 0.27 -11.21
N THR D 198 15.95 -0.99 -10.96
CA THR D 198 17.15 -1.36 -10.22
C THR D 198 18.40 -0.94 -10.99
N THR D 199 18.40 -1.19 -12.30
CA THR D 199 19.53 -0.81 -13.15
C THR D 199 19.74 0.72 -13.14
N MET D 200 18.63 1.46 -13.20
CA MET D 200 18.70 2.92 -13.16
C MET D 200 19.28 3.44 -11.86
N ARG D 201 18.86 2.84 -10.74
CA ARG D 201 19.36 3.22 -9.44
C ARG D 201 20.88 2.96 -9.32
N GLU D 202 21.32 1.78 -9.76
CA GLU D 202 22.73 1.43 -9.80
C GLU D 202 23.54 2.42 -10.61
N ALA D 203 23.07 2.67 -11.83
CA ALA D 203 23.75 3.57 -12.76
C ALA D 203 23.83 4.98 -12.17
N ASN D 204 22.69 5.47 -11.69
CA ASN D 204 22.64 6.80 -11.10
C ASN D 204 23.59 6.95 -9.90
N ASP D 205 23.62 5.94 -9.02
CA ASP D 205 24.50 6.00 -7.85
C ASP D 205 25.98 6.17 -8.23
N ARG D 206 26.37 5.62 -9.39
CA ARG D 206 27.74 5.67 -9.89
C ARG D 206 28.07 6.90 -10.75
N GLY D 207 27.11 7.79 -10.93
CA GLY D 207 27.34 9.05 -11.61
C GLY D 207 26.86 9.09 -13.05
N TYR D 208 26.29 8.00 -13.56
CA TYR D 208 25.74 7.99 -14.92
C TYR D 208 24.48 8.84 -14.97
N GLU D 209 24.25 9.43 -16.14
CA GLU D 209 23.13 10.34 -16.34
C GLU D 209 22.08 9.60 -17.13
N CYS D 210 20.94 9.33 -16.51
CA CYS D 210 19.98 8.39 -17.07
C CYS D 210 18.66 9.01 -17.48
N LEU D 211 18.13 8.53 -18.59
CA LEU D 211 16.81 8.92 -19.09
C LEU D 211 15.95 7.69 -19.18
N LEU D 212 14.80 7.71 -18.51
CA LEU D 212 13.84 6.61 -18.58
C LEU D 212 12.77 6.97 -19.60
N LEU D 213 12.58 6.10 -20.59
CA LEU D 213 11.55 6.31 -21.60
C LEU D 213 10.28 5.57 -21.19
N GLU D 214 9.29 6.33 -20.74
CA GLU D 214 8.10 5.77 -20.07
C GLU D 214 7.23 4.89 -20.96
N ASP D 215 7.17 5.18 -22.25
CA ASP D 215 6.41 4.31 -23.15
C ASP D 215 7.25 3.12 -23.65
N CYS D 216 8.52 3.07 -23.25
CA CYS D 216 9.36 1.94 -23.61
C CYS D 216 9.62 0.97 -22.44
N CYS D 217 8.79 1.02 -21.41
N CYS D 217 8.79 1.02 -21.41
CA CYS D 217 8.83 0.03 -20.36
CA CYS D 217 8.83 0.03 -20.36
C CYS D 217 7.43 -0.39 -20.01
C CYS D 217 7.43 -0.39 -20.01
N GLY D 218 7.32 -1.49 -19.26
CA GLY D 218 6.05 -2.03 -18.81
C GLY D 218 6.29 -2.95 -17.63
N ALA D 219 5.26 -3.21 -16.84
CA ALA D 219 5.40 -4.02 -15.64
C ALA D 219 4.30 -5.05 -15.46
N THR D 220 4.46 -5.88 -14.42
CA THR D 220 3.46 -6.85 -14.02
C THR D 220 2.19 -6.22 -13.42
N ASP D 221 2.30 -4.96 -13.00
CA ASP D 221 1.18 -4.18 -12.45
C ASP D 221 1.32 -2.76 -12.98
N TYR D 222 0.28 -2.26 -13.62
CA TYR D 222 0.36 -0.97 -14.31
C TYR D 222 0.56 0.20 -13.33
N GLY D 223 0.00 0.10 -12.13
CA GLY D 223 0.20 1.13 -11.13
C GLY D 223 1.65 1.17 -10.62
N ASN D 224 2.26 0.00 -10.47
CA ASN D 224 3.68 -0.09 -10.10
C ASN D 224 4.56 0.50 -11.20
N HIS D 225 4.17 0.28 -12.45
CA HIS D 225 4.86 0.88 -13.59
C HIS D 225 4.83 2.41 -13.49
N LEU D 226 3.64 2.98 -13.28
CA LEU D 226 3.51 4.44 -13.14
C LEU D 226 4.26 4.99 -11.95
N ALA D 227 4.22 4.26 -10.84
CA ALA D 227 4.91 4.66 -9.63
C ALA D 227 6.45 4.67 -9.78
N ALA D 228 7.00 3.62 -10.39
CA ALA D 228 8.45 3.57 -10.68
C ALA D 228 8.91 4.77 -11.51
N ILE D 229 8.07 5.17 -12.47
CA ILE D 229 8.32 6.36 -13.27
C ILE D 229 8.28 7.63 -12.45
N LYS D 230 7.26 7.78 -11.59
CA LYS D 230 7.15 8.98 -10.76
C LYS D 230 8.29 9.08 -9.76
N MET D 231 8.77 7.95 -9.27
CA MET D 231 9.90 7.92 -8.35
C MET D 231 11.15 8.60 -8.91
N VAL D 232 11.37 8.51 -10.22
CA VAL D 232 12.49 9.15 -10.88
C VAL D 232 12.47 10.67 -10.73
N LYS D 233 11.27 11.22 -10.79
CA LYS D 233 11.07 12.66 -10.89
C LYS D 233 11.23 13.44 -9.60
N MET D 234 11.08 12.77 -8.46
CA MET D 234 11.07 13.45 -7.17
C MET D 234 12.46 14.10 -6.90
N GLN D 235 12.44 15.09 -6.02
CA GLN D 235 13.66 15.77 -5.58
C GLN D 235 14.46 16.38 -6.75
N GLY D 236 13.77 16.86 -7.78
CA GLY D 236 14.42 17.50 -8.93
C GLY D 236 15.11 16.51 -9.87
N GLY D 237 14.65 15.27 -9.84
CA GLY D 237 15.15 14.21 -10.72
C GLY D 237 16.12 13.30 -10.02
N VAL D 238 15.69 12.70 -8.92
CA VAL D 238 16.58 11.92 -8.04
C VAL D 238 17.33 10.79 -8.75
N PHE D 239 16.70 10.14 -9.73
CA PHE D 239 17.34 9.08 -10.52
C PHE D 239 17.68 9.46 -11.93
N GLY D 240 17.34 10.69 -12.33
CA GLY D 240 17.52 11.15 -13.69
C GLY D 240 16.25 11.86 -14.16
N SER D 241 15.88 11.62 -15.41
CA SER D 241 14.72 12.28 -15.99
C SER D 241 13.92 11.30 -16.83
N VAL D 242 12.71 11.72 -17.22
CA VAL D 242 11.77 10.86 -17.92
C VAL D 242 11.29 11.51 -19.22
N SER D 243 11.30 10.73 -20.29
CA SER D 243 10.77 11.18 -21.57
C SER D 243 10.01 10.05 -22.24
N ASN D 244 9.83 10.15 -23.55
CA ASN D 244 9.13 9.11 -24.30
C ASN D 244 9.80 8.91 -25.65
N SER D 245 9.39 7.86 -26.35
CA SER D 245 10.06 7.46 -27.60
C SER D 245 9.97 8.52 -28.68
N ALA D 246 8.83 9.19 -28.81
CA ALA D 246 8.65 10.21 -29.85
C ALA D 246 9.57 11.39 -29.60
N ALA D 247 9.62 11.87 -28.37
CA ALA D 247 10.44 13.02 -28.01
C ALA D 247 11.93 12.72 -28.16
N LEU D 248 12.33 11.48 -27.88
CA LEU D 248 13.71 11.12 -28.05
C LEU D 248 14.08 11.10 -29.51
N VAL D 249 13.31 10.37 -30.31
CA VAL D 249 13.58 10.27 -31.76
C VAL D 249 13.64 11.64 -32.43
N GLU D 250 12.71 12.51 -32.08
CA GLU D 250 12.60 13.86 -32.70
C GLU D 250 13.83 14.73 -32.42
N ALA D 251 14.41 14.62 -31.23
CA ALA D 251 15.51 15.50 -30.83
C ALA D 251 16.90 14.85 -30.76
N LEU D 252 16.98 13.56 -31.05
CA LEU D 252 18.25 12.84 -31.04
C LEU D 252 19.25 13.44 -32.05
N PRO D 253 20.42 13.93 -31.59
CA PRO D 253 21.42 14.57 -32.49
C PRO D 253 22.13 13.57 -33.43
N ARG E 29 -39.63 -26.84 18.11
CA ARG E 29 -40.33 -25.61 18.03
C ARG E 29 -41.21 -25.27 19.21
N HIS E 30 -41.51 -23.99 19.38
CA HIS E 30 -42.38 -23.47 20.43
C HIS E 30 -43.29 -22.38 19.90
N PHE E 31 -44.54 -22.41 20.33
CA PHE E 31 -45.52 -21.47 19.84
C PHE E 31 -46.27 -20.82 20.98
N ILE E 32 -46.76 -19.61 20.70
CA ILE E 32 -47.66 -18.90 21.57
C ILE E 32 -49.01 -18.89 20.85
N ASP E 33 -50.08 -19.21 21.58
CA ASP E 33 -51.44 -19.20 21.03
C ASP E 33 -51.71 -17.76 20.60
N ALA E 34 -51.93 -17.57 19.31
CA ALA E 34 -52.15 -16.24 18.78
C ALA E 34 -53.10 -16.24 17.60
N ASP E 35 -53.52 -15.04 17.22
CA ASP E 35 -54.53 -14.82 16.22
C ASP E 35 -53.93 -13.86 15.17
N PRO E 36 -53.75 -14.26 13.91
CA PRO E 36 -54.45 -15.36 13.26
C PRO E 36 -53.65 -16.63 13.09
N TYR E 37 -52.43 -16.67 13.63
CA TYR E 37 -51.62 -17.87 13.54
C TYR E 37 -50.75 -18.00 14.77
N PRO E 38 -50.42 -19.25 15.13
CA PRO E 38 -49.58 -19.47 16.31
C PRO E 38 -48.20 -18.87 16.09
N TRP E 39 -47.73 -18.11 17.07
CA TRP E 39 -46.54 -17.25 16.90
C TRP E 39 -45.33 -17.78 17.69
N PRO E 40 -44.11 -17.72 17.13
CA PRO E 40 -43.80 -17.17 15.81
C PRO E 40 -44.14 -18.16 14.74
N TYR E 41 -44.23 -17.68 13.51
CA TYR E 41 -44.70 -18.49 12.39
C TYR E 41 -43.99 -19.84 12.25
N ASN E 42 -42.69 -19.89 12.53
CA ASN E 42 -41.87 -21.08 12.33
C ASN E 42 -41.50 -21.76 13.65
N GLY E 43 -42.07 -21.29 14.75
CA GLY E 43 -41.79 -21.88 16.04
C GLY E 43 -40.37 -21.70 16.59
N ALA E 44 -39.55 -20.84 15.96
CA ALA E 44 -38.18 -20.62 16.42
C ALA E 44 -38.18 -19.54 17.50
N LEU E 45 -38.65 -19.91 18.68
CA LEU E 45 -38.84 -18.98 19.78
C LEU E 45 -37.86 -19.33 20.89
N ARG E 46 -36.84 -18.50 21.03
CA ARG E 46 -35.78 -18.70 22.02
C ARG E 46 -35.37 -17.40 22.67
N PRO E 47 -34.78 -17.46 23.88
CA PRO E 47 -34.23 -16.26 24.52
C PRO E 47 -33.22 -15.51 23.66
N ASP E 48 -32.37 -16.23 22.93
CA ASP E 48 -31.29 -15.58 22.18
C ASP E 48 -31.77 -14.81 20.93
N ASN E 49 -32.93 -15.15 20.36
CA ASN E 49 -33.40 -14.52 19.13
C ASN E 49 -34.70 -13.76 19.28
N THR E 50 -35.10 -13.45 20.50
CA THR E 50 -36.40 -12.84 20.76
C THR E 50 -36.24 -11.68 21.74
N ALA E 51 -36.88 -10.55 21.45
CA ALA E 51 -36.83 -9.37 22.32
C ALA E 51 -38.23 -8.92 22.65
N LEU E 52 -38.39 -8.47 23.89
CA LEU E 52 -39.55 -7.67 24.28
C LEU E 52 -39.19 -6.22 24.01
N ILE E 53 -40.13 -5.48 23.42
CA ILE E 53 -39.99 -4.03 23.34
C ILE E 53 -41.15 -3.37 24.07
N ILE E 54 -40.82 -2.49 25.01
CA ILE E 54 -41.81 -1.73 25.76
C ILE E 54 -41.75 -0.30 25.24
N ILE E 55 -42.79 0.07 24.49
CA ILE E 55 -42.80 1.33 23.76
C ILE E 55 -43.40 2.48 24.55
N ASP E 56 -42.56 3.47 24.85
CA ASP E 56 -43.01 4.81 25.29
C ASP E 56 -43.91 4.83 26.51
N MET E 57 -43.61 3.97 27.49
CA MET E 57 -44.34 3.99 28.78
C MET E 57 -43.71 5.08 29.64
N GLN E 58 -44.03 6.33 29.26
CA GLN E 58 -43.51 7.55 29.84
C GLN E 58 -44.64 8.32 30.46
N THR E 59 -44.34 9.16 31.44
CA THR E 59 -45.35 9.99 32.09
C THR E 59 -46.06 10.90 31.06
N ASP E 60 -45.33 11.34 30.04
CA ASP E 60 -45.93 12.17 29.00
C ASP E 60 -47.09 11.50 28.28
N PHE E 61 -47.04 10.18 28.17
CA PHE E 61 -48.09 9.44 27.46
C PHE E 61 -49.12 8.78 28.36
N CYS E 62 -48.83 8.58 29.64
CA CYS E 62 -49.80 7.93 30.51
C CYS E 62 -49.97 8.48 31.93
N GLY E 63 -49.31 9.60 32.28
CA GLY E 63 -49.36 10.15 33.61
C GLY E 63 -49.95 11.54 33.66
N LYS E 64 -50.44 11.92 34.84
CA LYS E 64 -51.00 13.25 35.03
C LYS E 64 -49.96 14.36 34.87
N GLY E 65 -50.35 15.43 34.18
CA GLY E 65 -49.47 16.57 33.93
C GLY E 65 -48.68 16.50 32.63
N GLY E 66 -48.70 15.34 31.98
CA GLY E 66 -47.98 15.15 30.73
C GLY E 66 -48.73 15.55 29.46
N TYR E 67 -48.09 15.23 28.32
CA TYR E 67 -48.57 15.56 26.98
C TYR E 67 -49.98 15.07 26.72
N VAL E 68 -50.20 13.76 26.94
CA VAL E 68 -51.50 13.16 26.68
C VAL E 68 -52.57 13.75 27.62
N ASP E 69 -52.21 13.97 28.89
CA ASP E 69 -53.14 14.56 29.84
C ASP E 69 -53.58 15.98 29.38
N HIS E 70 -52.61 16.76 28.89
CA HIS E 70 -52.85 18.10 28.41
C HIS E 70 -53.84 18.16 27.29
N MET E 71 -53.87 17.11 26.47
CA MET E 71 -54.79 17.05 25.34
C MET E 71 -56.20 16.63 25.76
N GLY E 72 -56.35 16.18 27.01
CA GLY E 72 -57.65 15.88 27.59
C GLY E 72 -58.10 14.46 27.38
N TYR E 73 -57.19 13.56 27.00
CA TYR E 73 -57.54 12.16 26.79
C TYR E 73 -57.59 11.43 28.12
N ASP E 74 -58.27 10.30 28.09
CA ASP E 74 -58.60 9.58 29.31
C ASP E 74 -57.42 8.70 29.66
N LEU E 75 -56.69 9.10 30.71
CA LEU E 75 -55.49 8.38 31.11
C LEU E 75 -55.69 6.92 31.51
N SER E 76 -56.87 6.51 31.91
CA SER E 76 -57.10 5.10 32.26
C SER E 76 -56.94 4.17 31.06
N LEU E 77 -57.26 4.63 29.86
CA LEU E 77 -57.02 3.83 28.64
C LEU E 77 -55.54 3.49 28.44
N VAL E 78 -54.67 4.45 28.70
CA VAL E 78 -53.22 4.26 28.55
C VAL E 78 -52.54 3.70 29.79
N GLN E 79 -53.20 3.75 30.94
CA GLN E 79 -52.69 3.16 32.17
C GLN E 79 -53.05 1.68 32.30
N ALA E 80 -54.15 1.28 31.67
CA ALA E 80 -54.60 -0.11 31.70
C ALA E 80 -53.53 -1.15 31.42
N PRO E 81 -52.65 -0.90 30.43
CA PRO E 81 -51.62 -1.90 30.12
C PRO E 81 -50.43 -1.99 31.07
N ILE E 82 -50.31 -1.10 32.06
CA ILE E 82 -49.14 -1.12 32.94
C ILE E 82 -48.93 -2.47 33.66
N GLU E 83 -49.94 -3.00 34.34
CA GLU E 83 -49.77 -4.22 35.12
C GLU E 83 -49.56 -5.46 34.22
N PRO E 84 -50.28 -5.56 33.09
CA PRO E 84 -49.97 -6.64 32.18
C PRO E 84 -48.55 -6.60 31.58
N ILE E 85 -48.04 -5.42 31.26
CA ILE E 85 -46.66 -5.32 30.75
C ILE E 85 -45.70 -5.72 31.86
N LYS E 86 -46.01 -5.32 33.08
CA LYS E 86 -45.20 -5.66 34.25
C LYS E 86 -45.03 -7.17 34.37
N ARG E 87 -46.10 -7.91 34.17
CA ARG E 87 -46.05 -9.36 34.25
C ARG E 87 -45.23 -9.98 33.15
N VAL E 88 -45.39 -9.46 31.93
CA VAL E 88 -44.62 -9.96 30.77
C VAL E 88 -43.13 -9.62 30.96
N LEU E 89 -42.86 -8.41 31.42
CA LEU E 89 -41.49 -7.97 31.68
C LEU E 89 -40.80 -8.87 32.68
N ALA E 90 -41.48 -9.13 33.80
CA ALA E 90 -40.89 -9.95 34.88
C ALA E 90 -40.56 -11.34 34.39
N ALA E 91 -41.48 -11.93 33.62
CA ALA E 91 -41.28 -13.27 33.06
C ALA E 91 -40.13 -13.34 32.06
N MET E 92 -40.07 -12.36 31.17
CA MET E 92 -39.04 -12.36 30.13
C MET E 92 -37.66 -12.02 30.71
N ARG E 93 -37.61 -11.14 31.72
CA ARG E 93 -36.37 -10.92 32.46
C ARG E 93 -35.88 -12.21 33.11
N ALA E 94 -36.79 -12.91 33.79
CA ALA E 94 -36.43 -14.14 34.50
C ALA E 94 -35.89 -15.20 33.55
N LYS E 95 -36.38 -15.21 32.31
CA LYS E 95 -35.91 -16.21 31.35
C LYS E 95 -34.80 -15.77 30.41
N GLY E 96 -34.15 -14.62 30.70
CA GLY E 96 -33.04 -14.14 29.91
C GLY E 96 -33.32 -13.63 28.49
N TYR E 97 -34.55 -13.18 28.22
CA TYR E 97 -34.86 -12.60 26.90
C TYR E 97 -34.30 -11.18 26.80
N HIS E 98 -33.98 -10.74 25.58
N HIS E 98 -33.97 -10.74 25.59
CA HIS E 98 -33.55 -9.37 25.38
CA HIS E 98 -33.52 -9.36 25.40
C HIS E 98 -34.69 -8.41 25.68
C HIS E 98 -34.68 -8.40 25.67
N ILE E 99 -34.42 -7.35 26.42
CA ILE E 99 -35.44 -6.38 26.77
C ILE E 99 -35.04 -5.03 26.24
N ILE E 100 -35.95 -4.41 25.47
CA ILE E 100 -35.73 -3.08 24.92
C ILE E 100 -36.83 -2.13 25.38
N HIS E 101 -36.46 -0.91 25.72
CA HIS E 101 -37.42 0.15 26.07
C HIS E 101 -37.28 1.31 25.08
N THR E 102 -38.38 2.02 24.81
CA THR E 102 -38.29 3.24 23.99
C THR E 102 -38.83 4.44 24.75
N ARG E 103 -38.33 5.60 24.34
CA ARG E 103 -38.79 6.90 24.82
C ARG E 103 -38.89 7.81 23.63
N GLU E 104 -40.09 8.30 23.35
CA GLU E 104 -40.25 9.34 22.36
C GLU E 104 -39.88 10.65 23.01
N GLY E 105 -39.08 11.44 22.32
CA GLY E 105 -38.66 12.71 22.91
C GLY E 105 -37.67 13.44 22.07
N HIS E 106 -37.39 14.66 22.51
CA HIS E 106 -36.56 15.57 21.74
C HIS E 106 -35.43 16.16 22.52
N ARG E 107 -34.34 16.42 21.83
CA ARG E 107 -33.21 17.15 22.38
C ARG E 107 -33.69 18.47 22.96
N PRO E 108 -33.09 18.92 24.06
CA PRO E 108 -33.41 20.24 24.63
C PRO E 108 -33.33 21.41 23.63
N ASP E 109 -32.41 21.33 22.64
CA ASP E 109 -32.33 22.34 21.62
C ASP E 109 -33.42 22.19 20.51
N LEU E 110 -34.21 21.12 20.56
CA LEU E 110 -35.27 20.82 19.58
C LEU E 110 -34.80 20.71 18.12
N ALA E 111 -33.54 20.34 17.91
CA ALA E 111 -33.02 20.19 16.55
C ALA E 111 -33.64 18.99 15.83
N ASP E 112 -34.12 18.01 16.59
CA ASP E 112 -34.73 16.81 16.03
C ASP E 112 -36.27 16.89 16.00
N LEU E 113 -36.83 18.09 16.12
CA LEU E 113 -38.28 18.27 16.23
C LEU E 113 -38.84 18.90 14.97
N PRO E 114 -39.55 18.13 14.14
CA PRO E 114 -40.13 18.72 12.94
C PRO E 114 -41.06 19.88 13.24
N ALA E 115 -41.05 20.90 12.37
CA ALA E 115 -41.85 22.07 12.59
C ALA E 115 -43.35 21.76 12.63
N ASN E 116 -43.82 20.87 11.75
CA ASN E 116 -45.22 20.47 11.76
C ASN E 116 -45.64 19.79 13.08
N LYS E 117 -44.80 18.87 13.57
CA LYS E 117 -45.09 18.16 14.81
C LYS E 117 -45.21 19.14 15.98
N ARG E 118 -44.28 20.09 16.06
CA ARG E 118 -44.32 21.07 17.11
C ARG E 118 -45.57 21.94 17.03
N TRP E 119 -45.85 22.48 15.85
CA TRP E 119 -47.00 23.35 15.65
C TRP E 119 -48.32 22.70 16.05
N ARG E 120 -48.51 21.44 15.64
CA ARG E 120 -49.73 20.70 15.98
C ARG E 120 -49.93 20.58 17.48
N SER E 121 -48.83 20.29 18.18
CA SER E 121 -48.89 20.11 19.62
C SER E 121 -49.18 21.44 20.33
N GLN E 122 -48.65 22.55 19.80
CA GLN E 122 -48.92 23.88 20.37
C GLN E 122 -50.35 24.32 20.12
N ARG E 123 -50.87 24.04 18.93
CA ARG E 123 -52.23 24.41 18.58
C ARG E 123 -53.28 23.85 19.55
N ILE E 124 -53.07 22.64 20.06
CA ILE E 124 -54.01 22.02 21.00
C ILE E 124 -53.61 22.15 22.47
N GLY E 125 -52.69 23.06 22.77
CA GLY E 125 -52.31 23.34 24.14
C GLY E 125 -51.45 22.30 24.82
N ALA E 126 -50.61 21.58 24.07
CA ALA E 126 -49.71 20.58 24.65
C ALA E 126 -48.38 20.64 23.94
N GLY E 127 -47.86 21.85 23.81
CA GLY E 127 -46.69 22.14 22.99
C GLY E 127 -45.42 21.42 23.41
N ILE E 128 -44.81 20.71 22.46
CA ILE E 128 -43.57 20.01 22.72
C ILE E 128 -42.51 21.06 22.99
N GLY E 129 -41.76 20.89 24.08
CA GLY E 129 -40.74 21.87 24.47
C GLY E 129 -41.27 22.92 25.45
N ASP E 130 -42.59 23.13 25.48
CA ASP E 130 -43.16 24.10 26.37
C ASP E 130 -43.24 23.55 27.78
N PRO E 131 -43.13 24.43 28.77
CA PRO E 131 -43.18 24.02 30.16
C PRO E 131 -44.59 23.60 30.62
N GLY E 132 -44.63 22.55 31.42
CA GLY E 132 -45.84 22.09 32.08
C GLY E 132 -45.51 21.60 33.47
N PRO E 133 -46.47 20.96 34.17
CA PRO E 133 -46.23 20.49 35.53
C PRO E 133 -45.13 19.43 35.68
N CYS E 134 -44.85 18.67 34.62
CA CYS E 134 -43.79 17.69 34.66
C CYS E 134 -42.51 18.12 33.93
N GLY E 135 -42.41 19.42 33.67
CA GLY E 135 -41.28 19.99 32.93
C GLY E 135 -41.66 20.23 31.47
N ARG E 136 -40.62 20.38 30.64
CA ARG E 136 -40.81 20.62 29.23
C ARG E 136 -41.35 19.36 28.55
N ILE E 137 -42.43 19.53 27.82
CA ILE E 137 -43.18 18.41 27.25
C ILE E 137 -42.34 17.68 26.20
N LEU E 138 -42.23 16.37 26.38
CA LEU E 138 -41.53 15.46 25.48
C LEU E 138 -40.11 15.91 25.17
N THR E 139 -39.44 16.45 26.18
CA THR E 139 -38.10 16.97 26.06
C THR E 139 -37.22 16.09 26.92
N ARG E 140 -36.17 15.58 26.30
CA ARG E 140 -35.22 14.68 26.93
C ARG E 140 -34.58 15.34 28.14
N GLY E 141 -34.43 14.55 29.20
CA GLY E 141 -33.93 15.00 30.50
C GLY E 141 -35.00 15.53 31.45
N GLU E 142 -36.24 15.67 30.99
CA GLU E 142 -37.31 16.21 31.84
C GLU E 142 -38.05 15.07 32.54
N PRO E 143 -38.56 15.33 33.75
CA PRO E 143 -39.27 14.29 34.50
C PRO E 143 -40.43 13.63 33.77
N GLY E 144 -41.25 14.45 33.09
CA GLY E 144 -42.42 13.93 32.38
C GLY E 144 -42.06 12.97 31.26
N TRP E 145 -40.90 13.21 30.65
CA TRP E 145 -40.44 12.41 29.54
C TRP E 145 -39.92 11.04 29.93
N ASP E 146 -39.45 10.87 31.17
CA ASP E 146 -38.83 9.60 31.53
C ASP E 146 -39.84 8.45 31.65
N ILE E 147 -39.32 7.25 31.52
CA ILE E 147 -40.09 6.02 31.70
C ILE E 147 -40.66 5.96 33.12
N ILE E 148 -41.91 5.53 33.23
CA ILE E 148 -42.57 5.43 34.54
C ILE E 148 -41.84 4.42 35.46
N PRO E 149 -41.82 4.68 36.77
CA PRO E 149 -41.11 3.80 37.72
C PRO E 149 -41.51 2.34 37.66
N GLU E 150 -42.76 2.06 37.35
CA GLU E 150 -43.29 0.68 37.32
C GLU E 150 -42.63 -0.20 36.29
N LEU E 151 -42.18 0.40 35.19
CA LEU E 151 -41.57 -0.33 34.08
C LEU E 151 -40.17 0.19 33.79
N TYR E 152 -39.44 0.59 34.83
CA TYR E 152 -38.13 1.20 34.63
C TYR E 152 -37.11 0.18 34.16
N PRO E 153 -36.19 0.59 33.28
CA PRO E 153 -35.16 -0.32 32.81
C PRO E 153 -34.14 -0.64 33.89
N ILE E 154 -33.55 -1.82 33.78
CA ILE E 154 -32.43 -2.21 34.61
C ILE E 154 -31.22 -2.39 33.70
N GLU E 155 -30.05 -2.53 34.33
CA GLU E 155 -28.79 -2.63 33.59
C GLU E 155 -28.83 -3.78 32.62
N GLY E 156 -28.31 -3.55 31.42
CA GLY E 156 -28.30 -4.58 30.37
C GLY E 156 -29.49 -4.50 29.45
N GLU E 157 -30.37 -3.52 29.65
CA GLU E 157 -31.57 -3.39 28.81
C GLU E 157 -31.45 -2.13 27.99
N THR E 158 -31.56 -2.26 26.68
CA THR E 158 -31.31 -1.17 25.77
C THR E 158 -32.46 -0.19 25.74
N ILE E 159 -32.12 1.10 25.81
CA ILE E 159 -33.09 2.16 25.67
C ILE E 159 -32.88 2.83 24.32
N ILE E 160 -33.96 2.94 23.56
CA ILE E 160 -33.98 3.67 22.29
C ILE E 160 -34.63 5.02 22.54
N ASP E 161 -33.90 6.10 22.27
CA ASP E 161 -34.46 7.46 22.32
C ASP E 161 -34.77 7.86 20.90
N LYS E 162 -36.04 8.16 20.63
CA LYS E 162 -36.51 8.35 19.27
C LYS E 162 -37.24 9.68 19.13
N PRO E 163 -37.05 10.38 18.03
CA PRO E 163 -37.74 11.64 17.77
C PRO E 163 -39.05 11.48 17.01
N GLY E 164 -39.38 10.22 16.62
CA GLY E 164 -40.62 9.95 15.90
C GLY E 164 -41.44 8.89 16.60
N LYS E 165 -42.52 8.47 15.95
CA LYS E 165 -43.42 7.46 16.47
C LYS E 165 -42.82 6.08 16.21
N GLY E 166 -42.27 5.87 15.02
CA GLY E 166 -41.62 4.63 14.68
C GLY E 166 -40.27 4.52 15.40
N SER E 167 -40.01 3.35 15.99
CA SER E 167 -38.77 3.11 16.73
C SER E 167 -37.58 2.85 15.84
N PHE E 168 -37.78 2.61 14.54
CA PHE E 168 -36.64 2.42 13.60
C PHE E 168 -36.15 3.75 13.02
N CYS E 169 -37.06 4.68 12.74
CA CYS E 169 -36.72 5.97 12.16
C CYS E 169 -35.75 6.78 12.99
N ALA E 170 -34.55 7.02 12.43
CA ALA E 170 -33.52 7.89 13.02
C ALA E 170 -32.98 7.40 14.34
N THR E 171 -32.93 6.08 14.51
CA THR E 171 -32.37 5.43 15.71
C THR E 171 -31.41 4.33 15.34
N ASP E 172 -30.81 3.72 16.35
CA ASP E 172 -29.96 2.54 16.16
C ASP E 172 -30.66 1.21 16.44
N LEU E 173 -32.00 1.18 16.38
CA LEU E 173 -32.73 -0.03 16.75
C LEU E 173 -32.38 -1.19 15.83
N GLU E 174 -32.40 -0.94 14.52
CA GLU E 174 -32.07 -1.99 13.56
C GLU E 174 -30.67 -2.55 13.78
N LEU E 175 -29.72 -1.65 13.97
CA LEU E 175 -28.34 -2.05 14.23
C LEU E 175 -28.26 -2.96 15.47
N VAL E 176 -28.88 -2.54 16.59
CA VAL E 176 -28.91 -3.31 17.81
C VAL E 176 -29.54 -4.68 17.60
N LEU E 177 -30.69 -4.72 16.91
CA LEU E 177 -31.38 -5.98 16.69
C LEU E 177 -30.49 -6.94 15.89
N ASN E 178 -29.84 -6.43 14.85
CA ASN E 178 -29.01 -7.27 14.01
C ASN E 178 -27.75 -7.76 14.73
N GLN E 179 -27.15 -6.96 15.62
CA GLN E 179 -25.95 -7.43 16.34
C GLN E 179 -26.32 -8.60 17.25
N LYS E 180 -27.49 -8.49 17.88
CA LYS E 180 -28.00 -9.54 18.76
C LYS E 180 -28.66 -10.69 18.02
N ARG E 181 -28.81 -10.57 16.71
CA ARG E 181 -29.46 -11.56 15.85
C ARG E 181 -30.88 -11.85 16.36
N ILE E 182 -31.61 -10.79 16.62
CA ILE E 182 -32.99 -10.89 16.99
C ILE E 182 -33.85 -11.08 15.75
N GLU E 183 -34.72 -12.09 15.81
CA GLU E 183 -35.67 -12.37 14.73
C GLU E 183 -37.10 -12.06 15.12
N ASN E 184 -37.43 -12.27 16.41
CA ASN E 184 -38.79 -12.15 16.90
C ASN E 184 -38.89 -10.98 17.86
N ILE E 185 -39.96 -10.20 17.71
CA ILE E 185 -40.18 -9.04 18.58
C ILE E 185 -41.57 -9.13 19.18
N ILE E 186 -41.65 -8.97 20.49
CA ILE E 186 -42.93 -8.91 21.17
C ILE E 186 -43.17 -7.46 21.53
N LEU E 187 -44.23 -6.86 20.96
CA LEU E 187 -44.51 -5.44 21.15
C LEU E 187 -45.58 -5.16 22.23
N THR E 188 -45.23 -4.21 23.10
CA THR E 188 -46.11 -3.71 24.13
C THR E 188 -45.91 -2.20 24.20
N GLY E 189 -46.79 -1.53 24.93
CA GLY E 189 -46.63 -0.10 25.20
C GLY E 189 -47.72 0.74 24.60
N ILE E 190 -47.47 2.04 24.52
CA ILE E 190 -48.47 3.00 24.10
C ILE E 190 -47.90 4.01 23.10
N THR E 191 -48.72 4.62 22.25
CA THR E 191 -50.13 4.23 22.07
C THR E 191 -50.23 3.22 20.95
N THR E 192 -51.29 2.41 21.04
CA THR E 192 -51.47 1.25 20.15
C THR E 192 -51.43 1.62 18.68
N ASP E 193 -52.13 2.69 18.34
CA ASP E 193 -52.32 3.10 16.95
C ASP E 193 -51.25 4.07 16.45
N VAL E 194 -50.37 4.55 17.34
CA VAL E 194 -49.38 5.54 16.93
C VAL E 194 -48.00 4.90 16.99
N SER E 195 -47.29 4.99 18.12
CA SER E 195 -45.94 4.44 18.21
C SER E 195 -45.89 2.94 18.10
N VAL E 196 -46.81 2.22 18.73
CA VAL E 196 -46.77 0.76 18.72
C VAL E 196 -46.99 0.25 17.31
N SER E 197 -48.04 0.75 16.65
CA SER E 197 -48.39 0.29 15.33
C SER E 197 -47.29 0.66 14.31
N THR E 198 -46.77 1.88 14.42
CA THR E 198 -45.75 2.32 13.48
C THR E 198 -44.50 1.46 13.62
N THR E 199 -44.10 1.19 14.87
CA THR E 199 -42.93 0.34 15.14
C THR E 199 -43.12 -1.08 14.57
N MET E 200 -44.32 -1.62 14.74
CA MET E 200 -44.65 -2.95 14.20
C MET E 200 -44.57 -3.00 12.68
N ARG E 201 -45.08 -1.96 12.04
CA ARG E 201 -45.03 -1.86 10.58
C ARG E 201 -43.59 -1.81 10.07
N GLU E 202 -42.77 -0.97 10.71
CA GLU E 202 -41.36 -0.86 10.39
C GLU E 202 -40.64 -2.18 10.54
N ALA E 203 -40.84 -2.82 11.68
CA ALA E 203 -40.20 -4.11 11.97
C ALA E 203 -40.62 -5.16 10.97
N ASN E 204 -41.93 -5.26 10.76
CA ASN E 204 -42.46 -6.23 9.81
C ASN E 204 -41.93 -6.03 8.39
N ASP E 205 -41.85 -4.78 7.93
CA ASP E 205 -41.33 -4.51 6.59
C ASP E 205 -39.91 -5.03 6.39
N ARG E 206 -39.11 -5.02 7.45
CA ARG E 206 -37.71 -5.45 7.42
C ARG E 206 -37.51 -6.95 7.69
N GLY E 207 -38.58 -7.70 7.88
CA GLY E 207 -38.51 -9.15 8.02
C GLY E 207 -38.62 -9.67 9.44
N TYR E 208 -38.74 -8.78 10.42
CA TYR E 208 -38.89 -9.23 11.81
C TYR E 208 -40.28 -9.84 12.01
N GLU E 209 -40.34 -10.80 12.94
CA GLU E 209 -41.54 -11.53 13.21
C GLU E 209 -42.12 -11.02 14.50
N CYS E 210 -43.28 -10.39 14.42
CA CYS E 210 -43.79 -9.59 15.52
C CYS E 210 -45.08 -10.12 16.11
N LEU E 211 -45.16 -10.03 17.44
CA LEU E 211 -46.36 -10.38 18.18
C LEU E 211 -46.81 -9.16 18.95
N LEU E 212 -48.07 -8.75 18.72
CA LEU E 212 -48.67 -7.66 19.46
C LEU E 212 -49.49 -8.22 20.61
N LEU E 213 -49.20 -7.78 21.83
CA LEU E 213 -49.97 -8.21 23.00
C LEU E 213 -51.06 -7.19 23.27
N GLU E 214 -52.30 -7.57 22.95
CA GLU E 214 -53.44 -6.64 22.95
C GLU E 214 -53.79 -6.05 24.31
N ASP E 215 -53.59 -6.79 25.37
CA ASP E 215 -53.83 -6.23 26.71
C ASP E 215 -52.63 -5.46 27.25
N CYS E 216 -51.54 -5.44 26.50
CA CYS E 216 -50.36 -4.66 26.88
C CYS E 216 -50.19 -3.36 26.08
N CYS E 217 -51.24 -2.90 25.41
N CYS E 217 -51.24 -2.90 25.41
CA CYS E 217 -51.23 -1.60 24.78
CA CYS E 217 -51.22 -1.60 24.78
C CYS E 217 -52.53 -0.90 25.06
C CYS E 217 -52.53 -0.90 25.06
N GLY E 218 -52.55 0.40 24.79
CA GLY E 218 -53.74 1.24 24.99
C GLY E 218 -53.56 2.50 24.18
N ALA E 219 -54.66 3.21 23.91
CA ALA E 219 -54.64 4.37 23.03
C ALA E 219 -55.43 5.55 23.56
N THR E 220 -55.38 6.65 22.82
CA THR E 220 -56.19 7.83 23.13
C THR E 220 -57.69 7.63 22.83
N ASP E 221 -58.01 6.62 22.03
CA ASP E 221 -59.37 6.29 21.61
C ASP E 221 -59.47 4.77 21.58
N TYR E 222 -60.41 4.22 22.34
CA TYR E 222 -60.48 2.77 22.49
C TYR E 222 -60.82 2.05 21.20
N GLY E 223 -61.65 2.67 20.36
CA GLY E 223 -61.96 2.08 19.05
C GLY E 223 -60.73 2.03 18.12
N ASN E 224 -59.91 3.06 18.17
CA ASN E 224 -58.66 3.09 17.40
C ASN E 224 -57.71 2.02 17.89
N HIS E 225 -57.69 1.80 19.20
CA HIS E 225 -56.91 0.71 19.81
C HIS E 225 -57.34 -0.63 19.23
N LEU E 226 -58.65 -0.91 19.24
CA LEU E 226 -59.17 -2.18 18.70
C LEU E 226 -58.92 -2.33 17.22
N ALA E 227 -59.06 -1.23 16.49
CA ALA E 227 -58.82 -1.24 15.05
C ALA E 227 -57.36 -1.51 14.68
N ALA E 228 -56.42 -0.87 15.38
CA ALA E 228 -54.99 -1.14 15.17
C ALA E 228 -54.65 -2.61 15.37
N ILE E 229 -55.28 -3.23 16.37
CA ILE E 229 -55.15 -4.66 16.63
C ILE E 229 -55.72 -5.49 15.49
N LYS E 230 -56.93 -5.18 15.02
CA LYS E 230 -57.55 -5.92 13.93
C LYS E 230 -56.77 -5.80 12.63
N MET E 231 -56.16 -4.64 12.41
CA MET E 231 -55.32 -4.43 11.23
C MET E 231 -54.19 -5.45 11.10
N VAL E 232 -53.63 -5.89 12.22
CA VAL E 232 -52.56 -6.88 12.22
C VAL E 232 -53.01 -8.20 11.60
N LYS E 233 -54.24 -8.57 11.89
CA LYS E 233 -54.77 -9.90 11.58
C LYS E 233 -55.14 -10.14 10.13
N MET E 234 -55.39 -9.07 9.38
CA MET E 234 -55.88 -9.20 8.00
C MET E 234 -54.85 -9.90 7.11
N GLN E 235 -55.33 -10.46 6.01
CA GLN E 235 -54.46 -11.11 5.01
C GLN E 235 -53.58 -12.22 5.59
N GLY E 236 -54.09 -12.95 6.58
CA GLY E 236 -53.33 -14.05 7.20
C GLY E 236 -52.21 -13.60 8.12
N GLY E 237 -52.33 -12.38 8.64
CA GLY E 237 -51.39 -11.82 9.60
C GLY E 237 -50.42 -10.85 8.94
N VAL E 238 -50.96 -9.82 8.28
CA VAL E 238 -50.17 -8.91 7.46
C VAL E 238 -49.00 -8.23 8.20
N PHE E 239 -49.18 -7.92 9.49
CA PHE E 239 -48.12 -7.33 10.31
C PHE E 239 -47.53 -8.27 11.34
N GLY E 240 -48.04 -9.49 11.41
CA GLY E 240 -47.65 -10.47 12.43
C GLY E 240 -48.88 -11.11 13.04
N SER E 241 -48.87 -11.29 14.36
CA SER E 241 -49.95 -11.96 15.04
C SER E 241 -50.25 -11.28 16.37
N VAL E 242 -51.36 -11.64 16.98
CA VAL E 242 -51.86 -10.99 18.18
C VAL E 242 -52.13 -12.01 19.30
N SER E 243 -51.65 -11.70 20.51
CA SER E 243 -51.95 -12.52 21.66
C SER E 243 -52.19 -11.65 22.88
N ASN E 244 -52.03 -12.21 24.08
CA ASN E 244 -52.23 -11.45 25.31
C ASN E 244 -51.20 -11.87 26.35
N SER E 245 -51.12 -11.11 27.44
CA SER E 245 -50.09 -11.31 28.45
C SER E 245 -50.15 -12.69 29.10
N ALA E 246 -51.35 -13.17 29.41
CA ALA E 246 -51.49 -14.47 30.08
C ALA E 246 -51.00 -15.60 29.19
N ALA E 247 -51.40 -15.58 27.92
CA ALA E 247 -51.02 -16.62 26.99
C ALA E 247 -49.52 -16.63 26.71
N LEU E 248 -48.92 -15.44 26.70
CA LEU E 248 -47.50 -15.35 26.50
C LEU E 248 -46.76 -15.93 27.68
N VAL E 249 -47.08 -15.45 28.88
CA VAL E 249 -46.40 -15.91 30.11
C VAL E 249 -46.51 -17.44 30.26
N GLU E 250 -47.69 -17.99 29.99
CA GLU E 250 -47.92 -19.43 30.14
C GLU E 250 -47.08 -20.29 29.22
N ALA E 251 -46.85 -19.82 28.00
CA ALA E 251 -46.14 -20.63 26.98
C ALA E 251 -44.69 -20.17 26.66
N LEU E 252 -44.23 -19.11 27.29
CA LEU E 252 -42.89 -18.61 27.09
C LEU E 252 -41.85 -19.66 27.54
N PRO E 253 -41.00 -20.13 26.62
CA PRO E 253 -39.94 -21.14 26.95
C PRO E 253 -38.90 -20.70 27.95
N ASN F 28 -47.67 34.52 0.71
CA ASN F 28 -48.12 33.69 -0.46
C ASN F 28 -48.81 32.37 -0.02
N ARG F 29 -49.61 32.41 1.04
CA ARG F 29 -50.12 31.21 1.65
C ARG F 29 -51.38 30.66 1.00
N HIS F 30 -51.52 29.33 1.00
CA HIS F 30 -52.68 28.65 0.46
C HIS F 30 -53.02 27.44 1.29
N PHE F 31 -54.32 27.20 1.51
CA PHE F 31 -54.76 26.11 2.35
C PHE F 31 -55.80 25.26 1.65
N ILE F 32 -55.88 24.01 2.07
CA ILE F 32 -56.93 23.10 1.68
C ILE F 32 -57.76 22.85 2.93
N ASP F 33 -59.07 22.93 2.79
CA ASP F 33 -60.00 22.70 3.89
C ASP F 33 -59.79 21.24 4.32
N ALA F 34 -59.36 21.06 5.56
CA ALA F 34 -59.05 19.73 6.07
C ALA F 34 -59.34 19.58 7.54
N ASP F 35 -59.30 18.35 8.02
CA ASP F 35 -59.68 17.99 9.36
C ASP F 35 -58.48 17.20 9.96
N PRO F 36 -57.83 17.67 11.01
CA PRO F 36 -58.34 18.66 11.98
C PRO F 36 -57.81 20.06 11.82
N TYR F 37 -57.01 20.31 10.78
CA TYR F 37 -56.50 21.64 10.56
C TYR F 37 -56.33 21.90 9.07
N PRO F 38 -56.46 23.16 8.66
CA PRO F 38 -56.30 23.51 7.24
C PRO F 38 -54.89 23.19 6.78
N TRP F 39 -54.78 22.49 5.65
CA TRP F 39 -53.51 21.89 5.22
C TRP F 39 -52.91 22.60 4.00
N PRO F 40 -51.59 22.81 3.92
CA PRO F 40 -50.61 22.38 4.92
C PRO F 40 -50.60 23.33 6.10
N TYR F 41 -50.02 22.89 7.20
CA TYR F 41 -50.08 23.65 8.44
C TYR F 41 -49.64 25.12 8.30
N ASN F 42 -48.65 25.40 7.45
CA ASN F 42 -48.07 26.74 7.33
C ASN F 42 -48.48 27.41 6.02
N GLY F 43 -49.40 26.80 5.28
CA GLY F 43 -49.85 27.38 4.02
C GLY F 43 -48.85 27.43 2.88
N ALA F 44 -47.69 26.79 3.03
CA ALA F 44 -46.64 26.82 1.99
C ALA F 44 -46.93 25.71 0.98
N LEU F 45 -47.96 25.92 0.18
CA LEU F 45 -48.46 24.94 -0.76
C LEU F 45 -48.19 25.45 -2.17
N ARG F 46 -47.21 24.84 -2.82
CA ARG F 46 -46.80 25.19 -4.16
C ARG F 46 -46.52 23.96 -5.00
N PRO F 47 -46.58 24.10 -6.34
CA PRO F 47 -46.19 22.99 -7.22
C PRO F 47 -44.77 22.48 -6.97
N ASP F 48 -43.82 23.36 -6.69
CA ASP F 48 -42.42 22.96 -6.56
C ASP F 48 -42.10 22.17 -5.27
N ASN F 49 -42.90 22.31 -4.21
CA ASN F 49 -42.61 21.65 -2.93
C ASN F 49 -43.68 20.64 -2.49
N THR F 50 -44.55 20.24 -3.40
CA THR F 50 -45.68 19.39 -3.08
C THR F 50 -45.80 18.27 -4.09
N ALA F 51 -45.97 17.03 -3.59
CA ALA F 51 -46.16 15.87 -4.43
C ALA F 51 -47.43 15.15 -4.11
N LEU F 52 -48.09 14.65 -5.14
CA LEU F 52 -49.11 13.62 -4.99
C LEU F 52 -48.39 12.28 -5.03
N ILE F 53 -48.78 11.38 -4.12
CA ILE F 53 -48.33 10.00 -4.19
C ILE F 53 -49.54 9.09 -4.34
N ILE F 54 -49.50 8.25 -5.37
CA ILE F 54 -50.54 7.27 -5.62
C ILE F 54 -49.97 5.91 -5.27
N ILE F 55 -50.44 5.37 -4.16
CA ILE F 55 -49.86 4.18 -3.57
C ILE F 55 -50.51 2.88 -4.05
N ASP F 56 -49.72 2.07 -4.76
CA ASP F 56 -50.03 0.66 -5.01
C ASP F 56 -51.38 0.41 -5.71
N MET F 57 -51.72 1.28 -6.67
CA MET F 57 -52.94 1.05 -7.48
C MET F 57 -52.62 0.08 -8.60
N GLN F 58 -52.48 -1.19 -8.18
CA GLN F 58 -52.04 -2.30 -9.00
C GLN F 58 -53.15 -3.32 -9.07
N THR F 59 -53.17 -4.12 -10.12
CA THR F 59 -54.16 -5.19 -10.27
C THR F 59 -54.11 -6.17 -9.08
N ASP F 60 -52.91 -6.40 -8.54
CA ASP F 60 -52.79 -7.28 -7.40
C ASP F 60 -53.59 -6.84 -6.18
N PHE F 61 -53.78 -5.53 -6.03
CA PHE F 61 -54.50 -5.00 -4.88
C PHE F 61 -55.93 -4.59 -5.16
N CYS F 62 -56.32 -4.40 -6.42
CA CYS F 62 -57.70 -4.00 -6.71
C CYS F 62 -58.39 -4.66 -7.91
N GLY F 63 -57.75 -5.62 -8.57
CA GLY F 63 -58.27 -6.21 -9.80
C GLY F 63 -58.52 -7.69 -9.63
N LYS F 64 -59.40 -8.22 -10.50
CA LYS F 64 -59.72 -9.63 -10.51
C LYS F 64 -58.49 -10.49 -10.90
N GLY F 65 -58.34 -11.59 -10.18
CA GLY F 65 -57.23 -12.52 -10.41
C GLY F 65 -55.98 -12.27 -9.58
N GLY F 66 -55.90 -11.09 -8.95
CA GLY F 66 -54.75 -10.69 -8.16
C GLY F 66 -54.71 -11.18 -6.72
N TYR F 67 -53.71 -10.69 -5.99
CA TYR F 67 -53.43 -11.06 -4.60
C TYR F 67 -54.63 -10.85 -3.69
N VAL F 68 -55.20 -9.64 -3.70
CA VAL F 68 -56.33 -9.31 -2.85
C VAL F 68 -57.56 -10.14 -3.23
N ASP F 69 -57.78 -10.34 -4.53
CA ASP F 69 -58.90 -11.16 -4.98
C ASP F 69 -58.77 -12.61 -4.47
N HIS F 70 -57.56 -13.15 -4.53
CA HIS F 70 -57.26 -14.49 -4.06
C HIS F 70 -57.61 -14.70 -2.61
N MET F 71 -57.47 -13.65 -1.82
CA MET F 71 -57.78 -13.71 -0.39
C MET F 71 -59.26 -13.62 -0.10
N GLY F 72 -60.05 -13.26 -1.12
CA GLY F 72 -61.52 -13.24 -1.03
C GLY F 72 -62.08 -11.93 -0.52
N TYR F 73 -61.29 -10.86 -0.55
CA TYR F 73 -61.78 -9.55 -0.11
C TYR F 73 -62.59 -8.89 -1.21
N ASP F 74 -63.38 -7.92 -0.81
CA ASP F 74 -64.38 -7.34 -1.68
C ASP F 74 -63.70 -6.24 -2.51
N LEU F 75 -63.50 -6.53 -3.79
CA LEU F 75 -62.80 -5.60 -4.68
C LEU F 75 -63.45 -4.22 -4.84
N SER F 76 -64.76 -4.09 -4.59
CA SER F 76 -65.39 -2.77 -4.72
C SER F 76 -64.87 -1.77 -3.69
N LEU F 77 -64.49 -2.24 -2.51
CA LEU F 77 -63.89 -1.36 -1.47
C LEU F 77 -62.59 -0.70 -1.99
N VAL F 78 -61.77 -1.47 -2.68
CA VAL F 78 -60.49 -0.99 -3.18
C VAL F 78 -60.58 -0.36 -4.57
N GLN F 79 -61.68 -0.58 -5.28
CA GLN F 79 -61.91 0.05 -6.58
C GLN F 79 -62.59 1.41 -6.44
N ALA F 80 -63.32 1.60 -5.35
CA ALA F 80 -64.02 2.86 -5.09
C ALA F 80 -63.17 4.12 -5.28
N PRO F 81 -61.90 4.10 -4.82
CA PRO F 81 -61.07 5.29 -4.97
C PRO F 81 -60.51 5.59 -6.36
N ILE F 82 -60.68 4.71 -7.34
CA ILE F 82 -60.09 4.94 -8.67
C ILE F 82 -60.51 6.28 -9.31
N GLU F 83 -61.80 6.56 -9.40
CA GLU F 83 -62.26 7.78 -10.09
C GLU F 83 -61.90 9.06 -9.32
N PRO F 84 -62.01 9.06 -7.99
CA PRO F 84 -61.51 10.22 -7.25
C PRO F 84 -60.02 10.47 -7.38
N ILE F 85 -59.20 9.43 -7.42
CA ILE F 85 -57.75 9.62 -7.62
C ILE F 85 -57.52 10.19 -9.02
N LYS F 86 -58.29 9.68 -9.99
CA LYS F 86 -58.21 10.14 -11.38
C LYS F 86 -58.40 11.65 -11.46
N ARG F 87 -59.39 12.16 -10.73
CA ARG F 87 -59.66 13.58 -10.73
C ARG F 87 -58.56 14.40 -10.10
N VAL F 88 -58.02 13.91 -8.99
CA VAL F 88 -56.92 14.59 -8.29
C VAL F 88 -55.66 14.56 -9.16
N LEU F 89 -55.40 13.41 -9.79
CA LEU F 89 -54.25 13.25 -10.66
C LEU F 89 -54.30 14.24 -11.81
N ALA F 90 -55.46 14.33 -12.47
CA ALA F 90 -55.62 15.21 -13.63
C ALA F 90 -55.38 16.65 -13.26
N ALA F 91 -55.93 17.07 -12.13
CA ALA F 91 -55.79 18.44 -11.63
C ALA F 91 -54.33 18.79 -11.26
N MET F 92 -53.66 17.87 -10.57
CA MET F 92 -52.30 18.12 -10.14
C MET F 92 -51.30 18.04 -11.31
N ARG F 93 -51.56 17.17 -12.28
CA ARG F 93 -50.78 17.19 -13.53
C ARG F 93 -50.93 18.51 -14.26
N ALA F 94 -52.16 18.99 -14.37
CA ALA F 94 -52.42 20.23 -15.10
C ALA F 94 -51.71 21.42 -14.44
N LYS F 95 -51.55 21.37 -13.12
CA LYS F 95 -50.90 22.48 -12.42
C LYS F 95 -49.40 22.28 -12.14
N GLY F 96 -48.78 21.29 -12.75
CA GLY F 96 -47.34 21.05 -12.64
C GLY F 96 -46.82 20.53 -11.29
N TYR F 97 -47.67 19.86 -10.50
CA TYR F 97 -47.22 19.27 -9.22
C TYR F 97 -46.43 18.00 -9.49
N HIS F 98 -45.50 17.67 -8.59
CA HIS F 98 -44.75 16.43 -8.68
C HIS F 98 -45.70 15.27 -8.44
N ILE F 99 -45.60 14.24 -9.28
CA ILE F 99 -46.45 13.08 -9.16
C ILE F 99 -45.56 11.86 -8.92
N ILE F 100 -45.88 11.11 -7.88
CA ILE F 100 -45.16 9.89 -7.53
C ILE F 100 -46.12 8.71 -7.49
N HIS F 101 -45.70 7.57 -8.03
CA HIS F 101 -46.48 6.33 -7.97
C HIS F 101 -45.68 5.27 -7.23
N THR F 102 -46.37 4.36 -6.52
CA THR F 102 -45.68 3.22 -5.92
C THR F 102 -46.25 1.90 -6.40
N ARG F 103 -45.39 0.88 -6.34
CA ARG F 103 -45.77 -0.50 -6.63
C ARG F 103 -45.12 -1.37 -5.59
N GLU F 104 -45.94 -2.08 -4.84
CA GLU F 104 -45.41 -3.10 -3.93
C GLU F 104 -45.13 -4.33 -4.76
N GLY F 105 -43.95 -4.90 -4.55
CA GLY F 105 -43.58 -6.06 -5.35
C GLY F 105 -42.20 -6.56 -5.06
N HIS F 106 -41.88 -7.71 -5.65
CA HIS F 106 -40.64 -8.37 -5.39
C HIS F 106 -39.87 -8.72 -6.64
N ARG F 107 -38.55 -8.69 -6.51
CA ARG F 107 -37.67 -9.17 -7.56
C ARG F 107 -38.06 -10.60 -7.94
N PRO F 108 -37.95 -10.95 -9.24
CA PRO F 108 -38.28 -12.33 -9.69
C PRO F 108 -37.53 -13.43 -8.92
N ASP F 109 -36.31 -13.16 -8.45
CA ASP F 109 -35.60 -14.13 -7.63
C ASP F 109 -36.06 -14.16 -6.15
N LEU F 110 -36.96 -13.26 -5.76
CA LEU F 110 -37.50 -13.15 -4.39
C LEU F 110 -36.42 -12.90 -3.30
N ALA F 111 -35.32 -12.28 -3.67
CA ALA F 111 -34.27 -11.96 -2.69
C ALA F 111 -34.72 -10.90 -1.69
N ASP F 112 -35.68 -10.07 -2.07
CA ASP F 112 -36.19 -9.01 -1.20
C ASP F 112 -37.49 -9.40 -0.50
N LEU F 113 -37.78 -10.70 -0.41
CA LEU F 113 -39.05 -11.17 0.14
C LEU F 113 -38.81 -11.86 1.48
N PRO F 114 -39.22 -11.22 2.58
CA PRO F 114 -39.06 -11.86 3.88
C PRO F 114 -39.77 -13.21 3.97
N ALA F 115 -39.18 -14.14 4.70
CA ALA F 115 -39.74 -15.49 4.80
C ALA F 115 -41.11 -15.48 5.45
N ASN F 116 -41.29 -14.66 6.49
CA ASN F 116 -42.61 -14.56 7.15
C ASN F 116 -43.70 -14.02 6.19
N LYS F 117 -43.37 -12.98 5.41
CA LYS F 117 -44.32 -12.41 4.47
C LYS F 117 -44.76 -13.44 3.46
N ARG F 118 -43.80 -14.17 2.91
CA ARG F 118 -44.12 -15.20 1.94
C ARG F 118 -44.99 -16.30 2.52
N TRP F 119 -44.59 -16.83 3.67
CA TRP F 119 -45.34 -17.90 4.32
C TRP F 119 -46.79 -17.55 4.60
N ARG F 120 -47.02 -16.33 5.11
CA ARG F 120 -48.39 -15.87 5.41
C ARG F 120 -49.25 -15.85 4.17
N SER F 121 -48.68 -15.37 3.07
CA SER F 121 -49.41 -15.28 1.82
C SER F 121 -49.72 -16.67 1.23
N GLN F 122 -48.81 -17.63 1.43
CA GLN F 122 -49.03 -19.00 0.97
C GLN F 122 -50.08 -19.72 1.82
N ARG F 123 -50.04 -19.49 3.13
CA ARG F 123 -51.00 -20.10 4.04
C ARG F 123 -52.45 -19.81 3.68
N ILE F 124 -52.74 -18.60 3.19
CA ILE F 124 -54.11 -18.23 2.81
C ILE F 124 -54.40 -18.35 1.32
N GLY F 125 -53.57 -19.08 0.59
CA GLY F 125 -53.79 -19.33 -0.83
C GLY F 125 -53.56 -18.17 -1.77
N ALA F 126 -52.64 -17.26 -1.44
CA ALA F 126 -52.32 -16.12 -2.30
C ALA F 126 -50.83 -15.87 -2.28
N GLY F 127 -50.08 -16.95 -2.47
CA GLY F 127 -48.64 -16.97 -2.29
C GLY F 127 -47.88 -16.03 -3.19
N ILE F 128 -47.05 -15.17 -2.59
CA ILE F 128 -46.26 -14.23 -3.36
C ILE F 128 -45.24 -15.05 -4.16
N GLY F 129 -45.14 -14.76 -5.44
CA GLY F 129 -44.27 -15.52 -6.33
C GLY F 129 -44.93 -16.72 -7.00
N ASP F 130 -46.04 -17.21 -6.44
CA ASP F 130 -46.76 -18.29 -7.02
C ASP F 130 -47.57 -17.83 -8.22
N PRO F 131 -47.76 -18.71 -9.19
CA PRO F 131 -48.55 -18.38 -10.38
C PRO F 131 -50.05 -18.28 -10.11
N GLY F 132 -50.67 -17.27 -10.74
CA GLY F 132 -52.11 -17.07 -10.69
C GLY F 132 -52.57 -16.61 -12.08
N PRO F 133 -53.84 -16.23 -12.22
CA PRO F 133 -54.37 -15.73 -13.50
C PRO F 133 -53.69 -14.48 -14.05
N CYS F 134 -53.11 -13.65 -13.18
CA CYS F 134 -52.41 -12.46 -13.63
C CYS F 134 -50.88 -12.61 -13.62
N GLY F 135 -50.40 -13.86 -13.54
CA GLY F 135 -48.97 -14.15 -13.42
C GLY F 135 -48.57 -14.40 -11.99
N ARG F 136 -47.26 -14.28 -11.75
CA ARG F 136 -46.72 -14.51 -10.41
C ARG F 136 -47.12 -13.37 -9.49
N ILE F 137 -47.70 -13.73 -8.35
CA ILE F 137 -48.31 -12.77 -7.45
C ILE F 137 -47.26 -11.82 -6.86
N LEU F 138 -47.53 -10.53 -6.98
CA LEU F 138 -46.69 -9.45 -6.44
C LEU F 138 -45.22 -9.58 -6.84
N THR F 139 -45.00 -10.01 -8.07
CA THR F 139 -43.67 -10.22 -8.60
C THR F 139 -43.48 -9.21 -9.72
N ARG F 140 -42.39 -8.47 -9.63
CA ARG F 140 -42.07 -7.42 -10.58
C ARG F 140 -41.93 -7.99 -11.99
N GLY F 141 -42.44 -7.22 -12.94
CA GLY F 141 -42.51 -7.63 -14.34
C GLY F 141 -43.76 -8.40 -14.74
N GLU F 142 -44.61 -8.77 -13.78
CA GLU F 142 -45.81 -9.56 -14.07
C GLU F 142 -47.01 -8.65 -14.29
N PRO F 143 -47.96 -9.07 -15.14
CA PRO F 143 -49.12 -8.24 -15.45
C PRO F 143 -49.94 -7.80 -14.22
N GLY F 144 -50.17 -8.70 -13.29
CA GLY F 144 -50.95 -8.41 -12.10
C GLY F 144 -50.32 -7.36 -11.21
N TRP F 145 -48.99 -7.33 -11.22
CA TRP F 145 -48.23 -6.40 -10.40
C TRP F 145 -48.25 -4.96 -10.91
N ASP F 146 -48.45 -4.76 -12.22
CA ASP F 146 -48.35 -3.41 -12.75
C ASP F 146 -49.50 -2.50 -12.32
N ILE F 147 -49.24 -1.20 -12.37
CA ILE F 147 -50.23 -0.18 -12.10
C ILE F 147 -51.38 -0.29 -13.11
N ILE F 148 -52.60 -0.12 -12.62
CA ILE F 148 -53.79 -0.20 -13.48
C ILE F 148 -53.78 0.90 -14.55
N PRO F 149 -54.31 0.58 -15.75
CA PRO F 149 -54.31 1.55 -16.87
C PRO F 149 -54.94 2.91 -16.54
N GLU F 150 -55.95 2.92 -15.68
CA GLU F 150 -56.68 4.14 -15.34
C GLU F 150 -55.81 5.20 -14.66
N LEU F 151 -54.79 4.76 -13.92
CA LEU F 151 -53.92 5.63 -13.18
C LEU F 151 -52.46 5.43 -13.58
N TYR F 152 -52.22 5.16 -14.86
CA TYR F 152 -50.87 4.85 -15.30
C TYR F 152 -49.97 6.08 -15.28
N PRO F 153 -48.69 5.90 -14.93
CA PRO F 153 -47.76 7.01 -14.96
C PRO F 153 -47.44 7.49 -16.37
N ILE F 154 -47.10 8.75 -16.47
CA ILE F 154 -46.56 9.34 -17.67
C ILE F 154 -45.11 9.77 -17.39
N GLU F 155 -44.39 10.05 -18.45
CA GLU F 155 -42.97 10.39 -18.35
C GLU F 155 -42.76 11.58 -17.44
N GLY F 156 -41.75 11.50 -16.59
CA GLY F 156 -41.42 12.54 -15.63
C GLY F 156 -42.10 12.35 -14.29
N GLU F 157 -42.78 11.21 -14.10
CA GLU F 157 -43.41 10.88 -12.83
C GLU F 157 -42.68 9.70 -12.24
N THR F 158 -42.19 9.87 -11.01
CA THR F 158 -41.33 8.89 -10.41
C THR F 158 -42.09 7.68 -9.91
N ILE F 159 -41.59 6.49 -10.21
CA ILE F 159 -42.18 5.27 -9.70
C ILE F 159 -41.24 4.67 -8.69
N ILE F 160 -41.78 4.38 -7.51
CA ILE F 160 -41.07 3.72 -6.42
C ILE F 160 -41.48 2.27 -6.40
N ASP F 161 -40.52 1.36 -6.56
CA ASP F 161 -40.75 -0.07 -6.43
C ASP F 161 -40.29 -0.48 -5.06
N LYS F 162 -41.20 -1.03 -4.26
CA LYS F 162 -40.93 -1.25 -2.85
C LYS F 162 -41.24 -2.69 -2.46
N PRO F 163 -40.41 -3.30 -1.62
CA PRO F 163 -40.64 -4.65 -1.14
C PRO F 163 -41.46 -4.74 0.14
N GLY F 164 -41.83 -3.58 0.71
CA GLY F 164 -42.63 -3.51 1.93
C GLY F 164 -43.88 -2.68 1.72
N LYS F 165 -44.59 -2.47 2.82
CA LYS F 165 -45.80 -1.66 2.84
C LYS F 165 -45.42 -0.19 2.86
N GLY F 166 -44.43 0.17 3.67
CA GLY F 166 -43.95 1.52 3.73
C GLY F 166 -43.13 1.86 2.49
N SER F 167 -43.39 3.04 1.92
CA SER F 167 -42.69 3.48 0.72
C SER F 167 -41.27 3.99 0.97
N PHE F 168 -40.89 4.23 2.22
CA PHE F 168 -39.52 4.66 2.55
C PHE F 168 -38.58 3.48 2.76
N CYS F 169 -39.08 2.40 3.37
CA CYS F 169 -38.25 1.23 3.67
C CYS F 169 -37.62 0.58 2.42
N ALA F 170 -36.30 0.59 2.38
CA ALA F 170 -35.50 -0.07 1.33
C ALA F 170 -35.74 0.45 -0.08
N THR F 171 -36.00 1.75 -0.17
CA THR F 171 -36.19 2.44 -1.46
C THR F 171 -35.37 3.71 -1.50
N ASP F 172 -35.43 4.37 -2.65
CA ASP F 172 -34.83 5.69 -2.84
C ASP F 172 -35.81 6.87 -2.68
N LEU F 173 -36.94 6.66 -2.01
CA LEU F 173 -37.97 7.69 -1.97
C LEU F 173 -37.47 8.91 -1.24
N GLU F 174 -36.84 8.71 -0.09
CA GLU F 174 -36.37 9.85 0.70
C GLU F 174 -35.34 10.66 -0.10
N LEU F 175 -34.41 9.96 -0.74
CA LEU F 175 -33.43 10.63 -1.55
C LEU F 175 -34.07 11.47 -2.66
N VAL F 176 -35.02 10.89 -3.39
CA VAL F 176 -35.75 11.59 -4.44
C VAL F 176 -36.50 12.82 -3.90
N LEU F 177 -37.21 12.64 -2.78
CA LEU F 177 -37.96 13.75 -2.20
C LEU F 177 -37.04 14.90 -1.82
N ASN F 178 -35.90 14.58 -1.21
CA ASN F 178 -34.96 15.62 -0.79
C ASN F 178 -34.30 16.32 -1.96
N GLN F 179 -34.01 15.62 -3.05
CA GLN F 179 -33.39 16.31 -4.21
C GLN F 179 -34.38 17.32 -4.81
N LYS F 180 -35.64 16.94 -4.85
CA LYS F 180 -36.72 17.80 -5.35
C LYS F 180 -37.21 18.83 -4.33
N ARG F 181 -36.70 18.77 -3.10
CA ARG F 181 -37.09 19.66 -2.03
C ARG F 181 -38.58 19.61 -1.78
N ILE F 182 -39.14 18.41 -1.73
CA ILE F 182 -40.55 18.25 -1.44
C ILE F 182 -40.78 18.34 0.07
N GLU F 183 -41.74 19.15 0.47
CA GLU F 183 -42.12 19.31 1.89
C GLU F 183 -43.48 18.70 2.18
N ASN F 184 -44.40 18.79 1.21
CA ASN F 184 -45.80 18.39 1.39
C ASN F 184 -46.11 17.18 0.53
N ILE F 185 -46.82 16.21 1.10
CA ILE F 185 -47.22 15.02 0.38
C ILE F 185 -48.73 14.81 0.50
N ILE F 186 -49.37 14.59 -0.62
CA ILE F 186 -50.79 14.25 -0.64
C ILE F 186 -50.89 12.76 -0.93
N LEU F 187 -51.42 11.99 0.03
CA LEU F 187 -51.50 10.54 -0.08
C LEU F 187 -52.85 10.00 -0.57
N THR F 188 -52.77 9.11 -1.55
CA THR F 188 -53.90 8.40 -2.09
C THR F 188 -53.46 6.98 -2.35
N GLY F 189 -54.43 6.10 -2.62
CA GLY F 189 -54.12 4.72 -3.01
C GLY F 189 -54.62 3.71 -2.03
N ILE F 190 -54.11 2.49 -2.14
CA ILE F 190 -54.58 1.36 -1.36
C ILE F 190 -53.43 0.52 -0.80
N THR F 191 -53.65 -0.21 0.30
CA THR F 191 -54.83 -0.11 1.13
C THR F 191 -54.61 0.90 2.23
N THR F 192 -55.71 1.50 2.67
CA THR F 192 -55.68 2.63 3.62
C THR F 192 -54.90 2.34 4.88
N ASP F 193 -55.13 1.18 5.46
CA ASP F 193 -54.58 0.79 6.74
C ASP F 193 -53.23 0.07 6.64
N VAL F 194 -52.80 -0.26 5.43
CA VAL F 194 -51.55 -1.01 5.27
C VAL F 194 -50.51 -0.10 4.61
N SER F 195 -50.40 -0.10 3.27
CA SER F 195 -49.39 0.69 2.60
C SER F 195 -49.57 2.19 2.74
N VAL F 196 -50.81 2.66 2.66
CA VAL F 196 -51.06 4.09 2.73
C VAL F 196 -50.69 4.62 4.10
N SER F 197 -51.19 3.96 5.14
CA SER F 197 -50.97 4.40 6.51
C SER F 197 -49.48 4.28 6.86
N THR F 198 -48.85 3.19 6.48
CA THR F 198 -47.44 2.99 6.81
C THR F 198 -46.59 4.08 6.15
N THR F 199 -46.86 4.37 4.88
CA THR F 199 -46.12 5.42 4.15
C THR F 199 -46.31 6.80 4.83
N MET F 200 -47.55 7.09 5.24
CA MET F 200 -47.85 8.33 5.94
C MET F 200 -47.09 8.47 7.25
N ARG F 201 -47.03 7.39 8.01
CA ARG F 201 -46.31 7.38 9.27
C ARG F 201 -44.82 7.63 9.07
N GLU F 202 -44.23 6.92 8.10
CA GLU F 202 -42.83 7.11 7.72
C GLU F 202 -42.54 8.55 7.34
N ALA F 203 -43.35 9.08 6.44
CA ALA F 203 -43.17 10.45 5.94
C ALA F 203 -43.31 11.45 7.08
N ASN F 204 -44.36 11.31 7.87
CA ASN F 204 -44.60 12.21 8.98
C ASN F 204 -43.44 12.20 10.00
N ASP F 205 -42.92 11.00 10.33
CA ASP F 205 -41.83 10.91 11.28
C ASP F 205 -40.59 11.71 10.83
N ARG F 206 -40.37 11.79 9.53
CA ARG F 206 -39.25 12.48 8.92
C ARG F 206 -39.47 13.97 8.64
N GLY F 207 -40.63 14.49 9.01
CA GLY F 207 -40.89 15.92 8.95
C GLY F 207 -41.76 16.35 7.77
N TYR F 208 -42.15 15.40 6.90
CA TYR F 208 -42.99 15.75 5.77
C TYR F 208 -44.40 16.06 6.27
N GLU F 209 -45.08 16.93 5.52
CA GLU F 209 -46.38 17.42 5.88
C GLU F 209 -47.38 16.74 4.98
N CYS F 210 -48.23 15.88 5.57
CA CYS F 210 -49.02 14.97 4.78
C CYS F 210 -50.51 15.21 4.86
N LEU F 211 -51.18 15.04 3.74
CA LEU F 211 -52.64 15.13 3.63
C LEU F 211 -53.16 13.81 3.12
N LEU F 212 -54.06 13.18 3.87
CA LEU F 212 -54.71 11.94 3.44
C LEU F 212 -56.06 12.27 2.84
N LEU F 213 -56.29 11.85 1.60
CA LEU F 213 -57.57 12.09 0.94
C LEU F 213 -58.46 10.86 1.15
N GLU F 214 -59.46 11.00 2.03
CA GLU F 214 -60.25 9.86 2.50
C GLU F 214 -61.06 9.16 1.43
N ASP F 215 -61.53 9.90 0.42
CA ASP F 215 -62.26 9.25 -0.67
C ASP F 215 -61.31 8.70 -1.74
N CYS F 216 -60.01 8.91 -1.58
CA CYS F 216 -59.02 8.37 -2.51
C CYS F 216 -58.25 7.17 -1.96
N CYS F 217 -58.77 6.53 -0.92
CA CYS F 217 -58.20 5.28 -0.44
C CYS F 217 -59.32 4.31 -0.15
N GLY F 218 -58.94 3.05 0.02
CA GLY F 218 -59.88 1.99 0.37
C GLY F 218 -59.12 0.81 0.94
N ALA F 219 -59.81 -0.08 1.65
CA ALA F 219 -59.15 -1.17 2.36
C ALA F 219 -59.83 -2.52 2.19
N THR F 220 -59.21 -3.55 2.75
CA THR F 220 -59.78 -4.89 2.81
C THR F 220 -60.99 -5.00 3.77
N ASP F 221 -61.10 -4.03 4.69
CA ASP F 221 -62.18 -3.98 5.68
C ASP F 221 -62.55 -2.51 5.83
N TYR F 222 -63.81 -2.18 5.62
CA TYR F 222 -64.24 -0.79 5.58
C TYR F 222 -64.09 -0.08 6.92
N GLY F 223 -64.29 -0.81 8.02
CA GLY F 223 -64.09 -0.25 9.34
C GLY F 223 -62.63 0.11 9.62
N ASN F 224 -61.72 -0.75 9.16
CA ASN F 224 -60.28 -0.48 9.28
C ASN F 224 -59.90 0.73 8.44
N HIS F 225 -60.52 0.89 7.28
CA HIS F 225 -60.33 2.08 6.45
C HIS F 225 -60.72 3.34 7.23
N LEU F 226 -61.91 3.35 7.82
CA LEU F 226 -62.38 4.50 8.60
C LEU F 226 -61.51 4.78 9.82
N ALA F 227 -61.07 3.73 10.47
CA ALA F 227 -60.21 3.83 11.64
C ALA F 227 -58.82 4.42 11.31
N ALA F 228 -58.20 3.94 10.23
CA ALA F 228 -56.93 4.50 9.77
C ALA F 228 -57.01 6.01 9.51
N ILE F 229 -58.15 6.44 8.95
CA ILE F 229 -58.43 7.84 8.73
C ILE F 229 -58.57 8.61 10.04
N LYS F 230 -59.34 8.07 10.99
CA LYS F 230 -59.53 8.75 12.27
C LYS F 230 -58.22 8.84 13.07
N MET F 231 -57.36 7.84 12.93
CA MET F 231 -56.07 7.86 13.59
C MET F 231 -55.21 9.07 13.23
N VAL F 232 -55.33 9.57 12.01
CA VAL F 232 -54.59 10.74 11.55
C VAL F 232 -54.96 11.97 12.38
N LYS F 233 -56.24 12.09 12.71
CA LYS F 233 -56.80 13.30 13.31
C LYS F 233 -56.50 13.51 14.77
N MET F 234 -56.18 12.44 15.50
CA MET F 234 -55.99 12.52 16.94
C MET F 234 -54.83 13.46 17.29
N GLN F 235 -54.87 13.97 18.53
CA GLN F 235 -53.78 14.82 19.05
C GLN F 235 -53.50 16.04 18.19
N GLY F 236 -54.53 16.62 17.58
CA GLY F 236 -54.38 17.82 16.74
C GLY F 236 -53.72 17.56 15.39
N GLY F 237 -53.82 16.33 14.92
CA GLY F 237 -53.33 15.93 13.62
C GLY F 237 -52.00 15.20 13.70
N VAL F 238 -51.98 14.11 14.48
CA VAL F 238 -50.72 13.41 14.78
C VAL F 238 -49.92 12.95 13.55
N PHE F 239 -50.61 12.56 12.48
CA PHE F 239 -49.96 12.15 11.22
C PHE F 239 -50.11 13.13 10.10
N GLY F 240 -50.81 14.24 10.34
CA GLY F 240 -51.13 15.22 9.31
C GLY F 240 -52.60 15.58 9.37
N SER F 241 -53.21 15.72 8.21
CA SER F 241 -54.61 16.13 8.15
C SER F 241 -55.34 15.34 7.07
N VAL F 242 -56.67 15.44 7.07
CA VAL F 242 -57.52 14.67 6.20
C VAL F 242 -58.47 15.54 5.39
N SER F 243 -58.55 15.28 4.10
CA SER F 243 -59.50 15.99 3.25
C SER F 243 -60.10 15.03 2.23
N ASN F 244 -60.62 15.56 1.14
CA ASN F 244 -61.21 14.73 0.10
C ASN F 244 -60.89 15.31 -1.27
N SER F 245 -61.17 14.55 -2.31
CA SER F 245 -60.81 14.92 -3.67
C SER F 245 -61.46 16.23 -4.13
N ALA F 246 -62.72 16.43 -3.79
CA ALA F 246 -63.43 17.64 -4.21
C ALA F 246 -62.83 18.89 -3.58
N ALA F 247 -62.57 18.82 -2.29
CA ALA F 247 -61.99 19.95 -1.56
C ALA F 247 -60.57 20.27 -2.02
N LEU F 248 -59.83 19.25 -2.42
CA LEU F 248 -58.51 19.48 -2.92
C LEU F 248 -58.57 20.17 -4.24
N VAL F 249 -59.34 19.63 -5.19
CA VAL F 249 -59.45 20.22 -6.53
C VAL F 249 -59.90 21.68 -6.46
N GLU F 250 -60.89 21.96 -5.61
CA GLU F 250 -61.40 23.29 -5.33
C GLU F 250 -60.40 24.35 -4.97
N ALA F 251 -59.49 23.97 -4.10
CA ALA F 251 -58.53 24.90 -3.47
C ALA F 251 -57.09 24.77 -3.94
N LEU F 252 -56.80 23.83 -4.83
CA LEU F 252 -55.43 23.63 -5.31
C LEU F 252 -54.93 24.87 -6.07
N PRO F 253 -53.81 25.49 -5.60
CA PRO F 253 -53.27 26.71 -6.28
C PRO F 253 -52.64 26.44 -7.64
N ASN G 28 36.18 -30.94 15.12
CA ASN G 28 36.15 -31.63 13.79
C ASN G 28 37.17 -31.02 12.79
N ARG G 29 38.37 -30.71 13.27
CA ARG G 29 39.31 -29.88 12.50
C ARG G 29 40.19 -30.72 11.60
N HIS G 30 40.61 -30.14 10.47
CA HIS G 30 41.52 -30.79 9.55
C HIS G 30 42.47 -29.77 8.96
N PHE G 31 43.75 -30.14 8.82
CA PHE G 31 44.75 -29.21 8.34
C PHE G 31 45.55 -29.82 7.22
N ILE G 32 46.10 -28.94 6.38
CA ILE G 32 47.06 -29.31 5.37
C ILE G 32 48.39 -28.70 5.80
N ASP G 33 49.46 -29.49 5.73
CA ASP G 33 50.80 -29.03 6.07
C ASP G 33 51.13 -27.90 5.11
N ALA G 34 51.34 -26.70 5.64
CA ALA G 34 51.61 -25.55 4.80
C ALA G 34 52.54 -24.55 5.49
N ASP G 35 53.00 -23.59 4.71
CA ASP G 35 53.99 -22.63 5.11
C ASP G 35 53.41 -21.23 4.83
N PRO G 36 53.18 -20.37 5.83
CA PRO G 36 53.82 -20.41 7.14
C PRO G 36 52.95 -20.94 8.27
N TYR G 37 51.74 -21.43 7.94
CA TYR G 37 50.88 -21.98 8.96
C TYR G 37 50.04 -23.09 8.37
N PRO G 38 49.65 -24.06 9.21
CA PRO G 38 48.81 -25.17 8.74
C PRO G 38 47.46 -24.65 8.26
N TRP G 39 47.05 -25.07 7.07
CA TRP G 39 45.91 -24.46 6.38
C TRP G 39 44.69 -25.41 6.35
N PRO G 40 43.46 -24.91 6.53
CA PRO G 40 43.15 -23.49 6.75
C PRO G 40 43.40 -23.11 8.17
N TYR G 41 43.49 -21.81 8.42
CA TYR G 41 43.90 -21.31 9.72
C TYR G 41 43.11 -21.91 10.91
N ASN G 42 41.81 -22.16 10.73
CA ASN G 42 40.95 -22.62 11.79
C ASN G 42 40.56 -24.09 11.65
N GLY G 43 41.19 -24.79 10.71
CA GLY G 43 40.91 -26.20 10.51
C GLY G 43 39.52 -26.55 9.96
N ALA G 44 38.73 -25.56 9.54
CA ALA G 44 37.37 -25.81 9.05
C ALA G 44 37.44 -26.14 7.56
N LEU G 45 37.93 -27.34 7.27
CA LEU G 45 38.18 -27.78 5.92
C LEU G 45 37.22 -28.90 5.59
N ARG G 46 36.22 -28.57 4.76
CA ARG G 46 35.22 -29.60 4.34
C ARG G 46 34.90 -29.43 2.87
N PRO G 47 34.35 -30.47 2.25
CA PRO G 47 33.89 -30.37 0.86
C PRO G 47 32.88 -29.25 0.61
N ASP G 48 31.97 -29.02 1.54
CA ASP G 48 30.92 -28.02 1.32
C ASP G 48 31.38 -26.56 1.36
N ASN G 49 32.49 -26.26 2.00
CA ASN G 49 32.93 -24.84 2.14
C ASN G 49 34.30 -24.58 1.53
N THR G 50 34.76 -25.48 0.66
CA THR G 50 36.10 -25.37 0.07
C THR G 50 36.03 -25.61 -1.43
N ALA G 51 36.70 -24.76 -2.19
CA ALA G 51 36.78 -24.89 -3.63
C ALA G 51 38.20 -24.93 -4.11
N LEU G 52 38.43 -25.74 -5.13
CA LEU G 52 39.64 -25.64 -5.95
C LEU G 52 39.33 -24.66 -7.07
N ILE G 53 40.26 -23.75 -7.34
CA ILE G 53 40.18 -22.91 -8.52
C ILE G 53 41.39 -23.18 -9.41
N ILE G 54 41.12 -23.50 -10.67
CA ILE G 54 42.16 -23.73 -11.67
C ILE G 54 42.15 -22.52 -12.61
N ILE G 55 43.16 -21.70 -12.47
CA ILE G 55 43.19 -20.41 -13.13
C ILE G 55 43.87 -20.44 -14.51
N ASP G 56 43.08 -20.18 -15.55
CA ASP G 56 43.58 -19.83 -16.88
C ASP G 56 44.51 -20.87 -17.51
N MET G 57 44.21 -22.14 -17.32
CA MET G 57 44.96 -23.21 -17.99
C MET G 57 44.44 -23.38 -19.41
N GLN G 58 44.80 -22.39 -20.24
CA GLN G 58 44.33 -22.23 -21.60
C GLN G 58 45.51 -22.34 -22.54
N THR G 59 45.26 -22.72 -23.78
CA THR G 59 46.31 -22.79 -24.80
C THR G 59 47.02 -21.42 -24.98
N ASP G 60 46.26 -20.33 -24.82
CA ASP G 60 46.86 -19.01 -24.94
C ASP G 60 47.97 -18.75 -23.93
N PHE G 61 47.89 -19.38 -22.76
CA PHE G 61 48.88 -19.17 -21.72
C PHE G 61 49.91 -20.27 -21.58
N CYS G 62 49.66 -21.45 -22.13
CA CYS G 62 50.65 -22.53 -22.00
C CYS G 62 50.87 -23.43 -23.23
N GLY G 63 50.27 -23.12 -24.37
CA GLY G 63 50.35 -23.96 -25.56
C GLY G 63 50.99 -23.25 -26.73
N LYS G 64 51.49 -24.02 -27.67
CA LYS G 64 52.13 -23.50 -28.87
C LYS G 64 51.11 -22.76 -29.76
N GLY G 65 51.53 -21.60 -30.28
CA GLY G 65 50.69 -20.79 -31.15
C GLY G 65 49.88 -19.71 -30.42
N GLY G 66 49.83 -19.80 -29.09
CA GLY G 66 49.06 -18.85 -28.28
C GLY G 66 49.77 -17.57 -27.90
N TYR G 67 49.09 -16.79 -27.06
CA TYR G 67 49.55 -15.48 -26.61
C TYR G 67 50.94 -15.53 -25.98
N VAL G 68 51.12 -16.40 -24.99
CA VAL G 68 52.39 -16.51 -24.28
C VAL G 68 53.51 -16.97 -25.24
N ASP G 69 53.20 -17.92 -26.12
CA ASP G 69 54.16 -18.39 -27.10
C ASP G 69 54.63 -17.25 -28.02
N HIS G 70 53.66 -16.43 -28.46
CA HIS G 70 53.94 -15.29 -29.34
C HIS G 70 54.90 -14.30 -28.71
N MET G 71 54.87 -14.18 -27.39
CA MET G 71 55.75 -13.27 -26.68
C MET G 71 57.16 -13.84 -26.50
N GLY G 72 57.32 -15.13 -26.79
CA GLY G 72 58.63 -15.78 -26.80
C GLY G 72 59.03 -16.35 -25.45
N TYR G 73 58.08 -16.51 -24.53
CA TYR G 73 58.38 -17.08 -23.23
C TYR G 73 58.45 -18.59 -23.30
N ASP G 74 59.07 -19.16 -22.29
CA ASP G 74 59.42 -20.56 -22.29
C ASP G 74 58.22 -21.36 -21.82
N LEU G 75 57.56 -22.04 -22.75
CA LEU G 75 56.34 -22.78 -22.43
C LEU G 75 56.50 -23.89 -21.39
N SER G 76 57.70 -24.44 -21.21
CA SER G 76 57.89 -25.48 -20.21
C SER G 76 57.64 -24.98 -18.77
N LEU G 77 57.95 -23.72 -18.51
CA LEU G 77 57.66 -23.11 -17.19
C LEU G 77 56.15 -23.16 -16.85
N VAL G 78 55.32 -22.87 -17.84
CA VAL G 78 53.88 -22.84 -17.66
C VAL G 78 53.20 -24.18 -17.88
N GLN G 79 53.90 -25.14 -18.51
CA GLN G 79 53.38 -26.49 -18.69
C GLN G 79 53.70 -27.39 -17.51
N ALA G 80 54.77 -27.06 -16.77
CA ALA G 80 55.18 -27.83 -15.60
C ALA G 80 54.06 -28.15 -14.61
N PRO G 81 53.16 -27.19 -14.33
CA PRO G 81 52.08 -27.47 -13.38
C PRO G 81 50.92 -28.33 -13.85
N ILE G 82 50.86 -28.69 -15.13
CA ILE G 82 49.71 -29.46 -15.64
C ILE G 82 49.47 -30.79 -14.88
N GLU G 83 50.49 -31.62 -14.74
CA GLU G 83 50.30 -32.94 -14.12
C GLU G 83 50.01 -32.85 -12.61
N PRO G 84 50.68 -31.94 -11.89
CA PRO G 84 50.31 -31.73 -10.50
C PRO G 84 48.88 -31.21 -10.30
N ILE G 85 48.41 -30.31 -11.15
CA ILE G 85 47.00 -29.85 -11.05
C ILE G 85 46.07 -31.00 -11.33
N LYS G 86 46.44 -31.83 -12.31
CA LYS G 86 45.67 -33.02 -12.68
C LYS G 86 45.42 -33.92 -11.46
N ARG G 87 46.46 -34.12 -10.68
CA ARG G 87 46.36 -34.97 -9.50
C ARG G 87 45.48 -34.36 -8.42
N VAL G 88 45.60 -33.05 -8.20
CA VAL G 88 44.80 -32.34 -7.22
C VAL G 88 43.32 -32.33 -7.67
N LEU G 89 43.12 -32.09 -8.96
CA LEU G 89 41.77 -32.07 -9.53
C LEU G 89 41.07 -33.40 -9.33
N ALA G 90 41.77 -34.50 -9.66
CA ALA G 90 41.19 -35.84 -9.57
C ALA G 90 40.79 -36.17 -8.14
N ALA G 91 41.65 -35.82 -7.19
CA ALA G 91 41.41 -36.06 -5.77
C ALA G 91 40.24 -35.24 -5.21
N MET G 92 40.17 -33.97 -5.59
CA MET G 92 39.11 -33.12 -5.10
C MET G 92 37.76 -33.43 -5.76
N ARG G 93 37.77 -33.83 -7.02
CA ARG G 93 36.56 -34.35 -7.66
C ARG G 93 36.05 -35.59 -6.96
N ALA G 94 36.96 -36.53 -6.67
CA ALA G 94 36.57 -37.78 -6.03
C ALA G 94 35.96 -37.53 -4.65
N LYS G 95 36.39 -36.49 -3.95
CA LYS G 95 35.84 -36.20 -2.62
C LYS G 95 34.72 -35.17 -2.58
N GLY G 96 34.16 -34.81 -3.73
CA GLY G 96 33.02 -33.90 -3.81
C GLY G 96 33.27 -32.43 -3.48
N TYR G 97 34.51 -31.94 -3.65
CA TYR G 97 34.80 -30.52 -3.43
C TYR G 97 34.31 -29.70 -4.61
N HIS G 98 33.97 -28.43 -4.36
CA HIS G 98 33.59 -27.52 -5.42
C HIS G 98 34.79 -27.26 -6.30
N ILE G 99 34.59 -27.31 -7.60
CA ILE G 99 35.67 -27.09 -8.56
C ILE G 99 35.29 -25.90 -9.43
N ILE G 100 36.19 -24.92 -9.50
CA ILE G 100 36.02 -23.73 -10.34
C ILE G 100 37.16 -23.61 -11.33
N HIS G 101 36.84 -23.24 -12.56
CA HIS G 101 37.85 -22.98 -13.60
C HIS G 101 37.73 -21.53 -14.05
N THR G 102 38.84 -20.92 -14.45
CA THR G 102 38.78 -19.58 -15.07
C THR G 102 39.38 -19.58 -16.46
N ARG G 103 38.92 -18.63 -17.25
CA ARG G 103 39.44 -18.34 -18.57
C ARG G 103 39.53 -16.85 -18.72
N GLU G 104 40.75 -16.35 -18.93
CA GLU G 104 40.90 -14.95 -19.27
C GLU G 104 40.60 -14.81 -20.73
N GLY G 105 39.80 -13.80 -21.07
CA GLY G 105 39.43 -13.62 -22.45
C GLY G 105 38.47 -12.51 -22.67
N HIS G 106 38.22 -12.21 -23.94
CA HIS G 106 37.40 -11.08 -24.29
C HIS G 106 36.28 -11.43 -25.25
N ARG G 107 35.17 -10.71 -25.10
CA ARG G 107 34.08 -10.79 -26.04
C ARG G 107 34.59 -10.55 -27.46
N PRO G 108 34.03 -11.25 -28.46
CA PRO G 108 34.47 -11.05 -29.86
C PRO G 108 34.40 -9.59 -30.35
N ASP G 109 33.47 -8.80 -29.84
CA ASP G 109 33.44 -7.37 -30.17
C ASP G 109 34.46 -6.52 -29.38
N LEU G 110 35.21 -7.14 -28.45
CA LEU G 110 36.24 -6.46 -27.63
C LEU G 110 35.71 -5.31 -26.77
N ALA G 111 34.44 -5.34 -26.40
CA ALA G 111 33.86 -4.29 -25.56
C ALA G 111 34.44 -4.29 -24.14
N ASP G 112 34.91 -5.44 -23.69
CA ASP G 112 35.48 -5.59 -22.35
C ASP G 112 37.01 -5.52 -22.35
N LEU G 113 37.60 -4.97 -23.41
CA LEU G 113 39.06 -4.96 -23.55
C LEU G 113 39.60 -3.56 -23.41
N PRO G 114 40.27 -3.26 -22.28
CA PRO G 114 40.84 -1.92 -22.13
C PRO G 114 41.83 -1.58 -23.24
N ALA G 115 41.85 -0.30 -23.62
CA ALA G 115 42.69 0.13 -24.74
C ALA G 115 44.17 -0.07 -24.44
N ASN G 116 44.58 0.21 -23.21
CA ASN G 116 45.99 -0.02 -22.79
C ASN G 116 46.39 -1.50 -22.89
N LYS G 117 45.52 -2.39 -22.40
CA LYS G 117 45.82 -3.82 -22.43
C LYS G 117 46.01 -4.29 -23.87
N ARG G 118 45.12 -3.87 -24.76
CA ARG G 118 45.22 -4.25 -26.15
C ARG G 118 46.51 -3.71 -26.78
N TRP G 119 46.76 -2.44 -26.62
CA TRP G 119 47.94 -1.80 -27.21
C TRP G 119 49.26 -2.47 -26.79
N ARG G 120 49.38 -2.80 -25.50
CA ARG G 120 50.59 -3.47 -24.99
C ARG G 120 50.82 -4.80 -25.68
N SER G 121 49.74 -5.57 -25.85
CA SER G 121 49.82 -6.87 -26.47
C SER G 121 50.17 -6.76 -27.97
N GLN G 122 49.68 -5.73 -28.64
CA GLN G 122 50.01 -5.49 -30.05
C GLN G 122 51.44 -5.03 -30.25
N ARG G 123 51.91 -4.18 -29.36
CA ARG G 123 53.28 -3.67 -29.43
C ARG G 123 54.33 -4.78 -29.44
N ILE G 124 54.09 -5.86 -28.70
CA ILE G 124 55.04 -6.98 -28.64
C ILE G 124 54.69 -8.15 -29.56
N GLY G 125 53.81 -7.92 -30.52
CA GLY G 125 53.46 -8.94 -31.49
C GLY G 125 52.59 -10.07 -31.01
N ALA G 126 51.71 -9.82 -30.04
CA ALA G 126 50.79 -10.85 -29.55
C ALA G 126 49.43 -10.24 -29.26
N GLY G 127 48.96 -9.48 -30.24
CA GLY G 127 47.77 -8.63 -30.09
C GLY G 127 46.49 -9.38 -29.75
N ILE G 128 45.84 -8.96 -28.68
CA ILE G 128 44.57 -9.54 -28.29
C ILE G 128 43.57 -9.19 -29.37
N GLY G 129 42.84 -10.21 -29.85
CA GLY G 129 41.87 -10.03 -30.92
C GLY G 129 42.44 -10.28 -32.31
N ASP G 130 43.72 -10.18 -32.47
CA ASP G 130 44.42 -10.39 -33.71
C ASP G 130 44.52 -11.85 -34.02
N PRO G 131 44.52 -12.18 -35.28
CA PRO G 131 44.62 -13.59 -35.71
C PRO G 131 45.99 -14.21 -35.50
N GLY G 132 45.99 -15.46 -35.04
CA GLY G 132 47.20 -16.26 -34.89
C GLY G 132 46.88 -17.69 -35.31
N PRO G 133 47.84 -18.62 -35.09
CA PRO G 133 47.62 -20.03 -35.44
C PRO G 133 46.49 -20.71 -34.67
N CYS G 134 46.16 -20.23 -33.47
CA CYS G 134 45.07 -20.78 -32.70
C CYS G 134 43.79 -19.94 -32.75
N GLY G 135 43.70 -19.04 -33.73
CA GLY G 135 42.58 -18.12 -33.86
C GLY G 135 42.90 -16.75 -33.28
N ARG G 136 41.85 -16.00 -32.98
CA ARG G 136 42.00 -14.66 -32.43
C ARG G 136 42.48 -14.77 -30.98
N ILE G 137 43.56 -14.06 -30.68
CA ILE G 137 44.25 -14.20 -29.41
C ILE G 137 43.36 -13.71 -28.25
N LEU G 138 43.23 -14.57 -27.25
CA LEU G 138 42.48 -14.30 -26.03
C LEU G 138 41.06 -13.79 -26.29
N THR G 139 40.44 -14.36 -27.31
CA THR G 139 39.11 -13.98 -27.74
C THR G 139 38.23 -15.18 -27.49
N ARG G 140 37.13 -14.94 -26.78
CA ARG G 140 36.20 -15.98 -26.41
C ARG G 140 35.62 -16.66 -27.65
N GLY G 141 35.47 -17.97 -27.55
CA GLY G 141 35.01 -18.81 -28.65
C GLY G 141 36.12 -19.35 -29.55
N GLU G 142 37.37 -18.88 -29.38
CA GLU G 142 38.48 -19.30 -30.22
C GLU G 142 39.21 -20.48 -29.63
N PRO G 143 39.77 -21.36 -30.48
CA PRO G 143 40.46 -22.55 -29.99
C PRO G 143 41.59 -22.29 -28.99
N GLY G 144 42.41 -21.28 -29.25
CA GLY G 144 43.53 -20.93 -28.38
C GLY G 144 43.10 -20.52 -26.99
N TRP G 145 41.93 -19.89 -26.92
CA TRP G 145 41.41 -19.38 -25.66
C TRP G 145 40.84 -20.46 -24.74
N ASP G 146 40.41 -21.60 -25.28
CA ASP G 146 39.76 -22.60 -24.44
C ASP G 146 40.75 -23.30 -23.49
N ILE G 147 40.18 -23.84 -22.41
CA ILE G 147 40.92 -24.63 -21.43
C ILE G 147 41.51 -25.87 -22.12
N ILE G 148 42.74 -26.20 -21.75
CA ILE G 148 43.44 -27.35 -22.33
C ILE G 148 42.72 -28.67 -21.99
N PRO G 149 42.74 -29.65 -22.91
CA PRO G 149 42.03 -30.92 -22.70
C PRO G 149 42.36 -31.64 -21.40
N GLU G 150 43.60 -31.52 -20.94
CA GLU G 150 44.07 -32.23 -19.74
C GLU G 150 43.35 -31.83 -18.47
N LEU G 151 42.88 -30.57 -18.43
CA LEU G 151 42.22 -30.04 -17.25
C LEU G 151 40.83 -29.51 -17.59
N TYR G 152 40.14 -30.19 -18.52
CA TYR G 152 38.86 -29.69 -18.97
C TYR G 152 37.78 -29.83 -17.90
N PRO G 153 36.86 -28.87 -17.83
CA PRO G 153 35.77 -28.98 -16.88
C PRO G 153 34.76 -30.06 -17.23
N ILE G 154 34.12 -30.58 -16.20
CA ILE G 154 33.00 -31.48 -16.35
C ILE G 154 31.76 -30.79 -15.79
N GLU G 155 30.60 -31.38 -16.07
CA GLU G 155 29.33 -30.78 -15.67
C GLU G 155 29.28 -30.57 -14.18
N GLY G 156 28.75 -29.42 -13.76
CA GLY G 156 28.62 -29.07 -12.36
C GLY G 156 29.84 -28.31 -11.83
N GLU G 157 30.78 -27.96 -12.71
CA GLU G 157 31.95 -27.19 -12.31
C GLU G 157 31.86 -25.82 -12.94
N THR G 158 31.93 -24.79 -12.14
CA THR G 158 31.70 -23.44 -12.58
C THR G 158 32.87 -22.89 -13.36
N ILE G 159 32.60 -22.28 -14.50
CA ILE G 159 33.61 -21.61 -15.28
C ILE G 159 33.37 -20.11 -15.20
N ILE G 160 34.43 -19.40 -14.81
CA ILE G 160 34.42 -17.94 -14.76
C ILE G 160 35.15 -17.44 -15.98
N ASP G 161 34.46 -16.62 -16.80
CA ASP G 161 35.06 -15.93 -17.94
C ASP G 161 35.34 -14.53 -17.49
N LYS G 162 36.61 -14.13 -17.55
CA LYS G 162 37.04 -12.88 -16.96
C LYS G 162 37.82 -12.05 -17.95
N PRO G 163 37.60 -10.73 -17.96
CA PRO G 163 38.32 -9.83 -18.87
C PRO G 163 39.59 -9.26 -18.25
N GLY G 164 39.89 -9.60 -17.00
CA GLY G 164 41.13 -9.16 -16.34
C GLY G 164 41.93 -10.31 -15.80
N LYS G 165 42.96 -9.96 -15.05
CA LYS G 165 43.83 -10.94 -14.41
C LYS G 165 43.16 -11.45 -13.14
N GLY G 166 42.58 -10.54 -12.37
CA GLY G 166 41.85 -10.92 -11.17
C GLY G 166 40.53 -11.59 -11.52
N SER G 167 40.23 -12.71 -10.85
CA SER G 167 39.00 -13.45 -11.11
C SER G 167 37.75 -12.83 -10.49
N PHE G 168 37.90 -11.85 -9.58
CA PHE G 168 36.75 -11.17 -9.00
C PHE G 168 36.29 -9.96 -9.83
N CYS G 169 37.24 -9.24 -10.42
CA CYS G 169 36.92 -8.04 -11.20
C CYS G 169 36.01 -8.31 -12.38
N ALA G 170 34.82 -7.71 -12.36
CA ALA G 170 33.85 -7.74 -13.48
C ALA G 170 33.33 -9.12 -13.81
N THR G 171 33.21 -9.97 -12.79
CA THR G 171 32.68 -11.33 -12.93
C THR G 171 31.62 -11.59 -11.87
N ASP G 172 31.03 -12.78 -11.94
CA ASP G 172 30.11 -13.25 -10.91
C ASP G 172 30.74 -14.19 -9.88
N LEU G 173 32.07 -14.17 -9.73
CA LEU G 173 32.74 -15.15 -8.88
C LEU G 173 32.31 -14.95 -7.44
N GLU G 174 32.32 -13.73 -6.95
CA GLU G 174 31.93 -13.47 -5.57
C GLU G 174 30.51 -13.94 -5.29
N LEU G 175 29.61 -13.61 -6.19
CA LEU G 175 28.21 -14.04 -6.07
C LEU G 175 28.10 -15.58 -5.98
N VAL G 176 28.77 -16.29 -6.89
CA VAL G 176 28.80 -17.74 -6.90
C VAL G 176 29.37 -18.30 -5.60
N LEU G 177 30.50 -17.75 -5.15
CA LEU G 177 31.13 -18.23 -3.92
C LEU G 177 30.19 -18.05 -2.73
N ASN G 178 29.53 -16.91 -2.65
CA ASN G 178 28.64 -16.63 -1.53
C ASN G 178 27.38 -17.53 -1.57
N GLN G 179 26.84 -17.86 -2.74
CA GLN G 179 25.66 -18.73 -2.78
C GLN G 179 26.02 -20.13 -2.27
N LYS G 180 27.22 -20.59 -2.63
CA LYS G 180 27.74 -21.88 -2.22
C LYS G 180 28.34 -21.88 -0.82
N ARG G 181 28.43 -20.70 -0.19
CA ARG G 181 28.99 -20.54 1.14
C ARG G 181 30.43 -21.07 1.20
N ILE G 182 31.23 -20.72 0.21
CA ILE G 182 32.61 -21.14 0.18
C ILE G 182 33.45 -20.20 1.09
N GLU G 183 34.27 -20.77 1.93
CA GLU G 183 35.19 -19.98 2.77
C GLU G 183 36.64 -20.17 2.41
N ASN G 184 37.00 -21.36 1.95
CA ASN G 184 38.38 -21.72 1.64
C ASN G 184 38.57 -21.91 0.16
N ILE G 185 39.67 -21.37 -0.37
CA ILE G 185 39.98 -21.51 -1.80
C ILE G 185 41.39 -22.07 -1.96
N ILE G 186 41.53 -23.09 -2.77
CA ILE G 186 42.82 -23.64 -3.11
C ILE G 186 43.14 -23.17 -4.52
N LEU G 187 44.20 -22.37 -4.67
CA LEU G 187 44.57 -21.79 -5.96
C LEU G 187 45.68 -22.55 -6.71
N THR G 188 45.40 -22.78 -7.99
CA THR G 188 46.33 -23.38 -8.93
C THR G 188 46.19 -22.64 -10.24
N GLY G 189 47.12 -22.88 -11.16
CA GLY G 189 47.01 -22.36 -12.51
C GLY G 189 48.12 -21.40 -12.85
N ILE G 190 47.92 -20.64 -13.92
CA ILE G 190 48.95 -19.77 -14.47
C ILE G 190 48.38 -18.38 -14.82
N THR G 191 49.21 -17.35 -14.84
CA THR G 191 50.58 -17.38 -14.34
C THR G 191 50.62 -16.98 -12.88
N THR G 192 51.63 -17.49 -12.19
CA THR G 192 51.74 -17.35 -10.72
C THR G 192 51.66 -15.91 -10.25
N ASP G 193 52.40 -15.04 -10.93
CA ASP G 193 52.56 -13.66 -10.53
C ASP G 193 51.51 -12.71 -11.13
N VAL G 194 50.70 -13.20 -12.06
CA VAL G 194 49.73 -12.35 -12.74
C VAL G 194 48.32 -12.74 -12.30
N SER G 195 47.64 -13.64 -13.01
CA SER G 195 46.28 -14.03 -12.67
C SER G 195 46.15 -14.74 -11.34
N VAL G 196 47.06 -15.65 -11.04
CA VAL G 196 46.97 -16.41 -9.80
C VAL G 196 47.12 -15.50 -8.60
N SER G 197 48.17 -14.68 -8.61
CA SER G 197 48.46 -13.79 -7.49
C SER G 197 47.35 -12.75 -7.34
N THR G 198 46.89 -12.19 -8.45
CA THR G 198 45.85 -11.15 -8.38
C THR G 198 44.58 -11.74 -7.80
N THR G 199 44.19 -12.93 -8.24
CA THR G 199 43.00 -13.60 -7.73
C THR G 199 43.12 -13.88 -6.22
N MET G 200 44.29 -14.31 -5.79
CA MET G 200 44.56 -14.57 -4.38
C MET G 200 44.43 -13.31 -3.53
N ARG G 201 44.97 -12.21 -4.03
CA ARG G 201 44.90 -10.93 -3.33
C ARG G 201 43.44 -10.46 -3.19
N GLU G 202 42.67 -10.54 -4.27
CA GLU G 202 41.25 -10.22 -4.26
C GLU G 202 40.48 -11.04 -3.25
N ALA G 203 40.68 -12.35 -3.32
CA ALA G 203 39.99 -13.29 -2.44
C ALA G 203 40.34 -13.01 -0.99
N ASN G 204 41.64 -12.89 -0.72
CA ASN G 204 42.11 -12.62 0.64
C ASN G 204 41.56 -11.32 1.21
N ASP G 205 41.53 -10.26 0.40
CA ASP G 205 41.00 -8.98 0.86
C ASP G 205 39.54 -9.08 1.33
N ARG G 206 38.77 -9.96 0.71
CA ARG G 206 37.36 -10.17 1.03
C ARG G 206 37.08 -11.19 2.14
N GLY G 207 38.15 -11.76 2.72
CA GLY G 207 37.99 -12.66 3.86
C GLY G 207 38.09 -14.13 3.53
N TYR G 208 38.27 -14.48 2.26
CA TYR G 208 38.45 -15.89 1.88
C TYR G 208 39.82 -16.38 2.37
N GLU G 209 39.88 -17.67 2.69
CA GLU G 209 41.06 -18.29 3.25
C GLU G 209 41.70 -19.10 2.15
N CYS G 210 42.89 -18.68 1.72
CA CYS G 210 43.47 -19.20 0.49
C CYS G 210 44.74 -19.99 0.69
N LEU G 211 44.87 -21.06 -0.09
CA LEU G 211 46.08 -21.90 -0.12
C LEU G 211 46.62 -21.88 -1.53
N LEU G 212 47.88 -21.48 -1.68
CA LEU G 212 48.56 -21.51 -2.98
C LEU G 212 49.39 -22.79 -3.06
N LEU G 213 49.15 -23.59 -4.09
CA LEU G 213 49.93 -24.80 -4.32
C LEU G 213 51.08 -24.48 -5.27
N GLU G 214 52.29 -24.42 -4.72
CA GLU G 214 53.47 -23.90 -5.43
C GLU G 214 53.89 -24.74 -6.64
N ASP G 215 53.68 -26.04 -6.59
CA ASP G 215 54.02 -26.86 -7.76
C ASP G 215 52.87 -26.92 -8.77
N CYS G 216 51.74 -26.27 -8.44
CA CYS G 216 50.61 -26.20 -9.37
C CYS G 216 50.47 -24.83 -10.04
N CYS G 217 51.52 -24.02 -10.03
N CYS G 217 51.52 -24.02 -10.04
CA CYS G 217 51.54 -22.79 -10.81
CA CYS G 217 51.53 -22.80 -10.80
C CYS G 217 52.87 -22.66 -11.49
C CYS G 217 52.87 -22.66 -11.49
N GLY G 218 52.93 -21.72 -12.44
CA GLY G 218 54.16 -21.44 -13.20
C GLY G 218 54.02 -20.07 -13.84
N ALA G 219 55.14 -19.47 -14.21
CA ALA G 219 55.12 -18.10 -14.75
C ALA G 219 56.00 -17.92 -15.98
N THR G 220 55.94 -16.71 -16.53
CA THR G 220 56.80 -16.30 -17.65
C THR G 220 58.26 -16.12 -17.25
N ASP G 221 58.51 -15.96 -15.95
CA ASP G 221 59.86 -15.81 -15.39
C ASP G 221 59.88 -16.61 -14.09
N TYR G 222 60.82 -17.55 -13.99
CA TYR G 222 60.85 -18.46 -12.86
C TYR G 222 61.13 -17.76 -11.53
N GLY G 223 61.95 -16.71 -11.55
CA GLY G 223 62.21 -15.94 -10.35
C GLY G 223 60.98 -15.19 -9.86
N ASN G 224 60.19 -14.65 -10.79
CA ASN G 224 58.93 -13.99 -10.45
C ASN G 224 57.94 -14.99 -9.87
N HIS G 225 57.95 -16.21 -10.38
CA HIS G 225 57.14 -17.30 -9.83
C HIS G 225 57.51 -17.55 -8.37
N LEU G 226 58.80 -17.72 -8.09
CA LEU G 226 59.27 -17.94 -6.71
C LEU G 226 58.96 -16.77 -5.79
N ALA G 227 59.13 -15.57 -6.30
CA ALA G 227 58.86 -14.35 -5.55
C ALA G 227 57.38 -14.19 -5.19
N ALA G 228 56.48 -14.44 -6.15
CA ALA G 228 55.04 -14.39 -5.87
C ALA G 228 54.64 -15.35 -4.76
N ILE G 229 55.27 -16.54 -4.74
CA ILE G 229 55.09 -17.51 -3.69
C ILE G 229 55.59 -17.01 -2.34
N LYS G 230 56.80 -16.45 -2.31
CA LYS G 230 57.35 -15.94 -1.06
C LYS G 230 56.53 -14.77 -0.50
N MET G 231 55.97 -13.96 -1.38
CA MET G 231 55.12 -12.85 -0.96
C MET G 231 53.93 -13.28 -0.11
N VAL G 232 53.38 -14.47 -0.37
CA VAL G 232 52.26 -14.99 0.40
C VAL G 232 52.64 -15.19 1.87
N LYS G 233 53.86 -15.62 2.10
CA LYS G 233 54.31 -16.07 3.42
C LYS G 233 54.64 -14.97 4.40
N MET G 234 54.93 -13.77 3.91
CA MET G 234 55.38 -12.67 4.77
C MET G 234 54.28 -12.30 5.79
N GLN G 235 54.72 -11.68 6.90
CA GLN G 235 53.81 -11.18 7.92
C GLN G 235 52.89 -12.27 8.50
N GLY G 236 53.38 -13.49 8.62
CA GLY G 236 52.61 -14.60 9.18
C GLY G 236 51.53 -15.14 8.25
N GLY G 237 51.71 -14.92 6.95
CA GLY G 237 50.81 -15.42 5.92
C GLY G 237 49.87 -14.35 5.40
N VAL G 238 50.43 -13.24 4.93
CA VAL G 238 49.64 -12.06 4.55
C VAL G 238 48.53 -12.33 3.53
N PHE G 239 48.76 -13.25 2.59
CA PHE G 239 47.74 -13.63 1.60
C PHE G 239 47.15 -15.00 1.81
N GLY G 240 47.60 -15.72 2.83
CA GLY G 240 47.20 -17.10 3.08
C GLY G 240 48.43 -17.95 3.36
N SER G 241 48.43 -19.16 2.84
CA SER G 241 49.51 -20.09 3.09
C SER G 241 49.87 -20.85 1.82
N VAL G 242 51.00 -21.56 1.86
CA VAL G 242 51.54 -22.23 0.69
C VAL G 242 51.81 -23.71 0.97
N SER G 243 51.37 -24.56 0.05
CA SER G 243 51.67 -25.99 0.14
C SER G 243 51.99 -26.54 -1.23
N ASN G 244 51.85 -27.85 -1.41
CA ASN G 244 52.12 -28.47 -2.70
C ASN G 244 51.11 -29.58 -2.97
N SER G 245 51.10 -30.09 -4.18
CA SER G 245 50.10 -31.06 -4.61
C SER G 245 50.12 -32.35 -3.79
N ALA G 246 51.32 -32.86 -3.47
CA ALA G 246 51.41 -34.11 -2.73
C ALA G 246 50.85 -33.96 -1.32
N ALA G 247 51.22 -32.88 -0.65
CA ALA G 247 50.75 -32.62 0.70
C ALA G 247 49.26 -32.39 0.78
N LEU G 248 48.69 -31.77 -0.26
CA LEU G 248 47.27 -31.56 -0.28
C LEU G 248 46.56 -32.88 -0.45
N VAL G 249 46.92 -33.64 -1.47
CA VAL G 249 46.27 -34.93 -1.75
C VAL G 249 46.32 -35.86 -0.53
N GLU G 250 47.48 -35.92 0.12
CA GLU G 250 47.68 -36.80 1.28
C GLU G 250 46.78 -36.47 2.46
N ALA G 251 46.52 -35.20 2.70
CA ALA G 251 45.77 -34.77 3.89
C ALA G 251 44.34 -34.27 3.63
N LEU G 252 43.91 -34.26 2.36
CA LEU G 252 42.57 -33.82 2.02
C LEU G 252 41.51 -34.73 2.66
N PRO G 253 40.61 -34.17 3.49
CA PRO G 253 39.58 -34.98 4.19
C PRO G 253 38.47 -35.52 3.26
N ARG H 29 50.63 15.43 -26.75
CA ARG H 29 51.20 14.16 -26.20
C ARG H 29 52.37 14.49 -25.28
N HIS H 30 52.41 13.82 -24.13
CA HIS H 30 53.50 13.94 -23.18
C HIS H 30 53.82 12.59 -22.57
N PHE H 31 55.12 12.29 -22.42
CA PHE H 31 55.53 11.00 -21.92
C PHE H 31 56.52 11.15 -20.79
N ILE H 32 56.58 10.12 -19.95
CA ILE H 32 57.58 9.98 -18.93
C ILE H 32 58.44 8.79 -19.35
N ASP H 33 59.75 8.96 -19.27
CA ASP H 33 60.70 7.89 -19.59
C ASP H 33 60.44 6.75 -18.65
N ALA H 34 60.03 5.61 -19.16
CA ALA H 34 59.68 4.47 -18.33
C ALA H 34 60.02 3.14 -19.00
N ASP H 35 59.93 2.07 -18.21
CA ASP H 35 60.33 0.75 -18.59
C ASP H 35 59.12 -0.17 -18.31
N PRO H 36 58.51 -0.81 -19.32
CA PRO H 36 59.09 -1.10 -20.63
C PRO H 36 58.61 -0.21 -21.76
N TYR H 37 57.81 0.80 -21.45
CA TYR H 37 57.34 1.71 -22.49
C TYR H 37 57.14 3.09 -21.90
N PRO H 38 57.29 4.12 -22.75
CA PRO H 38 57.10 5.49 -22.29
C PRO H 38 55.67 5.70 -21.82
N TRP H 39 55.50 6.29 -20.64
CA TRP H 39 54.20 6.32 -19.96
C TRP H 39 53.61 7.73 -19.94
N PRO H 40 52.30 7.90 -20.14
CA PRO H 40 51.32 6.82 -20.35
C PRO H 40 51.37 6.35 -21.78
N TYR H 41 50.81 5.17 -22.02
CA TYR H 41 50.93 4.52 -23.32
C TYR H 41 50.55 5.42 -24.52
N ASN H 42 49.54 6.28 -24.34
CA ASN H 42 49.01 7.10 -25.43
C ASN H 42 49.40 8.57 -25.27
N GLY H 43 50.28 8.87 -24.33
CA GLY H 43 50.72 10.24 -24.12
C GLY H 43 49.69 11.24 -23.62
N ALA H 44 48.51 10.76 -23.20
CA ALA H 44 47.45 11.65 -22.72
C ALA H 44 47.69 11.93 -21.23
N LEU H 45 48.70 12.74 -20.95
CA LEU H 45 49.13 13.01 -19.60
C LEU H 45 48.84 14.46 -19.27
N ARG H 46 47.82 14.68 -18.44
CA ARG H 46 47.39 16.02 -18.06
C ARG H 46 47.05 16.08 -16.57
N PRO H 47 47.09 17.27 -15.97
CA PRO H 47 46.63 17.44 -14.59
C PRO H 47 45.22 16.96 -14.33
N ASP H 48 44.30 17.20 -15.28
CA ASP H 48 42.90 16.87 -15.06
C ASP H 48 42.57 15.36 -15.10
N ASN H 49 43.40 14.54 -15.75
CA ASN H 49 43.09 13.11 -15.89
C ASN H 49 44.13 12.18 -15.22
N THR H 50 44.96 12.74 -14.34
CA THR H 50 46.06 12.00 -13.75
C THR H 50 46.10 12.24 -12.25
N ALA H 51 46.26 11.18 -11.48
CA ALA H 51 46.36 11.26 -10.04
C ALA H 51 47.61 10.59 -9.54
N LEU H 52 48.22 11.19 -8.53
CA LEU H 52 49.21 10.52 -7.69
C LEU H 52 48.44 9.82 -6.58
N ILE H 53 48.81 8.58 -6.30
CA ILE H 53 48.31 7.89 -5.12
C ILE H 53 49.49 7.53 -4.21
N ILE H 54 49.40 7.95 -2.96
CA ILE H 54 50.40 7.64 -1.94
C ILE H 54 49.79 6.60 -1.01
N ILE H 55 50.27 5.38 -1.13
CA ILE H 55 49.65 4.24 -0.48
C ILE H 55 50.25 3.95 0.90
N ASP H 56 49.42 4.10 1.93
CA ASP H 56 49.68 3.55 3.27
C ASP H 56 50.99 4.01 3.91
N MET H 57 51.36 5.28 3.71
CA MET H 57 52.54 5.84 4.38
C MET H 57 52.15 6.24 5.80
N GLN H 58 51.97 5.21 6.63
CA GLN H 58 51.47 5.29 7.99
C GLN H 58 52.56 4.82 8.93
N THR H 59 52.53 5.28 10.18
CA THR H 59 53.47 4.82 11.20
C THR H 59 53.42 3.29 11.38
N ASP H 60 52.23 2.71 11.23
CA ASP H 60 52.10 1.26 11.36
C ASP H 60 52.95 0.49 10.36
N PHE H 61 53.18 1.06 9.19
CA PHE H 61 53.95 0.39 8.16
C PHE H 61 55.39 0.85 8.02
N CYS H 62 55.75 2.01 8.57
CA CYS H 62 57.14 2.46 8.46
C CYS H 62 57.77 3.13 9.68
N GLY H 63 57.08 3.16 10.82
CA GLY H 63 57.55 3.89 12.00
C GLY H 63 57.76 2.95 13.19
N LYS H 64 58.58 3.39 14.13
CA LYS H 64 58.84 2.64 15.33
C LYS H 64 57.61 2.46 16.22
N GLY H 65 57.39 1.26 16.75
CA GLY H 65 56.29 0.90 17.57
C GLY H 65 55.04 0.39 16.86
N GLY H 66 55.02 0.50 15.53
CA GLY H 66 53.90 0.05 14.71
C GLY H 66 53.88 -1.44 14.36
N TYR H 67 52.92 -1.78 13.49
CA TYR H 67 52.66 -3.15 13.03
C TYR H 67 53.89 -3.79 12.43
N VAL H 68 54.49 -3.13 11.45
CA VAL H 68 55.68 -3.66 10.78
C VAL H 68 56.86 -3.81 11.74
N ASP H 69 57.04 -2.86 12.62
CA ASP H 69 58.11 -2.94 13.64
C ASP H 69 57.92 -4.15 14.55
N HIS H 70 56.67 -4.39 14.96
CA HIS H 70 56.31 -5.51 15.82
C HIS H 70 56.68 -6.85 15.21
N MET H 71 56.63 -6.92 13.88
CA MET H 71 56.98 -8.14 13.17
C MET H 71 58.48 -8.32 13.01
N GLY H 72 59.26 -7.28 13.31
CA GLY H 72 60.72 -7.37 13.30
C GLY H 72 61.35 -7.03 11.97
N TYR H 73 60.61 -6.42 11.06
CA TYR H 73 61.16 -6.07 9.74
C TYR H 73 61.96 -4.79 9.81
N ASP H 74 62.79 -4.60 8.81
CA ASP H 74 63.78 -3.56 8.82
C ASP H 74 63.15 -2.26 8.33
N LEU H 75 62.89 -1.35 9.25
CA LEU H 75 62.21 -0.10 8.94
C LEU H 75 62.91 0.78 7.89
N SER H 76 64.22 0.66 7.71
CA SER H 76 64.91 1.47 6.71
C SER H 76 64.44 1.16 5.28
N LEU H 77 64.08 -0.09 5.02
CA LEU H 77 63.55 -0.47 3.70
C LEU H 77 62.25 0.30 3.35
N VAL H 78 61.39 0.46 4.34
CA VAL H 78 60.11 1.14 4.15
C VAL H 78 60.19 2.64 4.36
N GLN H 79 61.26 3.14 5.00
CA GLN H 79 61.47 4.57 5.16
C GLN H 79 62.20 5.20 3.98
N ALA H 80 62.97 4.38 3.26
CA ALA H 80 63.72 4.84 2.10
C ALA H 80 62.91 5.67 1.09
N PRO H 81 61.65 5.27 0.80
CA PRO H 81 60.86 6.04 -0.16
C PRO H 81 60.27 7.37 0.31
N ILE H 82 60.39 7.71 1.59
CA ILE H 82 59.77 8.95 2.09
C ILE H 82 60.23 10.22 1.32
N GLU H 83 61.53 10.45 1.20
CA GLU H 83 62.01 11.69 0.57
C GLU H 83 61.72 11.74 -0.94
N PRO H 84 61.86 10.60 -1.65
CA PRO H 84 61.44 10.61 -3.05
C PRO H 84 59.93 10.86 -3.26
N ILE H 85 59.08 10.32 -2.41
CA ILE H 85 57.64 10.59 -2.54
C ILE H 85 57.39 12.07 -2.26
N LYS H 86 58.10 12.61 -1.28
CA LYS H 86 58.01 14.03 -0.92
C LYS H 86 58.25 14.92 -2.13
N ARG H 87 59.28 14.58 -2.91
CA ARG H 87 59.61 15.36 -4.09
C ARG H 87 58.55 15.26 -5.16
N VAL H 88 58.02 14.06 -5.38
CA VAL H 88 56.97 13.85 -6.38
C VAL H 88 55.69 14.56 -5.94
N LEU H 89 55.37 14.45 -4.66
CA LEU H 89 54.19 15.10 -4.11
C LEU H 89 54.25 16.61 -4.31
N ALA H 90 55.39 17.22 -3.97
CA ALA H 90 55.56 18.67 -4.07
C ALA H 90 55.38 19.14 -5.50
N ALA H 91 55.97 18.41 -6.44
CA ALA H 91 55.89 18.75 -7.87
C ALA H 91 54.47 18.61 -8.42
N MET H 92 53.79 17.53 -8.05
CA MET H 92 52.44 17.30 -8.56
C MET H 92 51.42 18.23 -7.92
N ARG H 93 51.61 18.58 -6.65
CA ARG H 93 50.80 19.63 -6.02
C ARG H 93 50.97 20.95 -6.74
N ALA H 94 52.22 21.33 -7.01
CA ALA H 94 52.50 22.61 -7.66
C ALA H 94 51.86 22.69 -9.04
N LYS H 95 51.73 21.56 -9.74
CA LYS H 95 51.15 21.57 -11.08
C LYS H 95 49.65 21.23 -11.14
N GLY H 96 48.97 21.20 -10.00
CA GLY H 96 47.53 20.96 -9.94
C GLY H 96 47.05 19.55 -10.26
N TYR H 97 47.88 18.52 -10.08
CA TYR H 97 47.45 17.13 -10.28
C TYR H 97 46.60 16.66 -9.09
N HIS H 98 45.68 15.74 -9.35
CA HIS H 98 44.88 15.16 -8.30
C HIS H 98 45.79 14.32 -7.40
N ILE H 99 45.63 14.48 -6.08
CA ILE H 99 46.44 13.76 -5.13
C ILE H 99 45.52 12.89 -4.26
N ILE H 100 45.82 11.61 -4.18
CA ILE H 100 45.07 10.66 -3.35
C ILE H 100 46.00 10.00 -2.34
N HIS H 101 45.53 9.84 -1.11
CA HIS H 101 46.28 9.11 -0.07
C HIS H 101 45.46 7.91 0.40
N THR H 102 46.12 6.84 0.81
CA THR H 102 45.41 5.71 1.42
C THR H 102 45.91 5.40 2.81
N ARG H 103 45.03 4.80 3.60
CA ARG H 103 45.34 4.29 4.93
C ARG H 103 44.69 2.94 5.06
N GLU H 104 45.50 1.91 5.29
CA GLU H 104 44.95 0.62 5.64
C GLU H 104 44.60 0.64 7.10
N GLY H 105 43.41 0.16 7.43
CA GLY H 105 42.99 0.19 8.81
C GLY H 105 41.60 -0.31 9.02
N HIS H 106 41.23 -0.44 10.29
CA HIS H 106 39.97 -1.02 10.66
C HIS H 106 39.17 -0.14 11.61
N ARG H 107 37.85 -0.23 11.47
CA ARG H 107 36.94 0.39 12.41
C ARG H 107 37.28 -0.07 13.83
N PRO H 108 37.14 0.83 14.83
CA PRO H 108 37.38 0.46 16.22
C PRO H 108 36.60 -0.79 16.71
N ASP H 109 35.40 -1.02 16.18
CA ASP H 109 34.67 -2.23 16.51
C ASP H 109 35.13 -3.48 15.74
N LEU H 110 36.09 -3.34 14.82
CA LEU H 110 36.65 -4.43 14.00
C LEU H 110 35.62 -5.18 13.14
N ALA H 111 34.54 -4.52 12.76
CA ALA H 111 33.51 -5.15 11.92
C ALA H 111 34.02 -5.44 10.50
N ASP H 112 35.00 -4.68 10.06
CA ASP H 112 35.58 -4.84 8.73
C ASP H 112 36.87 -5.65 8.73
N LEU H 113 37.11 -6.43 9.79
CA LEU H 113 38.37 -7.15 9.94
C LEU H 113 38.14 -8.65 9.78
N PRO H 114 38.59 -9.23 8.67
CA PRO H 114 38.41 -10.67 8.51
C PRO H 114 39.08 -11.47 9.61
N ALA H 115 38.45 -12.59 9.99
CA ALA H 115 38.96 -13.40 11.10
C ALA H 115 40.35 -13.95 10.81
N ASN H 116 40.58 -14.39 9.58
CA ASN H 116 41.91 -14.91 9.20
C ASN H 116 43.00 -13.82 9.29
N LYS H 117 42.71 -12.62 8.81
CA LYS H 117 43.66 -11.52 8.85
C LYS H 117 44.04 -11.21 10.29
N ARG H 118 43.06 -11.13 11.17
CA ARG H 118 43.32 -10.85 12.56
C ARG H 118 44.16 -11.95 13.21
N TRP H 119 43.75 -13.20 13.03
CA TRP H 119 44.45 -14.32 13.62
C TRP H 119 45.93 -14.39 13.22
N ARG H 120 46.22 -14.18 11.95
CA ARG H 120 47.60 -14.19 11.45
C ARG H 120 48.44 -13.14 12.14
N SER H 121 47.88 -11.94 12.29
CA SER H 121 48.60 -10.84 12.92
C SER H 121 48.84 -11.11 14.42
N GLN H 122 47.89 -11.76 15.08
CA GLN H 122 48.06 -12.12 16.50
C GLN H 122 49.10 -13.23 16.68
N ARG H 123 49.10 -14.21 15.80
CA ARG H 123 50.03 -15.31 15.85
C ARG H 123 51.49 -14.87 15.85
N ILE H 124 51.82 -13.81 15.12
CA ILE H 124 53.19 -13.29 15.04
C ILE H 124 53.46 -12.10 15.96
N GLY H 125 52.58 -11.88 16.94
CA GLY H 125 52.78 -10.83 17.93
C GLY H 125 52.58 -9.41 17.45
N ALA H 126 51.69 -9.20 16.48
CA ALA H 126 51.41 -7.85 15.98
C ALA H 126 49.93 -7.71 15.69
N GLY H 127 49.14 -8.12 16.66
CA GLY H 127 47.69 -8.28 16.51
C GLY H 127 46.96 -7.00 16.18
N ILE H 128 46.18 -7.04 15.10
CA ILE H 128 45.40 -5.88 14.69
C ILE H 128 44.35 -5.66 15.77
N GLY H 129 44.23 -4.42 16.23
CA GLY H 129 43.31 -4.08 17.31
C GLY H 129 43.93 -4.15 18.70
N ASP H 130 45.03 -4.89 18.84
CA ASP H 130 45.69 -5.00 20.12
C ASP H 130 46.51 -3.75 20.41
N PRO H 131 46.62 -3.41 21.69
CA PRO H 131 47.36 -2.21 22.07
C PRO H 131 48.88 -2.36 21.95
N GLY H 132 49.52 -1.30 21.47
CA GLY H 132 50.97 -1.21 21.37
C GLY H 132 51.42 0.20 21.73
N PRO H 133 52.71 0.52 21.52
CA PRO H 133 53.22 1.85 21.83
C PRO H 133 52.58 3.00 21.05
N CYS H 134 52.06 2.73 19.86
CA CYS H 134 51.39 3.77 19.08
C CYS H 134 49.87 3.65 19.11
N GLY H 135 49.34 2.91 20.08
CA GLY H 135 47.92 2.66 20.20
C GLY H 135 47.53 1.31 19.61
N ARG H 136 46.25 1.16 19.33
CA ARG H 136 45.73 -0.09 18.78
C ARG H 136 46.19 -0.26 17.34
N ILE H 137 46.78 -1.41 17.05
CA ILE H 137 47.44 -1.65 15.78
C ILE H 137 46.43 -1.64 14.63
N LEU H 138 46.73 -0.83 13.62
CA LEU H 138 45.95 -0.70 12.39
C LEU H 138 44.47 -0.43 12.65
N THR H 139 44.21 0.37 13.67
CA THR H 139 42.87 0.71 14.09
C THR H 139 42.68 2.19 13.84
N ARG H 140 41.62 2.50 13.11
CA ARG H 140 41.31 3.88 12.73
C ARG H 140 41.12 4.75 13.95
N GLY H 141 41.63 5.97 13.86
CA GLY H 141 41.66 6.93 14.95
C GLY H 141 42.88 6.85 15.87
N GLU H 142 43.72 5.83 15.70
CA GLU H 142 44.90 5.67 16.56
C GLU H 142 46.12 6.34 15.95
N PRO H 143 47.03 6.84 16.80
CA PRO H 143 48.22 7.55 16.32
C PRO H 143 49.07 6.75 15.33
N GLY H 144 49.29 5.48 15.61
CA GLY H 144 50.11 4.62 14.76
C GLY H 144 49.54 4.44 13.36
N TRP H 145 48.21 4.46 13.28
CA TRP H 145 47.51 4.27 12.02
C TRP H 145 47.56 5.47 11.10
N ASP H 146 47.74 6.68 11.63
CA ASP H 146 47.66 7.87 10.77
C ASP H 146 48.86 7.99 9.82
N ILE H 147 48.64 8.73 8.74
CA ILE H 147 49.67 9.06 7.79
C ILE H 147 50.79 9.86 8.47
N ILE H 148 52.02 9.54 8.13
CA ILE H 148 53.18 10.21 8.73
C ILE H 148 53.19 11.71 8.37
N PRO H 149 53.67 12.56 9.31
CA PRO H 149 53.67 14.02 9.10
C PRO H 149 54.35 14.48 7.81
N GLU H 150 55.39 13.76 7.38
CA GLU H 150 56.17 14.14 6.19
C GLU H 150 55.36 14.14 4.90
N LEU H 151 54.34 13.28 4.83
CA LEU H 151 53.52 13.13 3.65
C LEU H 151 52.05 13.37 3.97
N TYR H 152 51.76 14.29 4.88
CA TYR H 152 50.40 14.48 5.32
C TYR H 152 49.54 15.15 4.23
N PRO H 153 48.27 14.75 4.15
CA PRO H 153 47.38 15.38 3.18
C PRO H 153 47.03 16.82 3.52
N ILE H 154 46.73 17.59 2.49
CA ILE H 154 46.21 18.93 2.63
C ILE H 154 44.79 18.94 2.04
N GLU H 155 44.06 20.02 2.29
CA GLU H 155 42.68 20.14 1.88
C GLU H 155 42.56 19.95 0.38
N GLY H 156 41.53 19.20 -0.03
CA GLY H 156 41.27 18.94 -1.43
C GLY H 156 41.94 17.67 -1.93
N GLU H 157 42.58 16.91 -1.03
CA GLU H 157 43.23 15.66 -1.41
C GLU H 157 42.49 14.52 -0.76
N THR H 158 42.04 13.58 -1.55
CA THR H 158 41.13 12.54 -1.10
C THR H 158 41.89 11.47 -0.34
N ILE H 159 41.35 11.09 0.81
CA ILE H 159 41.89 10.01 1.59
C ILE H 159 40.96 8.81 1.49
N ILE H 160 41.53 7.67 1.12
CA ILE H 160 40.81 6.40 1.06
C ILE H 160 41.18 5.60 2.29
N ASP H 161 40.16 5.24 3.10
CA ASP H 161 40.35 4.35 4.24
C ASP H 161 39.90 2.98 3.82
N LYS H 162 40.82 2.02 3.90
CA LYS H 162 40.56 0.70 3.32
C LYS H 162 40.84 -0.39 4.32
N PRO H 163 39.99 -1.43 4.33
CA PRO H 163 40.18 -2.56 5.23
C PRO H 163 41.02 -3.69 4.64
N GLY H 164 41.44 -3.55 3.38
CA GLY H 164 42.27 -4.54 2.70
C GLY H 164 43.55 -3.93 2.17
N LYS H 165 44.29 -4.75 1.43
CA LYS H 165 45.54 -4.32 0.81
C LYS H 165 45.22 -3.54 -0.47
N GLY H 166 44.27 -4.05 -1.25
CA GLY H 166 43.83 -3.36 -2.46
C GLY H 166 43.01 -2.13 -2.12
N SER H 167 43.30 -1.01 -2.79
CA SER H 167 42.59 0.23 -2.54
C SER H 167 41.22 0.32 -3.17
N PHE H 168 40.88 -0.60 -4.07
CA PHE H 168 39.53 -0.63 -4.66
C PHE H 168 38.53 -1.45 -3.83
N CYS H 169 38.99 -2.55 -3.24
CA CYS H 169 38.12 -3.44 -2.47
C CYS H 169 37.45 -2.74 -1.29
N ALA H 170 36.12 -2.68 -1.32
CA ALA H 170 35.28 -2.16 -0.21
C ALA H 170 35.52 -0.70 0.12
N THR H 171 35.85 0.10 -0.91
CA THR H 171 36.06 1.54 -0.75
C THR H 171 35.29 2.30 -1.83
N ASP H 172 35.38 3.63 -1.76
CA ASP H 172 34.83 4.50 -2.80
C ASP H 172 35.85 4.99 -3.83
N LEU H 173 36.98 4.30 -3.96
CA LEU H 173 38.05 4.78 -4.85
C LEU H 173 37.60 4.83 -6.27
N GLU H 174 36.97 3.76 -6.75
CA GLU H 174 36.54 3.72 -8.16
C GLU H 174 35.54 4.82 -8.44
N LEU H 175 34.58 5.00 -7.52
CA LEU H 175 33.60 6.06 -7.67
C LEU H 175 34.26 7.45 -7.79
N VAL H 176 35.18 7.74 -6.87
CA VAL H 176 35.92 9.00 -6.87
C VAL H 176 36.70 9.18 -8.17
N LEU H 177 37.43 8.14 -8.60
CA LEU H 177 38.21 8.25 -9.83
C LEU H 177 37.34 8.56 -11.02
N ASN H 178 36.19 7.88 -11.12
CA ASN H 178 35.28 8.09 -12.24
C ASN H 178 34.64 9.47 -12.21
N GLN H 179 34.32 10.03 -11.05
CA GLN H 179 33.70 11.36 -11.02
C GLN H 179 34.71 12.41 -11.53
N LYS H 180 35.96 12.23 -11.15
CA LYS H 180 37.06 13.10 -11.57
C LYS H 180 37.60 12.79 -12.96
N ARG H 181 37.11 11.73 -13.59
CA ARG H 181 37.53 11.30 -14.91
C ARG H 181 39.04 11.05 -14.95
N ILE H 182 39.56 10.36 -13.95
CA ILE H 182 40.95 10.03 -13.91
C ILE H 182 41.22 8.79 -14.78
N GLU H 183 42.22 8.89 -15.63
CA GLU H 183 42.64 7.78 -16.50
C GLU H 183 43.99 7.19 -16.10
N ASN H 184 44.89 8.05 -15.62
CA ASN H 184 46.26 7.69 -15.30
C ASN H 184 46.51 7.77 -13.82
N ILE H 185 47.19 6.76 -13.28
CA ILE H 185 47.51 6.73 -11.86
C ILE H 185 49.01 6.51 -11.67
N ILE H 186 49.62 7.35 -10.85
CA ILE H 186 51.02 7.18 -10.50
C ILE H 186 51.05 6.63 -9.08
N LEU H 187 51.58 5.42 -8.93
CA LEU H 187 51.60 4.73 -7.63
C LEU H 187 52.93 4.86 -6.87
N THR H 188 52.79 5.20 -5.60
CA THR H 188 53.89 5.28 -4.65
C THR H 188 53.38 4.72 -3.33
N GLY H 189 54.31 4.48 -2.41
CA GLY H 189 53.95 4.06 -1.06
C GLY H 189 54.43 2.69 -0.71
N ILE H 190 53.88 2.12 0.36
CA ILE H 190 54.34 0.86 0.91
C ILE H 190 53.16 -0.06 1.27
N THR H 191 53.37 -1.37 1.30
CA THR H 191 54.59 -2.03 0.83
C THR H 191 54.42 -2.40 -0.64
N THR H 192 55.57 -2.46 -1.33
CA THR H 192 55.60 -2.64 -2.79
C THR H 192 54.84 -3.86 -3.25
N ASP H 193 55.04 -4.98 -2.57
CA ASP H 193 54.50 -6.27 -2.97
C ASP H 193 53.12 -6.57 -2.37
N VAL H 194 52.64 -5.73 -1.45
CA VAL H 194 51.38 -6.00 -0.78
C VAL H 194 50.34 -4.97 -1.26
N SER H 195 50.19 -3.85 -0.55
CA SER H 195 49.20 -2.85 -0.90
C SER H 195 49.45 -2.16 -2.22
N VAL H 196 50.71 -1.83 -2.52
CA VAL H 196 51.00 -1.11 -3.75
C VAL H 196 50.69 -1.99 -4.96
N SER H 197 51.20 -3.23 -4.93
CA SER H 197 51.02 -4.14 -6.05
C SER H 197 49.54 -4.50 -6.22
N THR H 198 48.85 -4.76 -5.11
CA THR H 198 47.45 -5.15 -5.20
C THR H 198 46.63 -4.01 -5.80
N THR H 199 46.88 -2.78 -5.35
CA THR H 199 46.18 -1.61 -5.87
C THR H 199 46.43 -1.44 -7.38
N MET H 200 47.68 -1.64 -7.79
CA MET H 200 48.04 -1.55 -9.21
C MET H 200 47.32 -2.58 -10.06
N ARG H 201 47.25 -3.80 -9.56
CA ARG H 201 46.55 -4.87 -10.26
C ARG H 201 45.06 -4.56 -10.42
N GLU H 202 44.42 -4.12 -9.34
CA GLU H 202 43.02 -3.71 -9.36
C GLU H 202 42.78 -2.61 -10.38
N ALA H 203 43.59 -1.56 -10.31
CA ALA H 203 43.46 -0.43 -11.20
C ALA H 203 43.64 -0.85 -12.66
N ASN H 204 44.71 -1.59 -12.91
CA ASN H 204 45.01 -2.07 -14.25
C ASN H 204 43.88 -2.95 -14.83
N ASP H 205 43.33 -3.84 -14.01
CA ASP H 205 42.23 -4.70 -14.48
C ASP H 205 41.02 -3.90 -14.97
N ARG H 206 40.79 -2.73 -14.37
CA ARG H 206 39.67 -1.86 -14.70
C ARG H 206 39.95 -0.84 -15.82
N GLY H 207 41.15 -0.88 -16.39
CA GLY H 207 41.50 -0.04 -17.53
C GLY H 207 42.29 1.21 -17.21
N TYR H 208 42.60 1.44 -15.93
CA TYR H 208 43.45 2.58 -15.55
C TYR H 208 44.89 2.32 -16.01
N GLU H 209 45.58 3.42 -16.33
CA GLU H 209 46.91 3.36 -16.88
C GLU H 209 47.86 3.76 -15.77
N CYS H 210 48.68 2.81 -15.32
CA CYS H 210 49.42 2.99 -14.10
C CYS H 210 50.93 3.04 -14.28
N LEU H 211 51.57 3.92 -13.51
CA LEU H 211 53.02 4.04 -13.45
C LEU H 211 53.47 3.78 -12.05
N LEU H 212 54.37 2.80 -11.88
CA LEU H 212 54.96 2.51 -10.57
C LEU H 212 56.31 3.21 -10.47
N LEU H 213 56.48 4.04 -9.45
CA LEU H 213 57.76 4.71 -9.22
C LEU H 213 58.61 3.88 -8.26
N GLU H 214 59.63 3.22 -8.79
CA GLU H 214 60.39 2.20 -8.06
C GLU H 214 61.16 2.72 -6.85
N ASP H 215 61.63 3.97 -6.91
CA ASP H 215 62.30 4.53 -5.74
C ASP H 215 61.32 5.15 -4.75
N CYS H 216 60.02 5.13 -5.08
CA CYS H 216 58.99 5.62 -4.17
C CYS H 216 58.19 4.51 -3.50
N CYS H 217 58.71 3.28 -3.50
N CYS H 217 58.73 3.29 -3.49
CA CYS H 217 58.11 2.21 -2.73
CA CYS H 217 58.13 2.20 -2.74
C CYS H 217 59.20 1.43 -2.02
C CYS H 217 59.20 1.44 -2.02
N GLY H 218 58.78 0.61 -1.07
CA GLY H 218 59.70 -0.25 -0.31
C GLY H 218 58.90 -1.37 0.33
N ALA H 219 59.58 -2.44 0.72
CA ALA H 219 58.90 -3.62 1.25
C ALA H 219 59.56 -4.20 2.50
N THR H 220 58.91 -5.21 3.05
CA THR H 220 59.44 -5.98 4.18
C THR H 220 60.65 -6.85 3.80
N ASP H 221 60.80 -7.12 2.50
CA ASP H 221 61.92 -7.92 1.96
C ASP H 221 62.34 -7.25 0.65
N TYR H 222 63.61 -6.88 0.55
CA TYR H 222 64.10 -6.11 -0.58
C TYR H 222 64.00 -6.88 -1.90
N GLY H 223 64.19 -8.19 -1.86
CA GLY H 223 64.04 -9.01 -3.06
C GLY H 223 62.60 -9.06 -3.56
N ASN H 224 61.66 -9.12 -2.63
CA ASN H 224 60.23 -9.07 -2.97
C ASN H 224 59.86 -7.73 -3.58
N HIS H 225 60.47 -6.66 -3.06
CA HIS H 225 60.31 -5.32 -3.63
C HIS H 225 60.75 -5.30 -5.09
N LEU H 226 61.96 -5.80 -5.36
CA LEU H 226 62.48 -5.83 -6.74
C LEU H 226 61.65 -6.71 -7.66
N ALA H 227 61.19 -7.83 -7.13
CA ALA H 227 60.37 -8.76 -7.89
C ALA H 227 58.99 -8.18 -8.26
N ALA H 228 58.33 -7.52 -7.30
CA ALA H 228 57.06 -6.84 -7.59
C ALA H 228 57.19 -5.81 -8.72
N ILE H 229 58.32 -5.10 -8.73
CA ILE H 229 58.65 -4.17 -9.78
C ILE H 229 58.85 -4.87 -11.12
N LYS H 230 59.62 -5.95 -11.14
CA LYS H 230 59.87 -6.68 -12.39
C LYS H 230 58.59 -7.31 -12.95
N MET H 231 57.69 -7.72 -12.07
CA MET H 231 56.40 -8.27 -12.49
C MET H 231 55.59 -7.32 -13.37
N VAL H 232 55.71 -6.02 -13.12
CA VAL H 232 54.99 -5.01 -13.91
C VAL H 232 55.43 -5.04 -15.37
N LYS H 233 56.72 -5.26 -15.59
CA LYS H 233 57.34 -5.10 -16.89
C LYS H 233 57.10 -6.22 -17.88
N MET H 234 56.76 -7.41 -17.39
CA MET H 234 56.60 -8.58 -18.25
C MET H 234 55.49 -8.39 -19.28
N GLN H 235 55.56 -9.14 -20.36
CA GLN H 235 54.54 -9.13 -21.42
C GLN H 235 54.29 -7.74 -22.01
N GLY H 236 55.33 -6.92 -22.11
CA GLY H 236 55.19 -5.56 -22.69
C GLY H 236 54.51 -4.57 -21.77
N GLY H 237 54.54 -4.84 -20.47
CA GLY H 237 54.00 -3.95 -19.44
C GLY H 237 52.65 -4.42 -18.93
N VAL H 238 52.60 -5.66 -18.43
CA VAL H 238 51.35 -6.30 -18.06
C VAL H 238 50.49 -5.51 -17.06
N PHE H 239 51.13 -4.81 -16.12
CA PHE H 239 50.42 -3.99 -15.14
C PHE H 239 50.58 -2.49 -15.37
N GLY H 240 51.34 -2.11 -16.38
CA GLY H 240 51.67 -0.71 -16.65
C GLY H 240 53.15 -0.57 -16.92
N SER H 241 53.74 0.48 -16.39
CA SER H 241 55.15 0.77 -16.62
C SER H 241 55.82 1.25 -15.35
N VAL H 242 57.15 1.32 -15.38
CA VAL H 242 57.95 1.65 -14.21
C VAL H 242 58.91 2.79 -14.48
N SER H 243 58.94 3.76 -13.57
CA SER H 243 59.88 4.86 -13.65
C SER H 243 60.44 5.19 -12.28
N ASN H 244 60.95 6.40 -12.11
CA ASN H 244 61.48 6.83 -10.82
C ASN H 244 61.15 8.29 -10.58
N SER H 245 61.39 8.75 -9.36
CA SER H 245 60.99 10.09 -8.95
C SER H 245 61.66 11.19 -9.78
N ALA H 246 62.94 11.04 -10.08
CA ALA H 246 63.67 12.07 -10.83
C ALA H 246 63.11 12.20 -12.24
N ALA H 247 62.91 11.07 -12.90
CA ALA H 247 62.38 11.06 -14.28
C ALA H 247 60.97 11.60 -14.36
N LEU H 248 60.18 11.36 -13.33
CA LEU H 248 58.84 11.89 -13.30
C LEU H 248 58.87 13.39 -13.15
N VAL H 249 59.57 13.89 -12.13
CA VAL H 249 59.65 15.33 -11.87
C VAL H 249 60.17 16.08 -13.11
N GLU H 250 61.20 15.56 -13.76
CA GLU H 250 61.81 16.20 -14.91
C GLU H 250 60.87 16.35 -16.10
N ALA H 251 59.99 15.37 -16.33
CA ALA H 251 59.13 15.37 -17.51
C ALA H 251 57.64 15.65 -17.25
N LEU H 252 57.26 15.87 -15.98
CA LEU H 252 55.88 16.16 -15.63
C LEU H 252 55.42 17.47 -16.28
N PRO H 253 54.38 17.43 -17.13
CA PRO H 253 53.82 18.68 -17.74
C PRO H 253 53.03 19.59 -16.78
#